data_2JBS
#
_entry.id   2JBS
#
_cell.length_a   94.316
_cell.length_b   183.425
_cell.length_c   284.368
_cell.angle_alpha   90.00
_cell.angle_beta   90.00
_cell.angle_gamma   90.00
#
_symmetry.space_group_name_H-M   'I 2 2 2'
#
loop_
_entity.id
_entity.type
_entity.pdbx_description
1 polymer 'P-HYDROXYPHENYLACETATE HYDROXYLASE C2\:OXYGENASE COMPONENT'
2 non-polymer 'FLAVIN MONONUCLEOTIDE'
#
_entity_poly.entity_id   1
_entity_poly.type   'polypeptide(L)'
_entity_poly.pdbx_seq_one_letter_code
;MENTVLNLDSDVIHACEAIFQPIRLVYTHAQTPDVSGVSMLEKIQQILPQIAKNAESAEQLRRVPDENIKLLKEIGLHRA
FQPKVYGGLEMSLPDFANCIVTLAGACAGTAWAFSLLCTHSHQIAMFSKQLQDEIWLKDPDATASSSIAPFGKVEEVEGG
IILNGDYGWSSGCDHAEYAIVGFNRFDADGNKIYSFGVIPRSDYEIVDNWYAQAIKSSGSKMLKLVNVFIPEYRISKAKD
MMEGKSAGFGLYPDSKIFYTPYRPYFASGFSAVSLGIAERMIEAFKEKQRNRVRAYTGANVGLATPALMRIAESTHQVAA
ARALLEKTWEDHRIHGLNHQYPNKETLAFWRTNQAYAVKMCIEAVDRLMAAAGATSFMDNSELQRLFRDAHMTGAHAYTD
YDVCAQILGRELMGMEPDPTMV
;
_entity_poly.pdbx_strand_id   A,B,C,D
#
loop_
_chem_comp.id
_chem_comp.type
_chem_comp.name
_chem_comp.formula
FMN non-polymer 'FLAVIN MONONUCLEOTIDE' 'C17 H21 N4 O9 P'
#
# COMPACT_ATOMS: atom_id res chain seq x y z
N ARG A 24 -1.80 6.96 33.45
CA ARG A 24 -2.30 6.85 32.03
C ARG A 24 -1.24 7.04 30.92
N LEU A 25 -1.26 6.12 29.96
CA LEU A 25 -0.28 6.09 28.89
C LEU A 25 -0.57 7.18 27.87
N VAL A 26 0.41 7.41 26.96
CA VAL A 26 0.31 8.44 25.94
C VAL A 26 0.77 7.83 24.60
N TYR A 27 -0.04 8.02 23.56
CA TYR A 27 0.13 7.30 22.30
C TYR A 27 0.86 8.11 21.23
N THR A 28 0.74 9.43 21.37
CA THR A 28 1.12 10.40 20.35
C THR A 28 2.49 11.05 20.57
N HIS A 29 3.10 10.76 21.71
CA HIS A 29 4.39 11.33 22.04
C HIS A 29 5.02 10.72 23.28
N ALA A 30 6.24 11.17 23.56
CA ALA A 30 7.01 10.73 24.71
C ALA A 30 6.28 11.10 26.00
N GLN A 31 6.20 10.15 26.93
CA GLN A 31 5.68 10.47 28.25
C GLN A 31 6.80 11.01 29.13
N THR A 32 6.51 12.09 29.86
CA THR A 32 7.53 12.68 30.74
C THR A 32 7.82 11.80 31.99
N PRO A 33 9.06 11.25 32.07
CA PRO A 33 9.43 10.43 33.24
C PRO A 33 9.29 11.31 34.49
N ASP A 34 8.14 11.25 35.16
CA ASP A 34 7.90 12.09 36.37
C ASP A 34 8.89 11.68 37.50
N VAL A 35 10.17 12.00 37.30
CA VAL A 35 11.16 12.00 38.40
C VAL A 35 10.74 13.08 39.43
N SER A 36 11.40 13.06 40.60
CA SER A 36 11.67 14.33 41.30
C SER A 36 12.90 14.97 40.56
N GLY A 37 12.90 16.34 40.60
CA GLY A 37 13.90 17.09 39.82
C GLY A 37 13.58 17.12 38.34
N VAL A 38 14.56 17.52 37.55
CA VAL A 38 14.33 17.85 36.14
C VAL A 38 14.86 16.74 35.25
N SER A 39 13.96 16.03 34.58
CA SER A 39 14.38 15.00 33.63
C SER A 39 15.07 15.69 32.45
N MET A 40 15.91 14.95 31.73
CA MET A 40 16.58 15.52 30.58
C MET A 40 15.52 16.00 29.60
N LEU A 41 14.40 15.29 29.57
CA LEU A 41 13.39 15.50 28.53
C LEU A 41 12.66 16.81 28.74
N GLU A 42 12.44 17.17 30.00
CA GLU A 42 11.81 18.45 30.33
C GLU A 42 12.77 19.57 29.96
N LYS A 43 14.05 19.38 30.30
CA LYS A 43 15.11 20.32 29.93
C LYS A 43 15.18 20.55 28.42
N ILE A 44 14.99 19.49 27.65
CA ILE A 44 14.88 19.62 26.20
C ILE A 44 13.63 20.44 25.86
N GLN A 45 12.50 20.08 26.47
CA GLN A 45 11.24 20.74 26.15
C GLN A 45 11.23 22.24 26.38
N GLN A 46 11.99 22.71 27.36
CA GLN A 46 12.07 24.14 27.63
C GLN A 46 12.85 24.88 26.56
N ILE A 47 13.85 24.23 25.97
CA ILE A 47 14.68 24.89 24.95
C ILE A 47 14.17 24.67 23.52
N LEU A 48 13.10 23.91 23.39
CA LEU A 48 12.60 23.54 22.09
C LEU A 48 12.13 24.72 21.25
N PRO A 49 11.45 25.70 21.86
CA PRO A 49 11.10 26.89 21.10
C PRO A 49 12.30 27.56 20.41
N GLN A 50 13.42 27.76 21.13
CA GLN A 50 14.60 28.37 20.54
C GLN A 50 15.13 27.58 19.35
N ILE A 51 15.26 26.25 19.53
CA ILE A 51 15.71 25.36 18.48
C ILE A 51 14.83 25.54 17.26
N ALA A 52 13.52 25.51 17.49
CA ALA A 52 12.53 25.66 16.44
C ALA A 52 12.66 26.97 15.66
N LYS A 53 13.00 28.05 16.34
CA LYS A 53 13.10 29.36 15.70
C LYS A 53 14.36 29.51 14.87
N ASN A 54 15.38 28.72 15.19
CA ASN A 54 16.61 28.72 14.41
C ASN A 54 16.57 27.77 13.24
N ALA A 55 15.58 26.88 13.26
CA ALA A 55 15.40 25.89 12.22
C ALA A 55 15.58 26.43 10.81
N GLU A 56 14.96 27.57 10.53
CA GLU A 56 14.99 28.15 9.19
C GLU A 56 16.39 28.67 8.78
N SER A 57 17.07 29.33 9.71
CA SER A 57 18.43 29.80 9.43
C SER A 57 19.44 28.68 9.56
N ALA A 58 19.06 27.59 10.22
CA ALA A 58 19.89 26.39 10.27
C ALA A 58 19.93 25.72 8.90
N GLU A 59 18.80 25.67 8.22
CA GLU A 59 18.71 25.07 6.92
C GLU A 59 19.62 25.79 5.93
N GLN A 60 19.62 27.11 5.98
CA GLN A 60 20.50 27.86 5.10
C GLN A 60 21.97 27.84 5.52
N LEU A 61 22.24 27.42 6.74
CA LEU A 61 23.60 27.41 7.24
C LEU A 61 24.30 26.12 6.86
N ARG A 62 23.49 25.10 6.59
CA ARG A 62 24.00 23.77 6.22
C ARG A 62 24.82 23.05 7.35
N ARG A 63 24.56 23.43 8.59
CA ARG A 63 25.17 22.83 9.77
C ARG A 63 24.40 23.30 10.99
N VAL A 64 24.74 22.79 12.17
CA VAL A 64 23.99 23.15 13.37
C VAL A 64 24.46 24.53 13.85
N PRO A 65 23.50 25.47 14.06
CA PRO A 65 23.94 26.81 14.43
C PRO A 65 24.62 26.74 15.78
N ASP A 66 25.61 27.61 16.01
CA ASP A 66 26.37 27.62 17.27
C ASP A 66 25.50 27.72 18.53
N GLU A 67 24.40 28.47 18.43
CA GLU A 67 23.45 28.58 19.52
C GLU A 67 22.93 27.21 19.95
N ASN A 68 22.42 26.45 19.00
CA ASN A 68 21.86 25.13 19.29
C ASN A 68 22.81 24.16 19.98
N ILE A 69 24.07 24.13 19.55
CA ILE A 69 25.07 23.31 20.19
C ILE A 69 25.26 23.80 21.62
N LYS A 70 25.38 25.12 21.77
CA LYS A 70 25.62 25.72 23.07
C LYS A 70 24.47 25.43 24.04
N LEU A 71 23.22 25.51 23.57
CA LEU A 71 22.05 25.26 24.40
C LEU A 71 21.99 23.82 24.85
N LEU A 72 22.18 22.91 23.89
CA LEU A 72 22.13 21.47 24.16
C LEU A 72 23.25 20.98 25.07
N LYS A 73 24.47 21.48 24.84
CA LYS A 73 25.60 21.15 25.71
C LYS A 73 25.37 21.69 27.12
N GLU A 74 24.79 22.88 27.21
CA GLU A 74 24.52 23.50 28.49
C GLU A 74 23.65 22.62 29.37
N ILE A 75 22.64 21.98 28.80
CA ILE A 75 21.79 21.07 29.57
C ILE A 75 22.46 19.70 29.77
N GLY A 76 23.64 19.54 29.16
CA GLY A 76 24.49 18.39 29.39
C GLY A 76 24.15 17.18 28.52
N LEU A 77 23.28 17.35 27.54
CA LEU A 77 22.83 16.21 26.74
C LEU A 77 23.98 15.44 26.08
N HIS A 78 25.04 16.12 25.67
CA HIS A 78 26.14 15.44 25.00
C HIS A 78 26.88 14.43 25.89
N ARG A 79 26.57 14.44 27.18
CA ARG A 79 27.20 13.53 28.15
C ARG A 79 26.24 12.41 28.51
N ALA A 80 25.23 12.23 27.68
CA ALA A 80 24.25 11.18 27.83
C ALA A 80 24.88 9.81 27.96
N PHE A 81 25.85 9.50 27.11
CA PHE A 81 26.48 8.17 27.17
C PHE A 81 27.93 8.16 27.64
N GLN A 82 28.43 9.32 28.05
CA GLN A 82 29.77 9.42 28.62
C GLN A 82 29.83 8.66 29.94
N PRO A 83 30.93 7.91 30.18
CA PRO A 83 31.00 7.16 31.41
C PRO A 83 30.89 8.12 32.61
N LYS A 84 30.37 7.62 33.73
CA LYS A 84 30.17 8.45 34.91
C LYS A 84 31.47 8.96 35.44
N VAL A 85 32.48 8.10 35.45
CA VAL A 85 33.79 8.50 35.99
C VAL A 85 34.36 9.78 35.36
N TYR A 86 33.97 10.13 34.14
CA TYR A 86 34.40 11.40 33.54
C TYR A 86 33.38 12.51 33.66
N GLY A 87 32.24 12.23 34.30
CA GLY A 87 31.24 13.24 34.52
C GLY A 87 30.00 13.07 33.66
N GLY A 88 29.81 11.85 33.17
CA GLY A 88 28.68 11.57 32.30
C GLY A 88 27.42 11.15 33.02
N LEU A 89 26.34 11.08 32.28
CA LEU A 89 25.03 10.77 32.85
C LEU A 89 24.72 9.27 32.79
N GLU A 90 25.12 8.65 31.69
CA GLU A 90 24.81 7.25 31.41
C GLU A 90 23.33 7.01 31.34
N MET A 91 22.67 7.76 30.47
CA MET A 91 21.22 7.63 30.30
C MET A 91 20.86 6.27 29.72
N SER A 92 19.67 5.79 30.06
CA SER A 92 19.14 4.59 29.44
C SER A 92 18.81 4.91 27.99
N LEU A 93 18.82 3.90 27.13
CA LEU A 93 18.48 4.16 25.73
C LEU A 93 17.10 4.79 25.59
N PRO A 94 16.07 4.21 26.19
CA PRO A 94 14.78 4.85 26.01
C PRO A 94 14.83 6.35 26.31
N ASP A 95 15.35 6.71 27.47
CA ASP A 95 15.35 8.10 27.90
C ASP A 95 16.07 8.99 26.91
N PHE A 96 17.15 8.48 26.33
CA PHE A 96 17.90 9.27 25.37
C PHE A 96 17.16 9.36 24.04
N ALA A 97 16.85 8.21 23.46
CA ALA A 97 16.05 8.13 22.26
C ALA A 97 14.90 9.16 22.26
N ASN A 98 14.14 9.20 23.36
CA ASN A 98 13.02 10.12 23.51
C ASN A 98 13.38 11.61 23.54
N CYS A 99 14.62 11.94 23.88
CA CYS A 99 15.09 13.30 23.80
C CYS A 99 15.34 13.67 22.36
N ILE A 100 15.91 12.73 21.60
CA ILE A 100 16.17 12.93 20.19
C ILE A 100 14.87 13.04 19.39
N VAL A 101 13.88 12.23 19.75
CA VAL A 101 12.58 12.28 19.09
C VAL A 101 11.99 13.65 19.31
N THR A 102 12.00 14.10 20.55
CA THR A 102 11.42 15.41 20.87
C THR A 102 12.18 16.50 20.13
N LEU A 103 13.50 16.43 20.18
CA LEU A 103 14.37 17.39 19.53
C LEU A 103 14.12 17.48 18.03
N ALA A 104 13.93 16.31 17.41
CA ALA A 104 13.81 16.20 15.96
C ALA A 104 12.58 16.91 15.48
N GLY A 105 11.59 17.02 16.36
CA GLY A 105 10.36 17.74 16.07
C GLY A 105 10.59 19.21 15.81
N ALA A 106 11.67 19.78 16.34
CA ALA A 106 11.96 21.19 16.13
C ALA A 106 13.00 21.45 15.03
N CYS A 107 14.05 20.64 14.97
CA CYS A 107 15.01 20.70 13.88
C CYS A 107 15.64 19.33 13.69
N ALA A 108 15.20 18.62 12.64
CA ALA A 108 15.62 17.24 12.35
C ALA A 108 17.14 17.17 12.27
N GLY A 109 17.71 18.04 11.43
CA GLY A 109 19.16 18.09 11.20
C GLY A 109 19.93 18.28 12.48
N THR A 110 19.45 19.15 13.36
CA THR A 110 20.06 19.31 14.68
C THR A 110 19.97 18.02 15.49
N ALA A 111 18.75 17.52 15.68
CA ALA A 111 18.53 16.29 16.43
C ALA A 111 19.40 15.13 15.94
N TRP A 112 19.46 14.98 14.62
CA TRP A 112 20.23 13.93 13.96
C TRP A 112 21.72 14.07 14.26
N ALA A 113 22.27 15.24 13.94
CA ALA A 113 23.70 15.52 14.11
C ALA A 113 24.01 15.31 15.56
N PHE A 114 23.21 15.93 16.42
CA PHE A 114 23.53 15.91 17.82
C PHE A 114 23.41 14.51 18.42
N SER A 115 22.43 13.77 17.94
CA SER A 115 22.29 12.40 18.38
C SER A 115 23.60 11.67 18.13
N LEU A 116 24.15 11.82 16.94
CA LEU A 116 25.38 11.13 16.61
C LEU A 116 26.53 11.53 17.54
N LEU A 117 26.73 12.83 17.70
CA LEU A 117 27.77 13.33 18.59
C LEU A 117 27.67 12.70 19.96
N CYS A 118 26.43 12.48 20.42
CA CYS A 118 26.16 11.81 21.69
C CYS A 118 26.47 10.32 21.69
N THR A 119 25.96 9.57 20.72
CA THR A 119 26.05 8.11 20.76
C THR A 119 27.45 7.65 20.47
N HIS A 120 28.28 8.54 19.94
CA HIS A 120 29.68 8.23 19.73
C HIS A 120 30.47 8.02 21.05
N SER A 121 30.07 8.73 22.11
CA SER A 121 30.71 8.54 23.39
C SER A 121 30.54 7.12 23.90
N HIS A 122 29.38 6.52 23.63
CA HIS A 122 29.08 5.16 24.06
C HIS A 122 30.08 4.17 23.49
N GLN A 123 30.58 4.48 22.29
CA GLN A 123 31.55 3.68 21.57
C GLN A 123 32.97 3.97 22.07
N ILE A 124 33.34 5.25 22.12
CA ILE A 124 34.59 5.66 22.73
C ILE A 124 34.79 4.93 24.04
N ALA A 125 33.72 4.80 24.82
CA ALA A 125 33.75 4.14 26.13
C ALA A 125 34.16 2.67 26.09
N MET A 126 34.34 2.15 24.88
CA MET A 126 34.77 0.76 24.74
C MET A 126 36.21 0.65 24.27
N PHE A 127 36.82 1.82 24.06
CA PHE A 127 38.21 1.87 23.72
C PHE A 127 39.07 1.78 24.97
N SER A 128 40.40 1.84 24.82
CA SER A 128 41.30 1.71 25.96
C SER A 128 41.06 2.80 27.00
N LYS A 129 41.36 2.49 28.24
CA LYS A 129 41.24 3.51 29.26
C LYS A 129 42.13 4.70 28.88
N GLN A 130 43.25 4.44 28.22
CA GLN A 130 44.19 5.48 27.89
C GLN A 130 43.59 6.50 26.94
N LEU A 131 42.80 6.00 25.99
CA LEU A 131 42.19 6.86 24.99
C LEU A 131 41.12 7.75 25.60
N GLN A 132 40.25 7.16 26.38
CA GLN A 132 39.22 7.92 27.07
C GLN A 132 39.83 8.99 27.97
N ASP A 133 40.90 8.61 28.67
CA ASP A 133 41.65 9.55 29.51
C ASP A 133 42.19 10.72 28.69
N GLU A 134 42.67 10.40 27.50
CA GLU A 134 43.28 11.36 26.61
C GLU A 134 42.26 12.38 26.15
N ILE A 135 41.12 11.89 25.68
CA ILE A 135 40.04 12.75 25.21
C ILE A 135 39.38 13.59 26.33
N TRP A 136 39.01 12.96 27.46
CA TRP A 136 38.10 13.58 28.45
C TRP A 136 38.70 14.20 29.71
N LEU A 137 39.71 13.56 30.30
CA LEU A 137 40.41 14.17 31.41
C LEU A 137 40.91 15.55 31.01
N LYS A 138 41.37 15.63 29.76
CA LYS A 138 41.78 16.88 29.10
C LYS A 138 40.62 17.88 28.91
N ASP A 139 39.56 17.45 28.23
CA ASP A 139 38.33 18.23 28.06
C ASP A 139 37.08 17.34 28.17
N PRO A 140 36.32 17.50 29.27
CA PRO A 140 35.20 16.64 29.60
C PRO A 140 33.99 16.85 28.71
N ASP A 141 33.98 17.96 27.96
CA ASP A 141 32.90 18.25 26.99
C ASP A 141 33.19 17.85 25.56
N ALA A 142 34.36 17.27 25.30
CA ALA A 142 34.76 16.88 23.94
C ALA A 142 33.84 15.80 23.41
N THR A 143 33.55 15.87 22.10
CA THR A 143 32.74 14.86 21.42
C THR A 143 33.37 14.50 20.09
N ALA A 144 32.89 13.41 19.48
CA ALA A 144 33.38 12.94 18.18
C ALA A 144 32.26 12.79 17.15
N SER A 145 32.57 13.16 15.90
CA SER A 145 31.71 12.83 14.78
C SER A 145 32.28 11.56 14.16
N SER A 146 31.66 11.04 13.11
CA SER A 146 32.18 9.82 12.52
C SER A 146 32.07 9.76 11.03
N SER A 147 32.67 8.72 10.47
CA SER A 147 32.55 8.31 9.08
C SER A 147 33.00 6.86 9.10
N ILE A 148 32.04 5.95 9.11
CA ILE A 148 32.31 4.54 9.42
C ILE A 148 32.47 3.63 8.19
N ALA A 149 31.96 4.07 7.05
CA ALA A 149 32.20 3.40 5.75
C ALA A 149 33.68 3.35 5.45
N PRO A 150 34.24 2.12 5.34
CA PRO A 150 35.68 1.85 5.22
C PRO A 150 36.31 2.20 3.87
N PHE A 151 36.30 3.48 3.48
CA PHE A 151 36.94 3.81 2.19
C PHE A 151 38.46 3.86 2.25
N GLY A 152 39.03 4.07 3.43
CA GLY A 152 40.45 4.39 3.52
C GLY A 152 41.42 3.31 3.06
N LYS A 153 42.49 3.75 2.44
CA LYS A 153 43.61 2.86 2.14
C LYS A 153 44.50 2.82 3.38
N VAL A 154 44.91 1.62 3.78
CA VAL A 154 45.61 1.44 5.06
C VAL A 154 46.93 0.71 4.89
N GLU A 155 48.01 1.37 5.29
CA GLU A 155 49.35 0.78 5.34
C GLU A 155 49.66 0.39 6.79
N GLU A 156 50.04 -0.87 6.99
CA GLU A 156 50.49 -1.31 8.32
C GLU A 156 51.95 -0.85 8.53
N VAL A 157 52.11 0.19 9.34
CA VAL A 157 53.44 0.56 9.85
C VAL A 157 53.52 -0.07 11.23
N GLU A 158 54.71 -0.07 11.84
CA GLU A 158 54.83 -0.67 13.15
C GLU A 158 54.40 0.30 14.25
N GLY A 159 53.53 -0.19 15.15
CA GLY A 159 52.98 0.63 16.20
C GLY A 159 51.56 1.06 15.87
N GLY A 160 51.13 0.79 14.65
CA GLY A 160 49.78 1.17 14.17
C GLY A 160 49.66 1.24 12.64
N ILE A 161 48.84 2.17 12.15
CA ILE A 161 48.62 2.31 10.69
C ILE A 161 48.70 3.75 10.22
N ILE A 162 49.01 3.90 8.93
CA ILE A 162 48.80 5.17 8.24
C ILE A 162 47.57 5.04 7.37
N LEU A 163 46.65 5.98 7.49
CA LEU A 163 45.38 5.93 6.78
C LEU A 163 45.29 7.13 5.84
N ASN A 164 44.75 6.88 4.64
CA ASN A 164 44.47 7.93 3.65
C ASN A 164 43.11 7.72 3.06
N GLY A 165 42.40 8.80 2.77
CA GLY A 165 41.04 8.66 2.26
C GLY A 165 40.14 9.85 2.39
N ASP A 166 39.15 9.92 1.51
CA ASP A 166 38.10 10.91 1.64
C ASP A 166 36.95 10.24 2.37
N TYR A 167 36.61 10.76 3.54
CA TYR A 167 35.60 10.11 4.40
C TYR A 167 34.30 10.89 4.44
N GLY A 168 33.31 10.46 3.68
CA GLY A 168 32.09 11.24 3.54
C GLY A 168 31.20 11.25 4.77
N TRP A 169 30.28 12.20 4.75
CA TRP A 169 29.08 12.13 5.54
C TRP A 169 29.40 12.11 7.03
N SER A 170 29.92 13.22 7.53
CA SER A 170 30.24 13.29 8.94
C SER A 170 29.33 14.30 9.63
N SER A 171 28.12 13.87 9.96
CA SER A 171 27.21 14.71 10.70
C SER A 171 27.86 15.31 11.93
N GLY A 172 27.70 16.64 12.08
CA GLY A 172 28.16 17.41 13.24
C GLY A 172 29.67 17.61 13.28
N CYS A 173 30.35 17.27 12.18
CA CYS A 173 31.80 17.23 12.20
C CYS A 173 32.44 18.60 12.46
N ASP A 174 31.69 19.68 12.18
CA ASP A 174 32.12 21.05 12.52
C ASP A 174 32.21 21.31 14.02
N HIS A 175 31.40 20.60 14.80
CA HIS A 175 31.35 20.78 16.25
C HIS A 175 32.06 19.71 17.06
N ALA A 176 32.82 18.86 16.40
CA ALA A 176 33.52 17.78 17.09
C ALA A 176 35.02 18.06 17.25
N GLU A 177 35.60 17.49 18.31
CA GLU A 177 37.03 17.59 18.56
C GLU A 177 37.76 16.34 18.05
N TYR A 178 37.02 15.26 17.81
CA TYR A 178 37.56 14.01 17.29
C TYR A 178 36.63 13.37 16.28
N ALA A 179 37.19 12.51 15.44
CA ALA A 179 36.40 11.72 14.54
C ALA A 179 36.70 10.26 14.73
N ILE A 180 35.65 9.45 14.69
CA ILE A 180 35.80 8.02 14.63
C ILE A 180 35.72 7.64 13.18
N VAL A 181 36.55 6.72 12.74
CA VAL A 181 36.77 6.54 11.31
C VAL A 181 36.98 5.06 11.00
N GLY A 182 36.24 4.52 10.06
CA GLY A 182 36.22 3.07 9.87
C GLY A 182 37.17 2.69 8.77
N PHE A 183 37.73 1.48 8.86
CA PHE A 183 38.63 0.97 7.81
C PHE A 183 38.83 -0.53 7.96
N ASN A 184 39.37 -1.18 6.92
CA ASN A 184 39.63 -2.61 6.98
C ASN A 184 41.08 -2.94 7.11
N ARG A 185 41.41 -3.84 8.02
CA ARG A 185 42.78 -4.34 8.13
C ARG A 185 42.71 -5.80 7.73
N PHE A 186 43.87 -6.43 7.57
CA PHE A 186 43.94 -7.74 6.93
C PHE A 186 44.75 -8.76 7.69
N ASP A 187 44.28 -10.01 7.65
CA ASP A 187 44.93 -11.15 8.32
C ASP A 187 46.27 -11.55 7.70
N ALA A 188 46.94 -12.53 8.40
CA ALA A 188 47.86 -13.45 7.54
C ALA A 188 47.05 -14.07 6.39
N ASP A 189 45.95 -14.73 6.73
CA ASP A 189 44.97 -15.22 5.75
C ASP A 189 44.66 -14.14 4.70
N GLY A 190 44.79 -12.87 5.10
CA GLY A 190 44.42 -11.75 4.24
C GLY A 190 42.91 -11.69 4.20
N ASN A 191 42.28 -11.64 5.39
CA ASN A 191 40.83 -11.45 5.51
C ASN A 191 40.52 -10.10 6.16
N LYS A 192 39.32 -9.56 5.90
CA LYS A 192 38.92 -8.24 6.41
C LYS A 192 38.77 -8.26 7.92
N ILE A 193 39.48 -7.35 8.58
CA ILE A 193 39.22 -7.04 9.97
C ILE A 193 38.75 -5.60 10.02
N TYR A 194 37.44 -5.43 10.19
CA TYR A 194 36.84 -4.11 10.23
C TYR A 194 37.13 -3.42 11.56
N SER A 195 37.81 -2.27 11.48
CA SER A 195 38.25 -1.53 12.65
C SER A 195 37.88 -0.07 12.58
N PHE A 196 37.83 0.56 13.76
CA PHE A 196 37.62 1.98 13.91
C PHE A 196 38.81 2.63 14.54
N GLY A 197 39.08 3.86 14.16
CA GLY A 197 40.15 4.63 14.79
C GLY A 197 39.63 5.98 15.23
N VAL A 198 40.03 6.43 16.41
CA VAL A 198 39.72 7.78 16.84
C VAL A 198 40.89 8.73 16.53
N ILE A 199 40.57 9.85 15.90
CA ILE A 199 41.60 10.78 15.51
C ILE A 199 41.25 12.21 15.84
N PRO A 200 42.26 13.00 16.30
CA PRO A 200 42.03 14.38 16.70
C PRO A 200 41.73 15.29 15.52
N ARG A 201 40.90 16.28 15.78
CA ARG A 201 40.50 17.29 14.79
C ARG A 201 41.69 17.87 13.99
N SER A 202 42.88 17.92 14.58
CA SER A 202 44.01 18.49 13.87
C SER A 202 44.46 17.61 12.71
N ASP A 203 44.13 16.31 12.79
CA ASP A 203 44.65 15.32 11.83
C ASP A 203 43.87 15.23 10.50
N TYR A 204 42.87 16.08 10.34
CA TYR A 204 42.05 16.04 9.14
C TYR A 204 41.41 17.37 8.78
N GLU A 205 41.18 17.57 7.49
CA GLU A 205 40.50 18.76 7.02
C GLU A 205 39.02 18.44 6.77
N ILE A 206 38.14 19.34 7.21
CA ILE A 206 36.73 19.28 6.86
C ILE A 206 36.54 19.95 5.51
N VAL A 207 36.14 19.14 4.52
CA VAL A 207 35.78 19.64 3.20
C VAL A 207 34.27 19.81 3.15
N ASP A 208 33.86 21.02 2.76
CA ASP A 208 32.47 21.43 2.71
C ASP A 208 31.85 21.24 1.33
N ASN A 209 31.37 20.01 1.13
CA ASN A 209 30.74 19.54 -0.07
C ASN A 209 29.31 19.10 0.30
N TRP A 210 28.81 19.58 1.42
CA TRP A 210 27.50 19.19 1.88
C TRP A 210 26.43 20.10 1.29
N TYR A 211 26.04 19.77 0.08
CA TYR A 211 24.88 20.39 -0.54
C TYR A 211 23.81 19.33 -0.78
N ALA A 212 22.85 19.24 0.13
CA ALA A 212 21.86 18.18 0.12
C ALA A 212 20.47 18.77 -0.09
N GLN A 213 19.45 17.92 -0.20
CA GLN A 213 18.07 18.39 -0.25
C GLN A 213 17.23 18.01 0.96
N ALA A 214 17.84 17.38 1.97
CA ALA A 214 17.13 17.10 3.19
C ALA A 214 18.11 17.07 4.33
N ILE A 215 17.60 17.32 5.55
CA ILE A 215 18.41 17.34 6.77
C ILE A 215 19.68 18.19 6.48
N LYS A 216 19.46 19.34 5.83
CA LYS A 216 20.52 20.27 5.45
C LYS A 216 21.30 20.71 6.68
N SER A 217 20.62 20.92 7.81
CA SER A 217 21.25 21.48 9.00
C SER A 217 22.17 20.56 9.80
N SER A 218 22.36 19.32 9.34
CA SER A 218 23.19 18.33 10.05
C SER A 218 24.67 18.54 9.86
N GLY A 219 25.04 19.35 8.86
CA GLY A 219 26.45 19.63 8.52
C GLY A 219 27.28 18.39 8.23
N SER A 220 26.71 17.49 7.44
CA SER A 220 27.36 16.21 7.13
C SER A 220 28.49 16.33 6.09
N LYS A 221 29.44 17.21 6.38
CA LYS A 221 30.58 17.45 5.55
C LYS A 221 31.52 16.25 5.56
N MET A 222 32.51 16.25 4.67
CA MET A 222 33.38 15.11 4.45
C MET A 222 34.74 15.39 5.05
N LEU A 223 35.28 14.40 5.77
CA LEU A 223 36.62 14.46 6.34
C LEU A 223 37.68 14.03 5.34
N LYS A 224 38.75 14.80 5.22
CA LYS A 224 39.85 14.41 4.36
C LYS A 224 41.08 14.02 5.17
N LEU A 225 41.63 12.85 4.87
CA LEU A 225 42.74 12.32 5.64
C LEU A 225 43.99 12.12 4.82
N VAL A 226 45.05 12.85 5.15
CA VAL A 226 46.30 12.71 4.43
C VAL A 226 47.42 12.20 5.32
N ASN A 227 47.86 10.96 5.04
CA ASN A 227 48.91 10.28 5.79
C ASN A 227 48.77 10.41 7.29
N VAL A 228 47.54 10.22 7.75
CA VAL A 228 47.22 10.28 9.15
C VAL A 228 47.78 9.01 9.77
N PHE A 229 48.61 9.17 10.79
CA PHE A 229 49.06 8.04 11.59
C PHE A 229 48.10 7.76 12.74
N ILE A 230 47.73 6.49 12.89
CA ILE A 230 46.94 6.06 14.04
C ILE A 230 47.60 4.98 14.89
N PRO A 231 47.93 5.30 16.14
CA PRO A 231 48.52 4.33 17.02
C PRO A 231 47.52 3.25 17.43
N GLU A 232 48.06 2.04 17.60
CA GLU A 232 47.32 0.83 17.98
C GLU A 232 46.27 1.00 19.10
N TYR A 233 46.52 1.94 20.01
CA TYR A 233 45.65 2.09 21.18
C TYR A 233 44.40 2.93 20.88
N ARG A 234 44.37 3.53 19.70
CA ARG A 234 43.22 4.30 19.29
C ARG A 234 42.44 3.53 18.24
N ILE A 235 42.69 2.21 18.16
CA ILE A 235 42.05 1.34 17.15
C ILE A 235 41.42 0.13 17.81
N SER A 236 40.12 0.01 17.67
CA SER A 236 39.40 -1.17 18.10
C SER A 236 38.75 -1.90 16.95
N LYS A 237 38.71 -3.23 17.04
CA LYS A 237 37.91 -4.08 16.14
C LYS A 237 36.42 -3.93 16.35
N ALA A 238 35.69 -3.80 15.25
CA ALA A 238 34.22 -3.69 15.35
C ALA A 238 33.64 -4.90 16.04
N LYS A 239 34.07 -6.09 15.63
CA LYS A 239 33.57 -7.35 16.17
C LYS A 239 33.75 -7.41 17.70
N ASP A 240 34.92 -6.94 18.16
CA ASP A 240 35.22 -6.81 19.57
C ASP A 240 34.23 -5.92 20.33
N MET A 241 33.73 -4.86 19.68
CA MET A 241 32.81 -3.95 20.34
C MET A 241 31.40 -4.48 20.19
N MET A 242 31.23 -5.49 19.35
CA MET A 242 29.92 -6.10 19.26
C MET A 242 29.74 -7.18 20.34
N GLU A 243 30.85 -7.70 20.86
CA GLU A 243 30.81 -8.91 21.70
C GLU A 243 31.43 -8.73 23.08
N GLY A 244 31.64 -7.48 23.49
CA GLY A 244 32.38 -7.15 24.70
C GLY A 244 33.73 -7.81 24.80
N LYS A 245 34.62 -7.47 23.88
CA LYS A 245 35.97 -8.00 23.88
C LYS A 245 36.99 -6.90 23.58
N SER A 246 36.49 -5.69 23.40
CA SER A 246 37.33 -4.55 23.09
C SER A 246 38.09 -4.12 24.32
N ALA A 247 39.15 -3.34 24.12
CA ALA A 247 40.07 -2.91 25.18
C ALA A 247 39.41 -2.26 26.40
N GLY A 248 38.19 -1.75 26.25
CA GLY A 248 37.52 -1.06 27.34
C GLY A 248 36.54 -1.92 28.13
N PHE A 249 36.41 -3.19 27.76
CA PHE A 249 35.47 -4.08 28.41
C PHE A 249 35.92 -4.24 29.81
N GLY A 250 34.97 -4.13 30.74
CA GLY A 250 35.19 -4.33 32.16
C GLY A 250 35.43 -3.07 32.96
N LEU A 251 35.66 -1.97 32.26
CA LEU A 251 36.05 -0.70 32.89
C LEU A 251 35.02 -0.16 33.85
N TYR A 252 33.74 -0.41 33.54
CA TYR A 252 32.67 0.20 34.32
C TYR A 252 31.70 -0.83 34.87
N PRO A 253 32.12 -1.60 35.89
CA PRO A 253 31.47 -2.85 36.23
C PRO A 253 30.08 -2.64 36.73
N ASP A 254 29.75 -1.39 37.03
CA ASP A 254 28.46 -1.04 37.62
C ASP A 254 27.51 -0.38 36.63
N SER A 255 27.97 -0.17 35.40
CA SER A 255 27.24 0.59 34.41
C SER A 255 26.15 -0.25 33.81
N LYS A 256 25.00 0.37 33.55
CA LYS A 256 23.87 -0.35 32.96
C LYS A 256 23.86 -0.27 31.45
N ILE A 257 24.89 0.31 30.83
CA ILE A 257 24.80 0.63 29.40
C ILE A 257 26.01 0.28 28.56
N PHE A 258 27.10 -0.12 29.18
CA PHE A 258 28.31 -0.42 28.43
C PHE A 258 28.54 -1.89 28.16
N TYR A 259 27.85 -2.77 28.89
CA TYR A 259 27.92 -4.22 28.62
C TYR A 259 26.91 -4.61 27.51
N THR A 260 27.19 -4.19 26.27
CA THR A 260 26.18 -4.22 25.21
C THR A 260 26.78 -3.88 23.83
N PRO A 261 26.31 -4.52 22.74
CA PRO A 261 27.01 -4.29 21.46
C PRO A 261 26.93 -2.82 21.06
N TYR A 262 28.01 -2.27 20.49
CA TYR A 262 28.07 -0.84 20.17
C TYR A 262 27.09 -0.34 19.16
N ARG A 263 26.74 -1.19 18.21
CA ARG A 263 26.03 -0.75 17.00
C ARG A 263 24.59 -0.30 17.23
N PRO A 264 23.81 -1.09 17.97
CA PRO A 264 22.42 -0.71 18.25
C PRO A 264 22.29 0.66 18.91
N TYR A 265 23.32 1.10 19.62
CA TYR A 265 23.25 2.41 20.29
C TYR A 265 23.58 3.51 19.30
N PHE A 266 24.67 3.33 18.58
CA PHE A 266 25.10 4.32 17.61
C PHE A 266 24.03 4.60 16.53
N ALA A 267 23.39 3.56 16.07
CA ALA A 267 22.35 3.70 15.07
C ALA A 267 20.96 3.96 15.63
N SER A 268 20.85 4.18 16.94
CA SER A 268 19.55 4.32 17.58
C SER A 268 18.91 5.66 17.24
N GLY A 269 19.71 6.61 16.77
CA GLY A 269 19.21 7.96 16.49
C GLY A 269 18.39 8.13 15.23
N PHE A 270 18.64 7.32 14.19
CA PHE A 270 17.94 7.49 12.93
C PHE A 270 16.41 7.32 13.06
N SER A 271 15.94 6.12 13.39
CA SER A 271 14.53 5.92 13.75
C SER A 271 13.96 6.94 14.76
N ALA A 272 14.79 7.37 15.68
CA ALA A 272 14.39 8.36 16.64
C ALA A 272 14.00 9.63 15.91
N VAL A 273 14.95 10.20 15.18
CA VAL A 273 14.74 11.41 14.41
C VAL A 273 13.53 11.27 13.52
N SER A 274 13.47 10.16 12.80
CA SER A 274 12.38 9.85 11.90
C SER A 274 11.02 9.88 12.62
N LEU A 275 10.94 9.32 13.82
CA LEU A 275 9.73 9.36 14.63
C LEU A 275 9.42 10.79 15.03
N GLY A 276 10.45 11.53 15.43
CA GLY A 276 10.27 12.89 15.84
C GLY A 276 9.59 13.67 14.76
N ILE A 277 10.04 13.45 13.53
CA ILE A 277 9.54 14.19 12.39
C ILE A 277 8.07 13.90 12.12
N ALA A 278 7.72 12.62 12.18
CA ALA A 278 6.34 12.17 11.98
C ALA A 278 5.36 12.74 13.00
N GLU A 279 5.74 12.73 14.26
CA GLU A 279 4.81 13.22 15.28
C GLU A 279 4.57 14.70 15.09
N ARG A 280 5.61 15.40 14.65
CA ARG A 280 5.52 16.82 14.37
C ARG A 280 4.68 17.11 13.12
N MET A 281 4.83 16.32 12.06
CA MET A 281 4.01 16.45 10.87
C MET A 281 2.53 16.44 11.23
N ILE A 282 2.13 15.46 12.02
CA ILE A 282 0.75 15.35 12.41
C ILE A 282 0.29 16.61 13.15
N GLU A 283 1.10 17.10 14.08
CA GLU A 283 0.75 18.35 14.73
C GLU A 283 0.72 19.51 13.73
N ALA A 284 1.70 19.55 12.83
CA ALA A 284 1.84 20.68 11.94
C ALA A 284 0.70 20.69 10.95
N PHE A 285 0.41 19.52 10.41
CA PHE A 285 -0.71 19.33 9.51
C PHE A 285 -2.03 19.74 10.17
N LYS A 286 -2.29 19.23 11.37
CA LYS A 286 -3.50 19.58 12.06
C LYS A 286 -3.63 21.08 12.20
N GLU A 287 -2.54 21.80 12.48
CA GLU A 287 -2.64 23.26 12.70
C GLU A 287 -3.06 23.95 11.42
N LYS A 288 -2.35 23.63 10.34
CA LYS A 288 -2.64 24.21 9.05
C LYS A 288 -3.97 23.72 8.50
N GLN A 289 -4.44 22.57 8.96
CA GLN A 289 -5.70 22.06 8.42
C GLN A 289 -6.94 22.80 8.85
N ARG A 290 -7.02 23.17 10.12
CA ARG A 290 -8.23 23.77 10.69
C ARG A 290 -8.99 24.70 9.73
N ASN A 291 -8.25 25.65 9.20
CA ASN A 291 -8.80 26.88 8.59
C ASN A 291 -8.80 26.84 7.05
N ARG A 292 -8.11 25.85 6.48
CA ARG A 292 -8.02 25.57 5.03
C ARG A 292 -9.33 25.74 4.23
N VAL A 293 -9.27 26.54 3.15
CA VAL A 293 -10.37 26.68 2.20
C VAL A 293 -9.98 26.14 0.81
N ARG A 294 -10.93 25.51 0.12
CA ARG A 294 -10.76 25.11 -1.29
C ARG A 294 -10.41 26.34 -2.10
N ALA A 295 -9.33 26.26 -2.85
CA ALA A 295 -8.85 27.36 -3.69
C ALA A 295 -9.89 27.77 -4.76
N TYR A 296 -10.60 26.77 -5.29
CA TYR A 296 -11.51 26.92 -6.43
C TYR A 296 -12.90 27.35 -6.04
N THR A 297 -13.56 26.53 -5.22
CA THR A 297 -14.94 26.79 -4.81
C THR A 297 -15.06 27.72 -3.60
N GLY A 298 -13.92 27.99 -2.95
CA GLY A 298 -13.82 28.89 -1.80
C GLY A 298 -14.46 28.38 -0.53
N ALA A 299 -14.32 27.08 -0.27
CA ALA A 299 -15.12 26.44 0.78
C ALA A 299 -14.26 26.06 1.98
N ASN A 300 -14.76 26.38 3.19
CA ASN A 300 -14.09 25.92 4.43
C ASN A 300 -14.06 24.38 4.53
N VAL A 301 -12.86 23.82 4.58
CA VAL A 301 -12.68 22.42 4.18
C VAL A 301 -11.74 21.64 5.12
N GLY A 302 -11.41 22.25 6.24
CA GLY A 302 -10.44 21.71 7.19
C GLY A 302 -10.91 20.48 7.94
N LEU A 303 -12.23 20.41 8.08
CA LEU A 303 -12.87 19.32 8.81
C LEU A 303 -13.60 18.32 7.89
N ALA A 304 -13.22 18.26 6.62
CA ALA A 304 -13.82 17.29 5.70
C ALA A 304 -13.33 15.88 6.01
N THR A 305 -14.25 14.91 5.84
CA THR A 305 -14.02 13.52 6.22
C THR A 305 -12.70 12.88 5.76
N PRO A 306 -12.32 13.10 4.48
CA PRO A 306 -11.05 12.53 4.02
C PRO A 306 -9.86 13.03 4.82
N ALA A 307 -9.72 14.34 5.03
CA ALA A 307 -8.66 14.91 5.86
C ALA A 307 -8.65 14.26 7.25
N LEU A 308 -9.81 14.18 7.89
CA LEU A 308 -9.89 13.56 9.19
C LEU A 308 -9.35 12.16 9.14
N MET A 309 -9.77 11.40 8.15
CA MET A 309 -9.37 9.99 8.11
C MET A 309 -7.89 9.81 7.95
N ARG A 310 -7.26 10.70 7.20
CA ARG A 310 -5.82 10.70 7.08
C ARG A 310 -5.14 11.12 8.38
N ILE A 311 -5.62 12.17 9.02
CA ILE A 311 -5.11 12.53 10.35
C ILE A 311 -5.20 11.35 11.31
N ALA A 312 -6.37 10.72 11.41
CA ALA A 312 -6.54 9.50 12.23
C ALA A 312 -5.49 8.42 11.86
N GLU A 313 -5.38 8.02 10.59
CA GLU A 313 -4.64 6.82 10.28
C GLU A 313 -3.15 7.07 10.39
N SER A 314 -2.72 8.29 10.09
CA SER A 314 -1.33 8.60 10.24
C SER A 314 -1.06 8.60 11.72
N THR A 315 -1.99 9.10 12.50
CA THR A 315 -1.84 9.09 13.95
C THR A 315 -1.66 7.65 14.41
N HIS A 316 -2.57 6.79 14.00
CA HIS A 316 -2.49 5.39 14.35
C HIS A 316 -1.12 4.85 13.91
N GLN A 317 -0.74 5.10 12.66
CA GLN A 317 0.47 4.51 12.14
C GLN A 317 1.63 4.87 13.02
N VAL A 318 1.79 6.15 13.34
CA VAL A 318 3.04 6.52 14.03
C VAL A 318 2.98 6.06 15.47
N ALA A 319 1.78 6.05 16.05
CA ALA A 319 1.60 5.46 17.37
C ALA A 319 2.03 4.00 17.40
N ALA A 320 1.65 3.25 16.37
CA ALA A 320 2.11 1.88 16.25
C ALA A 320 3.62 1.83 16.13
N ALA A 321 4.21 2.71 15.31
CA ALA A 321 5.68 2.81 15.21
C ALA A 321 6.28 3.09 16.58
N ARG A 322 5.78 4.13 17.25
CA ARG A 322 6.25 4.47 18.58
C ARG A 322 6.18 3.27 19.52
N ALA A 323 5.10 2.51 19.47
CA ALA A 323 5.00 1.33 20.32
C ALA A 323 6.15 0.33 20.06
N LEU A 324 6.52 0.16 18.78
CA LEU A 324 7.46 -0.86 18.41
C LEU A 324 8.83 -0.41 18.84
N LEU A 325 9.11 0.87 18.66
CA LEU A 325 10.39 1.42 19.08
C LEU A 325 10.46 1.43 20.61
N GLU A 326 9.36 1.77 21.28
CA GLU A 326 9.40 1.82 22.73
C GLU A 326 9.68 0.42 23.28
N LYS A 327 9.05 -0.59 22.66
CA LYS A 327 9.27 -1.99 23.06
C LYS A 327 10.70 -2.42 22.76
N THR A 328 11.21 -2.05 21.58
CA THR A 328 12.56 -2.38 21.20
C THR A 328 13.55 -1.73 22.16
N TRP A 329 13.35 -0.46 22.49
CA TRP A 329 14.23 0.23 23.43
C TRP A 329 14.19 -0.45 24.83
N GLU A 330 13.00 -0.76 25.32
CA GLU A 330 12.95 -1.46 26.58
C GLU A 330 13.86 -2.70 26.54
N ASP A 331 13.86 -3.41 25.41
CA ASP A 331 14.59 -4.66 25.27
C ASP A 331 16.10 -4.37 25.38
N HIS A 332 16.53 -3.25 24.78
CA HIS A 332 17.92 -2.82 24.85
C HIS A 332 18.26 -2.53 26.30
N ARG A 333 17.33 -1.83 26.99
CA ARG A 333 17.56 -1.40 28.37
C ARG A 333 17.73 -2.61 29.29
N ILE A 334 16.72 -3.48 29.29
CA ILE A 334 16.74 -4.75 30.01
C ILE A 334 18.04 -5.53 29.81
N HIS A 335 18.47 -5.69 28.57
CA HIS A 335 19.72 -6.41 28.26
C HIS A 335 20.89 -5.71 28.96
N GLY A 336 20.99 -4.41 28.75
CA GLY A 336 22.02 -3.60 29.38
C GLY A 336 22.06 -3.77 30.87
N LEU A 337 20.91 -3.61 31.50
CA LEU A 337 20.80 -3.83 32.94
C LEU A 337 21.52 -5.10 33.34
N ASN A 338 21.16 -6.20 32.69
CA ASN A 338 21.63 -7.54 33.06
C ASN A 338 23.01 -7.91 32.56
N HIS A 339 23.69 -6.94 31.95
CA HIS A 339 25.02 -7.17 31.36
C HIS A 339 24.98 -8.34 30.40
N GLN A 340 23.88 -8.44 29.68
CA GLN A 340 23.65 -9.58 28.83
C GLN A 340 23.69 -9.23 27.34
N TYR A 341 24.60 -9.90 26.64
CA TYR A 341 24.70 -9.74 25.21
C TYR A 341 23.57 -10.54 24.54
N PRO A 342 22.92 -9.93 23.52
CA PRO A 342 21.75 -10.57 22.94
C PRO A 342 22.15 -11.74 22.07
N ASN A 343 21.20 -12.65 21.84
CA ASN A 343 21.42 -13.76 20.90
C ASN A 343 21.09 -13.36 19.46
N LYS A 344 21.35 -14.26 18.52
CA LYS A 344 21.15 -14.01 17.08
C LYS A 344 19.80 -13.36 16.79
N GLU A 345 18.73 -13.97 17.31
CA GLU A 345 17.38 -13.55 17.01
C GLU A 345 17.12 -12.14 17.53
N THR A 346 17.29 -11.92 18.81
CA THR A 346 17.04 -10.56 19.30
C THR A 346 17.92 -9.55 18.52
N LEU A 347 19.14 -9.94 18.22
CA LEU A 347 20.03 -9.06 17.50
C LEU A 347 19.45 -8.69 16.15
N ALA A 348 18.88 -9.66 15.44
CA ALA A 348 18.25 -9.38 14.13
C ALA A 348 17.12 -8.38 14.29
N PHE A 349 16.36 -8.54 15.38
CA PHE A 349 15.21 -7.65 15.67
C PHE A 349 15.63 -6.26 16.03
N TRP A 350 16.72 -6.15 16.79
CA TRP A 350 17.26 -4.85 17.12
C TRP A 350 17.87 -4.17 15.92
N ARG A 351 18.38 -4.96 14.99
CA ARG A 351 18.98 -4.41 13.77
C ARG A 351 17.92 -3.89 12.86
N THR A 352 16.73 -4.51 12.88
CA THR A 352 15.75 -4.23 11.82
C THR A 352 14.43 -3.55 12.25
N ASN A 353 13.93 -3.79 13.46
CA ASN A 353 12.68 -3.10 13.89
C ASN A 353 12.71 -1.60 13.64
N GLN A 354 13.89 -0.98 13.81
CA GLN A 354 14.02 0.45 13.59
C GLN A 354 13.74 0.77 12.16
N ALA A 355 14.10 -0.15 11.29
CA ALA A 355 13.96 0.12 9.88
C ALA A 355 12.47 0.07 9.57
N TYR A 356 11.74 -0.81 10.26
CA TYR A 356 10.35 -0.92 9.93
C TYR A 356 9.67 0.29 10.47
N ALA A 357 10.16 0.78 11.60
CA ALA A 357 9.54 1.97 12.22
C ALA A 357 9.71 3.19 11.32
N VAL A 358 10.93 3.38 10.85
CA VAL A 358 11.22 4.44 9.89
C VAL A 358 10.28 4.37 8.69
N LYS A 359 10.09 3.17 8.17
CA LYS A 359 9.22 2.98 7.02
C LYS A 359 7.78 3.41 7.31
N MET A 360 7.23 2.98 8.42
CA MET A 360 5.89 3.39 8.77
C MET A 360 5.79 4.90 8.96
N CYS A 361 6.81 5.49 9.56
CA CYS A 361 6.81 6.91 9.82
C CYS A 361 6.74 7.69 8.53
N ILE A 362 7.42 7.19 7.50
CA ILE A 362 7.44 7.87 6.23
C ILE A 362 6.08 7.69 5.55
N GLU A 363 5.49 6.50 5.67
CA GLU A 363 4.17 6.33 5.15
C GLU A 363 3.24 7.34 5.76
N ALA A 364 3.37 7.55 7.07
CA ALA A 364 2.46 8.45 7.78
C ALA A 364 2.66 9.90 7.37
N VAL A 365 3.90 10.33 7.19
CA VAL A 365 4.20 11.63 6.63
C VAL A 365 3.63 11.82 5.21
N ASP A 366 3.85 10.83 4.35
CA ASP A 366 3.36 10.85 2.97
C ASP A 366 1.85 10.93 2.86
N ARG A 367 1.17 10.17 3.72
CA ARG A 367 -0.29 10.19 3.73
C ARG A 367 -0.81 11.60 4.05
N LEU A 368 -0.06 12.37 4.84
CA LEU A 368 -0.46 13.74 5.14
C LEU A 368 0.02 14.72 4.10
N MET A 369 1.27 14.62 3.68
CA MET A 369 1.78 15.54 2.68
C MET A 369 0.93 15.49 1.42
N ALA A 370 0.30 14.37 1.20
CA ALA A 370 -0.46 14.20 -0.02
C ALA A 370 -1.84 14.88 0.02
N ALA A 371 -2.29 15.31 1.20
CA ALA A 371 -3.53 16.03 1.29
C ALA A 371 -3.25 17.51 1.61
N ALA A 372 -1.96 17.86 1.57
CA ALA A 372 -1.47 19.13 2.01
C ALA A 372 -1.69 20.27 1.02
N GLY A 373 -1.84 19.94 -0.24
CA GLY A 373 -2.07 20.97 -1.26
C GLY A 373 -0.82 21.72 -1.62
N ALA A 374 -0.87 22.46 -2.70
CA ALA A 374 0.29 23.15 -3.27
C ALA A 374 1.02 24.11 -2.33
N THR A 375 0.28 24.78 -1.45
CA THR A 375 0.87 25.78 -0.56
C THR A 375 1.92 25.16 0.36
N SER A 376 1.77 23.87 0.64
CA SER A 376 2.64 23.11 1.54
C SER A 376 4.01 22.85 0.94
N PHE A 377 4.19 23.18 -0.32
CA PHE A 377 5.46 22.93 -1.00
C PHE A 377 6.27 24.18 -1.19
N MET A 378 5.73 25.30 -0.68
CA MET A 378 6.43 26.57 -0.66
C MET A 378 7.57 26.56 0.33
N ASP A 379 8.62 27.35 0.08
CA ASP A 379 9.73 27.48 1.03
C ASP A 379 9.31 27.95 2.42
N ASN A 380 8.32 28.84 2.46
CA ASN A 380 7.84 29.34 3.73
C ASN A 380 6.89 28.42 4.52
N SER A 381 6.73 27.17 4.09
CA SER A 381 5.89 26.20 4.81
C SER A 381 6.73 25.13 5.46
N GLU A 382 6.39 24.79 6.70
CA GLU A 382 7.14 23.81 7.47
C GLU A 382 7.00 22.40 6.91
N LEU A 383 5.84 22.12 6.28
CA LEU A 383 5.48 20.75 5.92
C LEU A 383 6.51 20.17 4.97
N GLN A 384 6.81 20.97 3.95
CA GLN A 384 7.80 20.69 2.95
C GLN A 384 9.17 20.30 3.53
N ARG A 385 9.61 20.94 4.59
CA ARG A 385 10.86 20.54 5.23
C ARG A 385 10.71 19.23 5.97
N LEU A 386 9.54 19.01 6.58
CA LEU A 386 9.36 17.82 7.38
C LEU A 386 9.32 16.66 6.44
N PHE A 387 8.65 16.87 5.31
CA PHE A 387 8.48 15.85 4.29
C PHE A 387 9.82 15.48 3.71
N ARG A 388 10.65 16.45 3.41
CA ARG A 388 11.99 16.15 2.91
C ARG A 388 12.83 15.39 3.91
N ASP A 389 12.95 15.94 5.10
CA ASP A 389 13.73 15.32 6.18
C ASP A 389 13.28 13.92 6.55
N ALA A 390 11.98 13.71 6.54
CA ALA A 390 11.43 12.41 6.82
C ALA A 390 11.98 11.39 5.83
N HIS A 391 11.92 11.73 4.54
CA HIS A 391 12.41 10.86 3.47
C HIS A 391 13.88 10.61 3.56
N MET A 392 14.61 11.63 4.01
CA MET A 392 16.05 11.49 4.10
C MET A 392 16.40 10.39 5.10
N THR A 393 15.58 10.23 6.15
CA THR A 393 15.88 9.29 7.23
C THR A 393 15.81 7.86 6.76
N GLY A 394 15.04 7.59 5.72
CA GLY A 394 15.02 6.24 5.16
C GLY A 394 16.12 6.03 4.10
N ALA A 395 17.00 7.00 3.90
CA ALA A 395 18.01 6.81 2.85
C ALA A 395 19.39 6.45 3.41
N HIS A 396 19.49 6.40 4.71
CA HIS A 396 20.73 6.01 5.30
C HIS A 396 20.91 4.50 5.12
N ALA A 397 22.16 4.09 5.15
CA ALA A 397 22.48 2.71 4.88
C ALA A 397 21.87 1.80 5.92
N TYR A 398 21.69 2.29 7.12
CA TYR A 398 21.29 1.43 8.25
C TYR A 398 19.79 1.26 8.31
N THR A 399 19.09 2.20 7.67
CA THR A 399 17.64 2.19 7.63
C THR A 399 17.03 1.64 6.34
N ASP A 400 17.86 1.33 5.33
CA ASP A 400 17.33 0.73 4.11
C ASP A 400 16.58 -0.56 4.45
N TYR A 401 15.26 -0.54 4.25
CA TYR A 401 14.45 -1.69 4.55
C TYR A 401 14.64 -2.90 3.64
N ASP A 402 14.89 -2.71 2.35
CA ASP A 402 15.15 -3.89 1.55
C ASP A 402 16.24 -4.79 2.17
N VAL A 403 17.34 -4.19 2.62
CA VAL A 403 18.46 -4.88 3.25
C VAL A 403 17.99 -5.47 4.57
N CYS A 404 17.22 -4.69 5.33
CA CYS A 404 16.73 -5.22 6.57
C CYS A 404 15.79 -6.39 6.44
N ALA A 405 14.88 -6.37 5.49
CA ALA A 405 13.99 -7.49 5.39
C ALA A 405 14.82 -8.73 5.10
N GLN A 406 15.90 -8.59 4.33
CA GLN A 406 16.68 -9.76 4.01
C GLN A 406 17.42 -10.27 5.25
N ILE A 407 17.81 -9.35 6.10
CA ILE A 407 18.57 -9.72 7.28
C ILE A 407 17.65 -10.52 8.19
N LEU A 408 16.57 -9.89 8.61
CA LEU A 408 15.61 -10.55 9.47
C LEU A 408 15.13 -11.86 8.87
N GLY A 409 14.74 -11.83 7.61
CA GLY A 409 14.23 -13.02 6.94
C GLY A 409 15.13 -14.21 7.03
N ARG A 410 16.41 -14.01 6.67
CA ARG A 410 17.43 -15.06 6.74
C ARG A 410 17.58 -15.62 8.14
N GLU A 411 17.53 -14.74 9.13
CA GLU A 411 17.57 -15.17 10.52
C GLU A 411 16.38 -16.03 10.93
N LEU A 412 15.18 -15.61 10.57
CA LEU A 412 13.98 -16.33 10.94
C LEU A 412 13.95 -17.70 10.32
N MET A 413 14.46 -17.86 9.11
CA MET A 413 14.50 -19.17 8.47
C MET A 413 15.75 -19.99 8.86
N GLY A 414 16.55 -19.41 9.75
CA GLY A 414 17.72 -20.08 10.29
C GLY A 414 18.82 -20.21 9.28
N MET A 415 18.99 -19.19 8.45
CA MET A 415 20.04 -19.22 7.44
C MET A 415 21.28 -18.48 7.93
N GLU A 416 22.44 -18.92 7.43
CA GLU A 416 23.67 -18.16 7.60
C GLU A 416 23.49 -16.73 7.08
N PRO A 417 24.07 -15.74 7.77
CA PRO A 417 23.93 -14.35 7.29
C PRO A 417 24.59 -14.11 5.92
N ASP A 418 24.09 -13.12 5.18
CA ASP A 418 24.66 -12.75 3.88
C ASP A 418 25.78 -11.73 4.08
N PRO A 419 27.03 -12.12 3.79
CA PRO A 419 28.15 -11.17 4.03
C PRO A 419 28.12 -9.96 3.06
N THR A 420 27.17 -9.98 2.12
CA THR A 420 26.90 -8.92 1.16
C THR A 420 26.24 -7.67 1.78
N MET A 421 25.66 -7.84 2.95
CA MET A 421 24.99 -6.76 3.67
C MET A 421 25.25 -6.99 5.13
N VAL A 422 24.93 -6.00 5.96
CA VAL A 422 25.27 -6.05 7.40
C VAL A 422 24.48 -5.00 8.15
N ARG B 24 14.71 -10.66 29.04
CA ARG B 24 14.59 -10.29 27.58
C ARG B 24 13.16 -10.31 26.96
N LEU B 25 12.82 -9.29 26.18
CA LEU B 25 11.49 -9.20 25.56
C LEU B 25 11.32 -10.16 24.37
N VAL B 26 10.07 -10.37 23.99
CA VAL B 26 9.73 -11.26 22.89
C VAL B 26 8.82 -10.46 21.95
N TYR B 27 9.13 -10.52 20.64
CA TYR B 27 8.49 -9.66 19.67
C TYR B 27 7.37 -10.36 18.89
N THR B 28 7.51 -11.68 18.80
CA THR B 28 6.72 -12.53 17.89
C THR B 28 5.56 -13.23 18.58
N HIS B 29 5.48 -13.09 19.89
CA HIS B 29 4.41 -13.72 20.66
C HIS B 29 4.34 -13.29 22.13
N ALA B 30 3.29 -13.78 22.78
CA ALA B 30 3.03 -13.51 24.19
C ALA B 30 4.19 -14.01 25.04
N GLN B 31 4.61 -13.19 26.01
CA GLN B 31 5.66 -13.62 26.91
C GLN B 31 5.01 -14.28 28.12
N THR B 32 5.57 -15.42 28.56
CA THR B 32 4.97 -16.13 29.68
C THR B 32 5.19 -15.39 31.01
N PRO B 33 4.09 -14.91 31.62
CA PRO B 33 4.26 -14.25 32.91
C PRO B 33 4.86 -15.28 33.85
N ASP B 34 6.18 -15.24 34.02
CA ASP B 34 6.82 -16.07 35.06
C ASP B 34 6.25 -15.61 36.41
N VAL B 35 5.54 -16.53 37.05
CA VAL B 35 4.92 -16.28 38.33
C VAL B 35 5.15 -17.57 39.12
N SER B 36 5.39 -17.44 40.41
CA SER B 36 5.29 -18.58 41.33
C SER B 36 3.78 -18.83 41.40
N GLY B 37 3.40 -20.09 41.16
CA GLY B 37 2.03 -20.45 40.75
C GLY B 37 1.91 -20.29 39.24
N VAL B 38 1.53 -21.37 38.55
CA VAL B 38 1.51 -21.41 37.07
C VAL B 38 0.35 -20.63 36.47
N SER B 39 0.63 -20.00 35.33
CA SER B 39 -0.23 -18.98 34.77
C SER B 39 -1.34 -19.59 33.95
N MET B 40 -2.39 -18.82 33.72
CA MET B 40 -3.45 -19.24 32.82
C MET B 40 -2.88 -19.54 31.41
N LEU B 41 -1.86 -18.78 31.01
CA LEU B 41 -1.36 -18.87 29.65
C LEU B 41 -0.63 -20.17 29.40
N GLU B 42 0.08 -20.66 30.42
CA GLU B 42 0.74 -21.96 30.33
C GLU B 42 -0.32 -23.05 30.24
N LYS B 43 -1.34 -22.94 31.10
CA LYS B 43 -2.48 -23.87 31.09
C LYS B 43 -3.12 -23.92 29.72
N ILE B 44 -3.23 -22.77 29.05
CA ILE B 44 -3.70 -22.74 27.69
C ILE B 44 -2.74 -23.49 26.79
N GLN B 45 -1.45 -23.16 26.91
CA GLN B 45 -0.43 -23.75 26.06
C GLN B 45 -0.38 -25.29 26.10
N GLN B 46 -0.71 -25.87 27.23
CA GLN B 46 -0.71 -27.33 27.35
C GLN B 46 -1.85 -27.97 26.58
N ILE B 47 -2.99 -27.28 26.50
CA ILE B 47 -4.18 -27.85 25.86
C ILE B 47 -4.31 -27.42 24.39
N LEU B 48 -3.35 -26.62 23.93
CA LEU B 48 -3.39 -26.11 22.56
C LEU B 48 -3.32 -27.20 21.47
N PRO B 49 -2.49 -28.24 21.68
CA PRO B 49 -2.49 -29.31 20.69
C PRO B 49 -3.88 -29.91 20.45
N GLN B 50 -4.60 -30.23 21.52
CA GLN B 50 -5.95 -30.81 21.39
C GLN B 50 -6.86 -29.87 20.61
N ILE B 51 -6.89 -28.60 21.00
CA ILE B 51 -7.71 -27.60 20.33
C ILE B 51 -7.40 -27.62 18.85
N ALA B 52 -6.11 -27.55 18.52
CA ALA B 52 -5.64 -27.53 17.15
C ALA B 52 -6.10 -28.74 16.34
N LYS B 53 -6.16 -29.91 16.99
CA LYS B 53 -6.52 -31.15 16.29
C LYS B 53 -8.03 -31.23 16.01
N ASN B 54 -8.83 -30.53 16.81
CA ASN B 54 -10.26 -30.49 16.61
C ASN B 54 -10.67 -29.41 15.62
N ALA B 55 -9.76 -28.48 15.37
CA ALA B 55 -9.99 -27.35 14.45
C ALA B 55 -10.72 -27.72 13.16
N GLU B 56 -10.28 -28.81 12.51
CA GLU B 56 -10.87 -29.24 11.24
C GLU B 56 -12.32 -29.75 11.41
N SER B 57 -12.56 -30.58 12.41
CA SER B 57 -13.91 -31.05 12.68
C SER B 57 -14.78 -29.99 13.34
N ALA B 58 -14.15 -28.95 13.89
CA ALA B 58 -14.87 -27.80 14.43
C ALA B 58 -15.45 -26.95 13.31
N GLU B 59 -14.68 -26.84 12.22
CA GLU B 59 -15.10 -26.08 11.04
C GLU B 59 -16.39 -26.70 10.44
N GLN B 60 -16.40 -28.02 10.31
CA GLN B 60 -17.57 -28.69 9.78
C GLN B 60 -18.72 -28.76 10.75
N LEU B 61 -18.47 -28.48 12.03
CA LEU B 61 -19.52 -28.57 13.04
C LEU B 61 -20.27 -27.26 13.15
N ARG B 62 -19.61 -26.18 12.74
CA ARG B 62 -20.18 -24.82 12.74
C ARG B 62 -20.48 -24.28 14.15
N ARG B 63 -19.79 -24.83 15.14
CA ARG B 63 -19.83 -24.35 16.52
C ARG B 63 -18.60 -24.91 17.25
N VAL B 64 -18.42 -24.54 18.51
CA VAL B 64 -17.28 -25.04 19.27
C VAL B 64 -17.56 -26.46 19.72
N PRO B 65 -16.64 -27.40 19.42
CA PRO B 65 -16.89 -28.79 19.80
C PRO B 65 -16.98 -28.95 21.32
N ASP B 66 -17.79 -29.88 21.80
CA ASP B 66 -18.02 -30.00 23.22
C ASP B 66 -16.71 -30.16 23.99
N GLU B 67 -15.76 -30.87 23.38
CA GLU B 67 -14.47 -31.13 23.98
C GLU B 67 -13.78 -29.80 24.34
N ASN B 68 -13.65 -28.92 23.35
CA ASN B 68 -13.00 -27.63 23.54
C ASN B 68 -13.57 -26.83 24.71
N ILE B 69 -14.89 -26.73 24.78
CA ILE B 69 -15.54 -26.02 25.87
C ILE B 69 -15.11 -26.63 27.19
N LYS B 70 -15.21 -27.96 27.25
CA LYS B 70 -14.92 -28.73 28.46
C LYS B 70 -13.48 -28.54 28.91
N LEU B 71 -12.54 -28.58 27.98
CA LEU B 71 -11.12 -28.35 28.29
C LEU B 71 -10.89 -26.95 28.86
N LEU B 72 -11.37 -25.94 28.15
CA LEU B 72 -11.21 -24.54 28.53
C LEU B 72 -11.88 -24.18 29.84
N LYS B 73 -13.09 -24.69 30.05
CA LYS B 73 -13.78 -24.48 31.32
C LYS B 73 -13.04 -25.17 32.47
N GLU B 74 -12.47 -26.34 32.19
CA GLU B 74 -11.72 -27.12 33.17
C GLU B 74 -10.54 -26.33 33.74
N ILE B 75 -9.83 -25.60 32.89
CA ILE B 75 -8.72 -24.77 33.36
C ILE B 75 -9.23 -23.46 33.98
N GLY B 76 -10.54 -23.25 33.87
CA GLY B 76 -11.20 -22.16 34.56
C GLY B 76 -11.22 -20.85 33.81
N LEU B 77 -10.81 -20.86 32.55
CA LEU B 77 -10.72 -19.64 31.76
C LEU B 77 -12.01 -18.82 31.76
N HIS B 78 -13.15 -19.48 31.64
CA HIS B 78 -14.44 -18.77 31.58
C HIS B 78 -14.73 -17.88 32.79
N ARG B 79 -13.95 -18.07 33.86
CA ARG B 79 -14.12 -17.29 35.09
C ARG B 79 -13.07 -16.19 35.17
N ALA B 80 -12.51 -15.85 34.01
CA ALA B 80 -11.52 -14.80 33.88
C ALA B 80 -12.02 -13.48 34.42
N PHE B 81 -13.22 -13.09 34.06
CA PHE B 81 -13.73 -11.81 34.51
C PHE B 81 -14.87 -11.89 35.51
N GLN B 82 -15.19 -13.11 35.96
CA GLN B 82 -16.17 -13.31 37.00
C GLN B 82 -15.65 -12.68 38.31
N PRO B 83 -16.53 -11.96 39.04
CA PRO B 83 -16.10 -11.41 40.32
C PRO B 83 -15.61 -12.50 41.28
N LYS B 84 -14.68 -12.12 42.16
CA LYS B 84 -14.02 -13.08 43.04
C LYS B 84 -14.99 -13.68 44.00
N VAL B 85 -15.93 -12.86 44.47
CA VAL B 85 -16.91 -13.34 45.45
C VAL B 85 -17.69 -14.58 44.97
N TYR B 86 -17.80 -14.75 43.65
CA TYR B 86 -18.46 -15.95 43.09
C TYR B 86 -17.48 -17.05 42.69
N GLY B 87 -16.20 -16.79 42.88
CA GLY B 87 -15.18 -17.78 42.62
C GLY B 87 -14.43 -17.51 41.35
N GLY B 88 -14.44 -16.25 40.92
CA GLY B 88 -13.75 -15.83 39.69
C GLY B 88 -12.29 -15.46 39.87
N LEU B 89 -11.59 -15.28 38.75
CA LEU B 89 -10.17 -15.00 38.83
C LEU B 89 -9.87 -13.50 38.84
N GLU B 90 -10.68 -12.75 38.12
CA GLU B 90 -10.45 -11.32 37.85
C GLU B 90 -9.08 -11.04 37.22
N MET B 91 -8.83 -11.69 36.08
CA MET B 91 -7.60 -11.49 35.31
C MET B 91 -7.50 -10.07 34.80
N SER B 92 -6.29 -9.53 34.79
CA SER B 92 -6.07 -8.26 34.11
C SER B 92 -6.35 -8.44 32.61
N LEU B 93 -6.73 -7.36 31.94
CA LEU B 93 -6.94 -7.43 30.49
C LEU B 93 -5.76 -8.03 29.72
N PRO B 94 -4.54 -7.50 29.94
CA PRO B 94 -3.41 -8.06 29.21
C PRO B 94 -3.33 -9.59 29.29
N ASP B 95 -3.39 -10.11 30.50
CA ASP B 95 -3.24 -11.55 30.71
C ASP B 95 -4.31 -12.31 29.98
N PHE B 96 -5.53 -11.77 29.98
CA PHE B 96 -6.63 -12.45 29.32
C PHE B 96 -6.48 -12.38 27.81
N ALA B 97 -6.32 -11.16 27.31
CA ALA B 97 -6.10 -10.93 25.86
C ALA B 97 -5.13 -11.93 25.29
N ASN B 98 -3.98 -12.05 25.94
CA ASN B 98 -2.93 -12.96 25.52
C ASN B 98 -3.29 -14.45 25.50
N CYS B 99 -4.29 -14.83 26.29
CA CYS B 99 -4.78 -16.20 26.29
C CYS B 99 -5.59 -16.38 25.04
N ILE B 100 -6.41 -15.39 24.73
CA ILE B 100 -7.21 -15.45 23.52
C ILE B 100 -6.30 -15.46 22.28
N VAL B 101 -5.28 -14.61 22.26
CA VAL B 101 -4.36 -14.56 21.14
C VAL B 101 -3.78 -15.95 20.95
N THR B 102 -3.27 -16.53 22.03
CA THR B 102 -2.64 -17.83 21.95
C THR B 102 -3.64 -18.86 21.48
N LEU B 103 -4.84 -18.82 22.05
CA LEU B 103 -5.90 -19.74 21.68
C LEU B 103 -6.27 -19.63 20.21
N ALA B 104 -6.31 -18.40 19.70
CA ALA B 104 -6.80 -18.13 18.36
C ALA B 104 -5.90 -18.80 17.34
N GLY B 105 -4.64 -18.98 17.73
CA GLY B 105 -3.63 -19.64 16.90
C GLY B 105 -4.02 -21.07 16.54
N ALA B 106 -4.79 -21.71 17.40
CA ALA B 106 -5.17 -23.10 17.18
C ALA B 106 -6.55 -23.26 16.56
N CYS B 107 -7.54 -22.52 17.06
CA CYS B 107 -8.86 -22.45 16.42
C CYS B 107 -9.48 -21.07 16.64
N ALA B 108 -9.41 -20.21 15.61
CA ALA B 108 -9.92 -18.83 15.67
C ALA B 108 -11.34 -18.76 16.20
N GLY B 109 -12.21 -19.56 15.59
CA GLY B 109 -13.61 -19.63 15.95
C GLY B 109 -13.81 -19.96 17.40
N THR B 110 -13.04 -20.93 17.92
CA THR B 110 -13.13 -21.27 19.34
C THR B 110 -12.73 -20.06 20.17
N ALA B 111 -11.52 -19.55 19.91
CA ALA B 111 -10.97 -18.39 20.62
C ALA B 111 -11.92 -17.22 20.65
N TRP B 112 -12.51 -16.92 19.50
CA TRP B 112 -13.44 -15.83 19.33
C TRP B 112 -14.68 -16.06 20.18
N ALA B 113 -15.32 -17.20 19.95
CA ALA B 113 -16.54 -17.53 20.65
C ALA B 113 -16.30 -17.51 22.16
N PHE B 114 -15.21 -18.15 22.56
CA PHE B 114 -14.95 -18.32 23.98
C PHE B 114 -14.54 -17.00 24.61
N SER B 115 -13.88 -16.17 23.84
CA SER B 115 -13.53 -14.87 24.36
C SER B 115 -14.80 -14.15 24.75
N LEU B 116 -15.77 -14.17 23.86
CA LEU B 116 -17.05 -13.52 24.12
C LEU B 116 -17.74 -14.05 25.37
N LEU B 117 -17.86 -15.36 25.48
CA LEU B 117 -18.47 -15.97 26.65
C LEU B 117 -17.80 -15.46 27.92
N CYS B 118 -16.49 -15.27 27.84
CA CYS B 118 -15.72 -14.78 28.97
C CYS B 118 -16.01 -13.33 29.30
N THR B 119 -15.82 -12.45 28.29
CA THR B 119 -15.93 -10.99 28.49
C THR B 119 -17.35 -10.54 28.91
N HIS B 120 -18.32 -11.42 28.66
CA HIS B 120 -19.68 -11.12 29.05
C HIS B 120 -19.84 -11.08 30.56
N SER B 121 -19.09 -11.91 31.30
CA SER B 121 -19.16 -11.88 32.77
C SER B 121 -18.73 -10.52 33.34
N HIS B 122 -17.78 -9.85 32.67
CA HIS B 122 -17.29 -8.53 33.10
C HIS B 122 -18.41 -7.52 33.07
N GLN B 123 -19.39 -7.76 32.20
CA GLN B 123 -20.54 -6.89 32.03
C GLN B 123 -21.61 -7.23 33.06
N ILE B 124 -21.94 -8.51 33.12
CA ILE B 124 -22.88 -9.03 34.08
C ILE B 124 -22.52 -8.50 35.48
N ALA B 125 -21.21 -8.31 35.68
CA ALA B 125 -20.67 -7.85 36.97
C ALA B 125 -21.08 -6.42 37.34
N MET B 126 -21.66 -5.73 36.38
CA MET B 126 -22.12 -4.35 36.57
C MET B 126 -23.64 -4.28 36.76
N PHE B 127 -24.30 -5.42 36.65
CA PHE B 127 -25.73 -5.49 36.85
C PHE B 127 -26.03 -5.54 38.36
N SER B 128 -27.31 -5.62 38.73
CA SER B 128 -27.69 -5.66 40.13
C SER B 128 -27.06 -6.84 40.85
N LYS B 129 -26.78 -6.69 42.13
CA LYS B 129 -26.32 -7.82 42.93
C LYS B 129 -27.29 -8.99 42.80
N GLN B 130 -28.58 -8.69 42.72
CA GLN B 130 -29.63 -9.72 42.62
C GLN B 130 -29.50 -10.59 41.39
N LEU B 131 -29.13 -9.98 40.27
CA LEU B 131 -29.00 -10.70 39.02
C LEU B 131 -27.82 -11.66 39.08
N GLN B 132 -26.65 -11.14 39.42
CA GLN B 132 -25.46 -11.94 39.58
C GLN B 132 -25.72 -13.11 40.55
N ASP B 133 -26.34 -12.80 41.68
CA ASP B 133 -26.72 -13.85 42.63
C ASP B 133 -27.57 -14.94 41.97
N GLU B 134 -28.49 -14.51 41.11
CA GLU B 134 -29.42 -15.40 40.42
C GLU B 134 -28.67 -16.31 39.43
N ILE B 135 -27.77 -15.72 38.67
CA ILE B 135 -27.01 -16.49 37.71
C ILE B 135 -26.05 -17.47 38.41
N TRP B 136 -25.22 -16.95 39.32
CA TRP B 136 -23.99 -17.67 39.74
C TRP B 136 -24.07 -18.44 41.06
N LEU B 137 -24.71 -17.89 42.07
CA LEU B 137 -24.90 -18.66 43.30
C LEU B 137 -25.55 -19.99 42.98
N LYS B 138 -26.42 -19.97 41.96
CA LYS B 138 -27.11 -21.13 41.42
C LYS B 138 -26.14 -22.04 40.64
N ASP B 139 -25.45 -21.47 39.66
CA ASP B 139 -24.42 -22.19 38.91
C ASP B 139 -23.21 -21.29 38.62
N PRO B 140 -22.07 -21.59 39.30
CA PRO B 140 -20.88 -20.74 39.24
C PRO B 140 -20.16 -20.81 37.89
N ASP B 141 -20.50 -21.82 37.07
CA ASP B 141 -19.87 -21.98 35.75
C ASP B 141 -20.70 -21.42 34.60
N ALA B 142 -21.88 -20.89 34.93
CA ALA B 142 -22.80 -20.35 33.94
C ALA B 142 -22.16 -19.18 33.18
N THR B 143 -22.40 -19.11 31.87
CA THR B 143 -21.93 -17.99 31.06
C THR B 143 -23.05 -17.47 30.15
N ALA B 144 -22.80 -16.34 29.49
CA ALA B 144 -23.76 -15.73 28.59
C ALA B 144 -23.17 -15.47 27.23
N SER B 145 -23.97 -15.71 26.20
CA SER B 145 -23.67 -15.21 24.86
C SER B 145 -24.42 -13.87 24.68
N SER B 146 -24.27 -13.23 23.53
CA SER B 146 -24.92 -11.94 23.32
C SER B 146 -25.42 -11.73 21.91
N SER B 147 -26.28 -10.72 21.80
CA SER B 147 -26.65 -10.08 20.55
C SER B 147 -27.03 -8.63 20.90
N ILE B 148 -26.07 -7.73 20.68
CA ILE B 148 -26.14 -6.35 21.19
C ILE B 148 -26.83 -5.35 20.26
N ALA B 149 -26.71 -5.56 18.94
CA ALA B 149 -27.45 -4.78 17.94
C ALA B 149 -28.96 -4.75 18.28
N PRO B 150 -29.49 -3.54 18.52
CA PRO B 150 -30.84 -3.28 19.03
C PRO B 150 -32.01 -3.49 18.03
N PHE B 151 -32.18 -4.71 17.52
CA PHE B 151 -33.26 -4.94 16.55
C PHE B 151 -34.63 -5.04 17.22
N GLY B 152 -34.65 -5.36 18.50
CA GLY B 152 -35.90 -5.70 19.18
C GLY B 152 -36.95 -4.61 19.19
N LYS B 153 -38.19 -5.02 18.99
CA LYS B 153 -39.33 -4.14 19.28
C LYS B 153 -39.67 -4.30 20.77
N VAL B 154 -39.85 -3.16 21.44
CA VAL B 154 -39.97 -3.14 22.91
C VAL B 154 -41.23 -2.43 23.39
N GLU B 155 -42.06 -3.16 24.12
CA GLU B 155 -43.25 -2.63 24.77
C GLU B 155 -42.99 -2.43 26.25
N GLU B 156 -43.22 -1.20 26.75
CA GLU B 156 -43.08 -0.92 28.17
C GLU B 156 -44.31 -1.43 28.88
N VAL B 157 -44.18 -2.56 29.55
CA VAL B 157 -45.19 -3.00 30.50
C VAL B 157 -44.71 -2.52 31.87
N GLU B 158 -45.53 -2.64 32.90
CA GLU B 158 -45.12 -2.21 34.22
C GLU B 158 -44.29 -3.29 34.93
N GLY B 159 -43.16 -2.87 35.50
CA GLY B 159 -42.21 -3.81 36.09
C GLY B 159 -41.04 -4.15 35.17
N GLY B 160 -41.14 -3.75 33.91
CA GLY B 160 -40.14 -4.07 32.91
C GLY B 160 -40.65 -3.93 31.48
N ILE B 161 -40.15 -4.80 30.60
CA ILE B 161 -40.52 -4.74 29.18
C ILE B 161 -40.90 -6.11 28.63
N ILE B 162 -41.61 -6.09 27.51
CA ILE B 162 -41.72 -7.25 26.63
C ILE B 162 -40.92 -7.02 25.34
N LEU B 163 -40.05 -7.96 25.02
CA LEU B 163 -39.19 -7.83 23.86
C LEU B 163 -39.50 -8.91 22.83
N ASN B 164 -39.52 -8.51 21.56
CA ASN B 164 -39.66 -9.42 20.44
C ASN B 164 -38.65 -9.10 19.37
N GLY B 165 -38.12 -10.12 18.72
CA GLY B 165 -37.16 -9.89 17.64
C GLY B 165 -36.25 -11.04 17.28
N ASP B 166 -35.67 -10.98 16.09
CA ASP B 166 -34.67 -11.93 15.68
C ASP B 166 -33.31 -11.31 15.95
N TYR B 167 -32.55 -11.96 16.82
CA TYR B 167 -31.26 -11.42 17.27
C TYR B 167 -30.10 -12.19 16.69
N GLY B 168 -29.54 -11.66 15.61
CA GLY B 168 -28.47 -12.33 14.89
C GLY B 168 -27.15 -12.42 15.62
N TRP B 169 -26.32 -13.36 15.17
CA TRP B 169 -24.89 -13.35 15.47
C TRP B 169 -24.65 -13.51 16.96
N SER B 170 -24.87 -14.71 17.49
CA SER B 170 -24.60 -14.92 18.89
C SER B 170 -23.54 -16.00 19.07
N SER B 171 -22.28 -15.61 18.92
CA SER B 171 -21.13 -16.51 19.09
C SER B 171 -21.26 -17.28 20.41
N GLY B 172 -21.06 -18.59 20.33
CA GLY B 172 -21.08 -19.50 21.48
C GLY B 172 -22.45 -19.73 22.11
N CYS B 173 -23.49 -19.21 21.46
CA CYS B 173 -24.83 -19.24 22.04
C CYS B 173 -25.30 -20.66 22.40
N ASP B 174 -24.74 -21.67 21.73
CA ASP B 174 -25.05 -23.07 22.02
C ASP B 174 -24.55 -23.51 23.40
N HIS B 175 -23.48 -22.86 23.86
CA HIS B 175 -22.83 -23.24 25.11
C HIS B 175 -23.15 -22.31 26.27
N ALA B 176 -24.08 -21.38 26.04
CA ALA B 176 -24.46 -20.41 27.05
C ALA B 176 -25.75 -20.77 27.79
N GLU B 177 -25.84 -20.33 29.03
CA GLU B 177 -27.05 -20.48 29.84
C GLU B 177 -27.90 -19.21 29.82
N TYR B 178 -27.29 -18.08 29.46
CA TYR B 178 -28.00 -16.81 29.35
C TYR B 178 -27.60 -16.07 28.10
N ALA B 179 -28.41 -15.10 27.71
CA ALA B 179 -27.97 -14.20 26.67
C ALA B 179 -28.17 -12.76 27.11
N ILE B 180 -27.20 -11.93 26.73
CA ILE B 180 -27.31 -10.50 26.89
C ILE B 180 -27.79 -9.93 25.57
N VAL B 181 -28.78 -9.06 25.66
CA VAL B 181 -29.53 -8.65 24.50
C VAL B 181 -29.73 -7.15 24.51
N GLY B 182 -29.48 -6.51 23.36
CA GLY B 182 -29.49 -5.05 23.28
C GLY B 182 -30.79 -4.55 22.69
N PHE B 183 -31.25 -3.37 23.13
CA PHE B 183 -32.48 -2.77 22.63
C PHE B 183 -32.58 -1.32 23.05
N ASN B 184 -33.48 -0.57 22.41
CA ASN B 184 -33.67 0.84 22.72
C ASN B 184 -34.97 1.09 23.46
N ARG B 185 -34.87 1.86 24.54
CA ARG B 185 -36.03 2.34 25.25
C ARG B 185 -36.14 3.85 25.02
N PHE B 186 -37.29 4.40 25.40
CA PHE B 186 -37.58 5.81 25.22
C PHE B 186 -38.12 6.39 26.53
N ASP B 187 -37.82 7.69 26.74
CA ASP B 187 -37.89 8.31 28.07
C ASP B 187 -39.14 9.18 28.27
N ALA B 188 -39.14 10.45 27.79
CA ALA B 188 -40.33 11.36 27.69
C ALA B 188 -40.29 12.00 26.30
N ASP B 189 -39.10 12.47 25.91
CA ASP B 189 -38.95 13.06 24.60
C ASP B 189 -38.59 11.94 23.59
N GLY B 190 -39.37 10.77 23.86
CA GLY B 190 -38.98 9.53 23.10
C GLY B 190 -37.56 9.52 22.55
N ASN B 191 -36.57 9.74 23.41
CA ASN B 191 -35.15 9.64 22.99
C ASN B 191 -34.67 8.22 23.15
N LYS B 192 -33.68 7.81 22.36
CA LYS B 192 -33.14 6.47 22.51
C LYS B 192 -32.44 6.36 23.86
N ILE B 193 -32.83 5.35 24.64
CA ILE B 193 -32.02 4.91 25.77
C ILE B 193 -31.57 3.49 25.47
N TYR B 194 -30.30 3.33 25.11
CA TYR B 194 -29.74 2.04 24.72
C TYR B 194 -29.48 1.17 25.95
N SER B 195 -30.18 0.04 26.02
CA SER B 195 -30.17 -0.84 27.20
C SER B 195 -29.88 -2.29 26.85
N PHE B 196 -29.41 -3.05 27.86
CA PHE B 196 -29.16 -4.47 27.74
C PHE B 196 -30.06 -5.22 28.69
N GLY B 197 -30.47 -6.42 28.28
CA GLY B 197 -31.23 -7.30 29.16
C GLY B 197 -30.62 -8.68 29.18
N VAL B 198 -30.49 -9.23 30.39
CA VAL B 198 -30.02 -10.61 30.53
C VAL B 198 -31.20 -11.55 30.67
N ILE B 199 -31.22 -12.57 29.82
CA ILE B 199 -32.35 -13.51 29.75
C ILE B 199 -31.89 -14.95 29.77
N PRO B 200 -32.65 -15.82 30.46
CA PRO B 200 -32.33 -17.24 30.56
C PRO B 200 -32.58 -18.00 29.27
N ARG B 201 -31.76 -19.03 29.07
CA ARG B 201 -31.77 -19.87 27.89
C ARG B 201 -33.16 -20.41 27.56
N SER B 202 -34.01 -20.57 28.57
CA SER B 202 -35.37 -21.05 28.32
C SER B 202 -36.24 -20.03 27.56
N ASP B 203 -35.88 -18.76 27.64
CA ASP B 203 -36.71 -17.68 27.09
C ASP B 203 -36.53 -17.43 25.58
N TYR B 204 -35.68 -18.23 24.93
CA TYR B 204 -35.40 -18.02 23.52
C TYR B 204 -34.96 -19.27 22.78
N GLU B 205 -35.27 -19.30 21.49
CA GLU B 205 -34.86 -20.41 20.62
C GLU B 205 -33.60 -20.04 19.86
N ILE B 206 -32.68 -20.99 19.81
CA ILE B 206 -31.52 -20.82 18.93
C ILE B 206 -31.91 -21.31 17.54
N VAL B 207 -31.88 -20.40 16.56
CA VAL B 207 -32.11 -20.74 15.15
C VAL B 207 -30.75 -20.89 14.49
N ASP B 208 -30.57 -22.03 13.82
CA ASP B 208 -29.31 -22.39 13.19
C ASP B 208 -29.27 -21.99 11.71
N ASN B 209 -28.97 -20.71 11.51
CA ASN B 209 -28.84 -20.10 10.19
C ASN B 209 -27.39 -19.73 9.96
N TRP B 210 -26.49 -20.29 10.76
CA TRP B 210 -25.08 -19.91 10.71
C TRP B 210 -24.31 -20.68 9.64
N TYR B 211 -24.38 -20.18 8.40
CA TYR B 211 -23.61 -20.74 7.29
C TYR B 211 -22.72 -19.64 6.77
N ALA B 212 -21.49 -19.66 7.25
CA ALA B 212 -20.49 -18.61 6.97
C ALA B 212 -19.32 -19.14 6.14
N GLN B 213 -18.43 -18.23 5.74
CA GLN B 213 -17.21 -18.63 5.06
C GLN B 213 -15.96 -18.35 5.84
N ALA B 214 -16.10 -17.88 7.07
CA ALA B 214 -14.93 -17.69 7.96
C ALA B 214 -15.38 -17.82 9.40
N ILE B 215 -14.45 -18.21 10.28
CA ILE B 215 -14.73 -18.38 11.71
C ILE B 215 -16.01 -19.25 11.88
N LYS B 216 -16.06 -20.32 11.09
CA LYS B 216 -17.21 -21.21 11.02
C LYS B 216 -17.48 -21.80 12.40
N SER B 217 -16.40 -22.08 13.12
CA SER B 217 -16.48 -22.80 14.41
C SER B 217 -17.03 -21.99 15.62
N SER B 218 -17.35 -20.71 15.40
CA SER B 218 -17.81 -19.85 16.48
C SER B 218 -19.29 -20.04 16.83
N GLY B 219 -20.01 -20.80 16.01
CA GLY B 219 -21.43 -21.06 16.24
C GLY B 219 -22.29 -19.83 16.46
N SER B 220 -22.04 -18.80 15.65
CA SER B 220 -22.76 -17.52 15.77
C SER B 220 -24.19 -17.56 15.25
N LYS B 221 -24.97 -18.48 15.81
CA LYS B 221 -26.36 -18.66 15.44
C LYS B 221 -27.19 -17.49 15.97
N MET B 222 -28.46 -17.45 15.57
CA MET B 222 -29.32 -16.31 15.85
C MET B 222 -30.32 -16.69 16.91
N LEU B 223 -30.55 -15.76 17.83
CA LEU B 223 -31.53 -15.95 18.92
C LEU B 223 -32.91 -15.42 18.52
N LYS B 224 -33.94 -16.23 18.72
CA LYS B 224 -35.30 -15.77 18.44
C LYS B 224 -36.07 -15.53 19.73
N LEU B 225 -36.68 -14.35 19.83
CA LEU B 225 -37.36 -13.93 21.04
C LEU B 225 -38.84 -13.67 20.80
N VAL B 226 -39.69 -14.46 21.44
CA VAL B 226 -41.13 -14.28 21.27
C VAL B 226 -41.81 -13.93 22.60
N ASN B 227 -42.27 -12.67 22.68
CA ASN B 227 -42.92 -12.12 23.87
C ASN B 227 -42.18 -12.40 25.17
N VAL B 228 -40.87 -12.22 25.10
CA VAL B 228 -39.99 -12.41 26.24
C VAL B 228 -40.19 -11.24 27.19
N PHE B 229 -40.63 -11.54 28.41
CA PHE B 229 -40.68 -10.54 29.46
C PHE B 229 -39.32 -10.38 30.16
N ILE B 230 -38.90 -9.13 30.35
CA ILE B 230 -37.67 -8.85 31.10
C ILE B 230 -37.92 -7.88 32.24
N PRO B 231 -37.72 -8.35 33.48
CA PRO B 231 -37.90 -7.48 34.65
C PRO B 231 -36.78 -6.42 34.74
N GLU B 232 -37.15 -5.28 35.34
CA GLU B 232 -36.33 -4.07 35.45
C GLU B 232 -34.91 -4.29 36.00
N TYR B 233 -34.73 -5.36 36.76
CA TYR B 233 -33.49 -5.61 37.50
C TYR B 233 -32.50 -6.38 36.67
N ARG B 234 -32.97 -6.88 35.54
CA ARG B 234 -32.08 -7.53 34.57
C ARG B 234 -31.81 -6.63 33.36
N ILE B 235 -32.06 -5.32 33.56
CA ILE B 235 -31.89 -4.30 32.53
C ILE B 235 -30.99 -3.16 33.00
N SER B 236 -29.88 -2.97 32.31
CA SER B 236 -29.01 -1.83 32.54
C SER B 236 -28.84 -0.95 31.29
N LYS B 237 -28.73 0.36 31.52
CA LYS B 237 -28.37 1.32 30.49
C LYS B 237 -26.91 1.15 30.10
N ALA B 238 -26.65 1.16 28.79
CA ALA B 238 -25.29 1.12 28.29
C ALA B 238 -24.48 2.28 28.85
N LYS B 239 -25.04 3.47 28.77
CA LYS B 239 -24.36 4.69 29.20
C LYS B 239 -23.89 4.55 30.63
N ASP B 240 -24.78 3.99 31.48
CA ASP B 240 -24.47 3.71 32.88
C ASP B 240 -23.28 2.77 33.10
N MET B 241 -23.13 1.79 32.21
CA MET B 241 -22.03 0.85 32.32
C MET B 241 -20.78 1.41 31.68
N MET B 242 -20.93 2.51 30.94
CA MET B 242 -19.76 3.14 30.37
C MET B 242 -19.13 4.10 31.40
N GLU B 243 -19.92 4.53 32.38
CA GLU B 243 -19.53 5.63 33.25
C GLU B 243 -19.64 5.28 34.73
N GLY B 244 -19.69 3.98 35.02
CA GLY B 244 -19.82 3.53 36.41
C GLY B 244 -20.98 4.13 37.21
N LYS B 245 -22.20 3.89 36.73
CA LYS B 245 -23.43 4.38 37.34
C LYS B 245 -24.50 3.30 37.29
N SER B 246 -24.12 2.13 36.78
CA SER B 246 -25.04 0.99 36.68
C SER B 246 -25.30 0.41 38.06
N ALA B 247 -26.34 -0.41 38.17
CA ALA B 247 -26.78 -0.97 39.45
C ALA B 247 -25.69 -1.72 40.23
N GLY B 248 -24.66 -2.20 39.56
CA GLY B 248 -23.63 -2.97 40.23
C GLY B 248 -22.42 -2.17 40.66
N PHE B 249 -22.46 -0.85 40.46
CA PHE B 249 -21.30 -0.01 40.73
C PHE B 249 -21.05 -0.02 42.22
N GLY B 250 -19.76 -0.18 42.59
CA GLY B 250 -19.34 -0.19 43.98
C GLY B 250 -19.35 -1.53 44.69
N LEU B 251 -19.92 -2.55 44.05
CA LEU B 251 -20.02 -3.90 44.61
C LEU B 251 -18.70 -4.56 45.00
N TYR B 252 -17.64 -4.25 44.28
CA TYR B 252 -16.35 -4.91 44.46
C TYR B 252 -15.26 -3.87 44.64
N PRO B 253 -15.20 -3.24 45.83
CA PRO B 253 -14.43 -2.02 46.07
C PRO B 253 -12.93 -2.23 45.96
N ASP B 254 -12.53 -3.50 45.86
CA ASP B 254 -11.15 -3.92 45.88
C ASP B 254 -10.68 -4.44 44.52
N SER B 255 -11.59 -4.47 43.55
CA SER B 255 -11.35 -5.10 42.26
C SER B 255 -10.54 -4.17 41.42
N LYS B 256 -9.64 -4.73 40.61
CA LYS B 256 -8.82 -3.94 39.70
C LYS B 256 -9.42 -3.84 38.28
N ILE B 257 -10.62 -4.37 38.08
CA ILE B 257 -11.09 -4.51 36.70
C ILE B 257 -12.53 -4.06 36.46
N PHE B 258 -13.29 -3.84 37.53
CA PHE B 258 -14.69 -3.46 37.37
C PHE B 258 -14.94 -1.94 37.27
N TYR B 259 -14.03 -1.13 37.82
CA TYR B 259 -14.22 0.31 37.83
C TYR B 259 -13.74 0.87 36.50
N THR B 260 -14.45 0.54 35.42
CA THR B 260 -13.96 0.76 34.04
C THR B 260 -15.11 0.55 33.01
N PRO B 261 -15.11 1.33 31.92
CA PRO B 261 -16.23 1.20 30.97
C PRO B 261 -16.34 -0.21 30.39
N TYR B 262 -17.58 -0.75 30.35
CA TYR B 262 -17.83 -2.14 29.89
C TYR B 262 -17.33 -2.47 28.48
N ARG B 263 -17.40 -1.52 27.57
CA ARG B 263 -17.26 -1.84 26.16
C ARG B 263 -15.85 -2.26 25.76
N PRO B 264 -14.80 -1.49 26.19
CA PRO B 264 -13.42 -1.84 25.86
C PRO B 264 -13.07 -3.29 26.21
N TYR B 265 -13.67 -3.80 27.28
CA TYR B 265 -13.45 -5.17 27.70
C TYR B 265 -14.15 -6.12 26.73
N PHE B 266 -15.46 -5.96 26.62
CA PHE B 266 -16.27 -6.84 25.79
C PHE B 266 -15.71 -6.96 24.35
N ALA B 267 -15.30 -5.84 23.79
CA ALA B 267 -14.74 -5.84 22.44
C ALA B 267 -13.24 -6.13 22.37
N SER B 268 -12.63 -6.47 23.49
CA SER B 268 -11.18 -6.69 23.52
C SER B 268 -10.73 -7.97 22.76
N GLY B 269 -11.66 -8.89 22.56
CA GLY B 269 -11.37 -10.16 21.89
C GLY B 269 -11.04 -10.14 20.39
N PHE B 270 -11.66 -9.23 19.65
CA PHE B 270 -11.61 -9.26 18.19
C PHE B 270 -10.18 -9.09 17.73
N SER B 271 -9.58 -7.96 18.08
CA SER B 271 -8.17 -7.72 17.81
C SER B 271 -7.28 -8.85 18.33
N ALA B 272 -7.60 -9.35 19.52
CA ALA B 272 -6.85 -10.44 20.12
C ALA B 272 -6.84 -11.65 19.19
N VAL B 273 -8.02 -12.19 18.87
CA VAL B 273 -8.16 -13.26 17.87
C VAL B 273 -7.40 -12.95 16.56
N SER B 274 -7.56 -11.74 16.06
CA SER B 274 -6.96 -11.33 14.81
C SER B 274 -5.44 -11.47 14.89
N LEU B 275 -4.86 -11.02 16.00
CA LEU B 275 -3.43 -11.08 16.20
C LEU B 275 -3.02 -12.52 16.34
N GLY B 276 -3.82 -13.34 17.00
CA GLY B 276 -3.48 -14.74 17.19
C GLY B 276 -3.36 -15.43 15.86
N ILE B 277 -4.21 -15.01 14.92
CA ILE B 277 -4.24 -15.62 13.61
C ILE B 277 -2.99 -15.25 12.86
N ALA B 278 -2.65 -13.98 12.92
CA ALA B 278 -1.51 -13.47 12.22
C ALA B 278 -0.24 -14.17 12.63
N GLU B 279 -0.01 -14.25 13.94
CA GLU B 279 1.25 -14.83 14.42
C GLU B 279 1.36 -16.30 14.00
N ARG B 280 0.20 -16.98 13.97
CA ARG B 280 0.13 -18.35 13.51
C ARG B 280 0.41 -18.47 12.00
N MET B 281 -0.08 -17.51 11.22
CA MET B 281 0.12 -17.51 9.77
C MET B 281 1.59 -17.52 9.48
N ILE B 282 2.31 -16.67 10.18
CA ILE B 282 3.73 -16.55 9.98
C ILE B 282 4.40 -17.90 10.26
N GLU B 283 4.05 -18.52 11.38
CA GLU B 283 4.61 -19.80 11.74
C GLU B 283 4.24 -20.85 10.72
N ALA B 284 2.98 -20.87 10.32
CA ALA B 284 2.50 -21.88 9.39
C ALA B 284 3.11 -21.71 8.00
N PHE B 285 3.17 -20.47 7.55
CA PHE B 285 3.85 -20.14 6.30
C PHE B 285 5.31 -20.54 6.32
N LYS B 286 6.01 -20.22 7.40
CA LYS B 286 7.41 -20.60 7.49
C LYS B 286 7.58 -22.12 7.36
N GLU B 287 6.71 -22.91 7.99
CA GLU B 287 6.84 -24.38 8.00
C GLU B 287 6.67 -24.91 6.59
N LYS B 288 5.59 -24.49 5.93
CA LYS B 288 5.31 -24.88 4.56
C LYS B 288 6.31 -24.30 3.56
N GLN B 289 6.99 -23.21 3.92
CA GLN B 289 7.89 -22.58 2.98
C GLN B 289 9.19 -23.35 2.77
N ARG B 290 9.76 -23.85 3.86
CA ARG B 290 11.10 -24.48 3.83
C ARG B 290 11.42 -25.28 2.56
N ASN B 291 10.48 -26.17 2.23
CA ASN B 291 10.74 -27.29 1.33
C ASN B 291 10.13 -27.05 -0.06
N ARG B 292 9.31 -26.00 -0.17
CA ARG B 292 8.61 -25.58 -1.41
C ARG B 292 9.45 -25.69 -2.71
N VAL B 293 8.90 -26.38 -3.72
CA VAL B 293 9.53 -26.52 -5.05
C VAL B 293 8.82 -25.68 -6.13
N ARG B 294 9.54 -25.32 -7.20
CA ARG B 294 8.93 -24.65 -8.37
C ARG B 294 8.39 -25.69 -9.33
N ALA B 295 7.07 -25.76 -9.42
CA ALA B 295 6.36 -26.71 -10.28
C ALA B 295 6.92 -26.80 -11.72
N TYR B 296 7.05 -25.64 -12.36
CA TYR B 296 7.43 -25.50 -13.76
C TYR B 296 8.89 -25.87 -14.05
N THR B 297 9.78 -25.59 -13.08
CA THR B 297 11.23 -25.76 -13.29
C THR B 297 11.90 -26.83 -12.40
N GLY B 298 11.30 -27.10 -11.24
CA GLY B 298 11.80 -28.12 -10.31
C GLY B 298 12.71 -27.54 -9.25
N ALA B 299 13.11 -26.28 -9.43
CA ALA B 299 14.06 -25.62 -8.52
C ALA B 299 13.56 -25.41 -7.07
N ASN B 300 14.54 -25.33 -6.16
CA ASN B 300 14.31 -25.33 -4.70
C ASN B 300 14.17 -23.94 -4.11
N VAL B 301 12.97 -23.60 -3.69
CA VAL B 301 12.61 -22.19 -3.74
C VAL B 301 12.12 -21.55 -2.42
N GLY B 302 12.28 -22.31 -1.34
CA GLY B 302 11.73 -21.93 -0.03
C GLY B 302 12.49 -20.79 0.61
N LEU B 303 13.76 -20.71 0.27
CA LEU B 303 14.68 -19.68 0.76
C LEU B 303 15.00 -18.58 -0.27
N ALA B 304 14.15 -18.39 -1.28
CA ALA B 304 14.35 -17.31 -2.23
C ALA B 304 14.06 -15.95 -1.58
N THR B 305 14.84 -14.95 -1.99
CA THR B 305 14.80 -13.61 -1.38
C THR B 305 13.42 -12.99 -1.21
N PRO B 306 12.57 -13.03 -2.25
CA PRO B 306 11.21 -12.51 -2.09
C PRO B 306 10.47 -13.12 -0.96
N ALA B 307 10.44 -14.45 -0.85
CA ALA B 307 9.78 -15.14 0.28
C ALA B 307 10.29 -14.66 1.61
N LEU B 308 11.63 -14.60 1.75
CA LEU B 308 12.30 -14.10 2.96
C LEU B 308 11.88 -12.71 3.32
N MET B 309 11.84 -11.82 2.34
CA MET B 309 11.44 -10.46 2.61
C MET B 309 9.98 -10.33 3.06
N ARG B 310 9.12 -11.18 2.55
CA ARG B 310 7.77 -11.16 3.00
C ARG B 310 7.65 -11.66 4.46
N ILE B 311 8.36 -12.75 4.76
CA ILE B 311 8.32 -13.32 6.10
C ILE B 311 8.85 -12.27 7.05
N ALA B 312 9.92 -11.59 6.66
CA ALA B 312 10.44 -10.52 7.50
C ALA B 312 9.39 -9.44 7.70
N GLU B 313 8.84 -8.88 6.62
CA GLU B 313 7.96 -7.70 6.75
C GLU B 313 6.67 -8.02 7.46
N SER B 314 6.14 -9.22 7.24
CA SER B 314 4.95 -9.57 7.94
C SER B 314 5.23 -9.70 9.43
N THR B 315 6.41 -10.24 9.73
CA THR B 315 6.88 -10.41 11.11
C THR B 315 6.95 -9.04 11.76
N HIS B 316 7.60 -8.11 11.08
CA HIS B 316 7.66 -6.75 11.59
C HIS B 316 6.25 -6.18 11.82
N GLN B 317 5.38 -6.34 10.83
CA GLN B 317 4.10 -5.72 10.90
C GLN B 317 3.30 -6.26 12.05
N VAL B 318 3.31 -7.58 12.28
CA VAL B 318 2.47 -8.05 13.38
C VAL B 318 3.10 -7.75 14.71
N ALA B 319 4.43 -7.68 14.72
CA ALA B 319 5.18 -7.29 15.93
C ALA B 319 4.84 -5.85 16.31
N ALA B 320 4.78 -5.00 15.30
CA ALA B 320 4.32 -3.64 15.51
C ALA B 320 2.87 -3.62 16.01
N ALA B 321 1.99 -4.45 15.45
CA ALA B 321 0.62 -4.54 15.90
C ALA B 321 0.55 -5.01 17.35
N ARG B 322 1.36 -6.04 17.68
CA ARG B 322 1.35 -6.58 19.04
C ARG B 322 1.83 -5.50 20.00
N ALA B 323 2.80 -4.69 19.57
CA ALA B 323 3.30 -3.60 20.44
C ALA B 323 2.20 -2.60 20.80
N LEU B 324 1.49 -2.15 19.76
CA LEU B 324 0.36 -1.27 19.93
C LEU B 324 -0.75 -1.86 20.80
N LEU B 325 -1.12 -3.11 20.59
CA LEU B 325 -2.11 -3.75 21.44
C LEU B 325 -1.61 -3.93 22.89
N GLU B 326 -0.31 -4.25 23.01
CA GLU B 326 0.28 -4.46 24.34
C GLU B 326 0.25 -3.16 25.14
N LYS B 327 0.61 -2.08 24.46
CA LYS B 327 0.59 -0.76 25.04
C LYS B 327 -0.83 -0.34 25.33
N THR B 328 -1.77 -0.61 24.44
CA THR B 328 -3.14 -0.26 24.69
C THR B 328 -3.68 -1.02 25.92
N TRP B 329 -3.42 -2.32 25.99
CA TRP B 329 -3.87 -3.14 27.11
C TRP B 329 -3.31 -2.64 28.43
N GLU B 330 -2.02 -2.26 28.41
CA GLU B 330 -1.41 -1.76 29.65
C GLU B 330 -2.20 -0.55 30.13
N ASP B 331 -2.48 0.35 29.18
CA ASP B 331 -3.32 1.50 29.44
C ASP B 331 -4.65 1.13 30.15
N HIS B 332 -5.32 0.07 29.69
CA HIS B 332 -6.58 -0.36 30.29
C HIS B 332 -6.33 -0.80 31.72
N ARG B 333 -5.23 -1.54 31.91
CA ARG B 333 -4.89 -2.15 33.20
C ARG B 333 -4.63 -1.09 34.27
N ILE B 334 -3.70 -0.20 33.96
CA ILE B 334 -3.39 1.00 34.73
C ILE B 334 -4.64 1.77 35.12
N HIS B 335 -5.51 2.04 34.14
CA HIS B 335 -6.78 2.72 34.45
C HIS B 335 -7.62 1.96 35.46
N GLY B 336 -7.84 0.68 35.20
CA GLY B 336 -8.58 -0.20 36.11
C GLY B 336 -8.01 -0.24 37.53
N LEU B 337 -6.69 -0.46 37.63
CA LEU B 337 -5.98 -0.40 38.92
C LEU B 337 -6.42 0.81 39.71
N ASN B 338 -6.36 1.98 39.08
CA ASN B 338 -6.59 3.26 39.74
C ASN B 338 -8.04 3.66 39.84
N HIS B 339 -8.94 2.75 39.45
CA HIS B 339 -10.40 2.99 39.54
C HIS B 339 -10.74 4.27 38.79
N GLN B 340 -10.06 4.48 37.67
CA GLN B 340 -10.16 5.72 36.96
C GLN B 340 -10.74 5.57 35.56
N TYR B 341 -11.86 6.26 35.36
CA TYR B 341 -12.55 6.25 34.09
C TYR B 341 -11.79 7.13 33.10
N PRO B 342 -11.62 6.67 31.85
CA PRO B 342 -10.75 7.41 30.93
C PRO B 342 -11.42 8.68 30.45
N ASN B 343 -10.62 9.61 29.95
CA ASN B 343 -11.17 10.80 29.30
C ASN B 343 -11.43 10.57 27.82
N LYS B 344 -12.01 11.57 27.17
CA LYS B 344 -12.40 11.50 25.74
C LYS B 344 -11.32 10.93 24.86
N GLU B 345 -10.12 11.50 25.00
CA GLU B 345 -9.00 11.17 24.14
C GLU B 345 -8.54 9.74 24.28
N THR B 346 -8.17 9.34 25.49
CA THR B 346 -7.82 7.93 25.73
C THR B 346 -8.96 6.99 25.26
N LEU B 347 -10.20 7.34 25.58
CA LEU B 347 -11.36 6.57 25.15
C LEU B 347 -11.44 6.40 23.63
N ALA B 348 -11.15 7.47 22.90
CA ALA B 348 -11.08 7.39 21.45
C ALA B 348 -10.03 6.38 21.06
N PHE B 349 -8.86 6.46 21.69
CA PHE B 349 -7.74 5.58 21.33
C PHE B 349 -8.02 4.12 21.64
N TRP B 350 -8.69 3.87 22.78
CA TRP B 350 -9.06 2.53 23.19
C TRP B 350 -10.12 1.96 22.27
N ARG B 351 -10.94 2.84 21.73
CA ARG B 351 -11.98 2.41 20.80
C ARG B 351 -11.38 2.04 19.45
N THR B 352 -10.24 2.63 19.09
CA THR B 352 -9.81 2.56 17.70
C THR B 352 -8.47 1.88 17.44
N ASN B 353 -7.49 2.01 18.34
CA ASN B 353 -6.19 1.32 18.14
C ASN B 353 -6.35 -0.13 17.73
N GLN B 354 -7.29 -0.84 18.37
CA GLN B 354 -7.57 -2.23 18.09
C GLN B 354 -8.00 -2.42 16.64
N ALA B 355 -8.59 -1.39 16.05
CA ALA B 355 -9.04 -1.52 14.70
C ALA B 355 -7.85 -1.39 13.76
N TYR B 356 -6.89 -0.55 14.15
CA TYR B 356 -5.69 -0.40 13.35
C TYR B 356 -4.87 -1.65 13.47
N ALA B 357 -4.87 -2.25 14.66
CA ALA B 357 -4.11 -3.48 14.89
C ALA B 357 -4.62 -4.56 13.95
N VAL B 358 -5.95 -4.77 13.98
CA VAL B 358 -6.65 -5.71 13.11
C VAL B 358 -6.32 -5.48 11.63
N LYS B 359 -6.32 -4.21 11.25
CA LYS B 359 -5.96 -3.85 9.90
C LYS B 359 -4.54 -4.27 9.51
N MET B 360 -3.55 -4.02 10.38
CA MET B 360 -2.18 -4.41 10.06
C MET B 360 -2.08 -5.91 10.00
N CYS B 361 -2.72 -6.57 10.94
CA CYS B 361 -2.66 -8.02 11.01
C CYS B 361 -3.17 -8.64 9.73
N ILE B 362 -4.18 -8.05 9.11
CA ILE B 362 -4.71 -8.58 7.87
C ILE B 362 -3.75 -8.31 6.68
N GLU B 363 -3.10 -7.15 6.71
CA GLU B 363 -2.13 -6.83 5.72
C GLU B 363 -1.05 -7.88 5.85
N ALA B 364 -0.77 -8.28 7.09
CA ALA B 364 0.36 -9.17 7.25
C ALA B 364 0.03 -10.59 6.80
N VAL B 365 -1.22 -11.00 6.99
CA VAL B 365 -1.70 -12.30 6.52
C VAL B 365 -1.74 -12.33 4.99
N ASP B 366 -2.25 -11.25 4.40
CA ASP B 366 -2.34 -11.13 2.95
C ASP B 366 -0.98 -11.19 2.27
N ARG B 367 0.02 -10.51 2.86
CA ARG B 367 1.34 -10.46 2.26
C ARG B 367 1.91 -11.86 2.12
N LEU B 368 1.58 -12.71 3.08
CA LEU B 368 2.05 -14.10 3.03
C LEU B 368 1.16 -14.97 2.15
N MET B 369 -0.16 -14.95 2.38
CA MET B 369 -1.06 -15.71 1.51
C MET B 369 -0.75 -15.44 0.02
N ALA B 370 -0.24 -14.25 -0.31
CA ALA B 370 -0.05 -13.91 -1.72
C ALA B 370 1.14 -14.58 -2.31
N ALA B 371 1.96 -15.20 -1.46
CA ALA B 371 3.17 -15.87 -1.92
C ALA B 371 3.01 -17.37 -1.72
N ALA B 372 1.82 -17.74 -1.30
CA ALA B 372 1.57 -19.09 -0.81
C ALA B 372 1.35 -20.12 -1.91
N GLY B 373 1.02 -19.65 -3.11
CA GLY B 373 0.77 -20.55 -4.23
C GLY B 373 -0.54 -21.29 -4.11
N ALA B 374 -0.91 -21.91 -5.22
CA ALA B 374 -2.22 -22.57 -5.38
C ALA B 374 -2.52 -23.61 -4.31
N THR B 375 -1.50 -24.34 -3.87
CA THR B 375 -1.70 -25.43 -2.93
C THR B 375 -2.28 -24.96 -1.60
N SER B 376 -2.06 -23.69 -1.31
CA SER B 376 -2.48 -23.11 -0.05
C SER B 376 -3.96 -22.83 -0.01
N PHE B 377 -4.64 -22.99 -1.15
CA PHE B 377 -6.08 -22.69 -1.21
C PHE B 377 -6.93 -23.92 -1.15
N MET B 378 -6.26 -25.06 -1.05
CA MET B 378 -6.91 -26.36 -0.89
C MET B 378 -7.55 -26.50 0.48
N ASP B 379 -8.62 -27.27 0.58
CA ASP B 379 -9.28 -27.52 1.88
C ASP B 379 -8.33 -28.13 2.90
N ASN B 380 -7.44 -28.99 2.43
CA ASN B 380 -6.49 -29.65 3.32
C ASN B 380 -5.27 -28.80 3.74
N SER B 381 -5.29 -27.50 3.43
CA SER B 381 -4.21 -26.60 3.85
C SER B 381 -4.67 -25.65 4.92
N GLU B 382 -3.83 -25.43 5.91
CA GLU B 382 -4.18 -24.57 7.05
C GLU B 382 -4.26 -23.09 6.68
N LEU B 383 -3.48 -22.68 5.69
CA LEU B 383 -3.30 -21.26 5.37
C LEU B 383 -4.61 -20.62 4.98
N GLN B 384 -5.30 -21.33 4.10
CA GLN B 384 -6.62 -20.98 3.60
C GLN B 384 -7.62 -20.70 4.70
N ARG B 385 -7.58 -21.46 5.78
CA ARG B 385 -8.46 -21.19 6.91
C ARG B 385 -8.04 -19.96 7.69
N LEU B 386 -6.74 -19.78 7.84
CA LEU B 386 -6.21 -18.64 8.59
C LEU B 386 -6.50 -17.38 7.82
N PHE B 387 -6.25 -17.43 6.51
CA PHE B 387 -6.52 -16.32 5.64
C PHE B 387 -7.97 -15.89 5.73
N ARG B 388 -8.90 -16.84 5.62
CA ARG B 388 -10.32 -16.53 5.69
C ARG B 388 -10.64 -15.92 7.01
N ASP B 389 -10.33 -16.63 8.09
CA ASP B 389 -10.66 -16.20 9.46
C ASP B 389 -10.09 -14.82 9.74
N ALA B 390 -8.86 -14.57 9.27
CA ALA B 390 -8.21 -13.30 9.49
C ALA B 390 -9.08 -12.17 8.92
N HIS B 391 -9.51 -12.33 7.68
CA HIS B 391 -10.39 -11.35 7.04
C HIS B 391 -11.71 -11.18 7.73
N MET B 392 -12.24 -12.26 8.30
CA MET B 392 -13.51 -12.17 9.01
C MET B 392 -13.41 -11.25 10.22
N THR B 393 -12.23 -11.18 10.85
CA THR B 393 -12.05 -10.37 12.05
C THR B 393 -12.11 -8.88 11.75
N GLY B 394 -11.91 -8.51 10.49
CA GLY B 394 -12.03 -7.12 10.14
C GLY B 394 -13.40 -6.78 9.62
N ALA B 395 -14.35 -7.71 9.68
CA ALA B 395 -15.68 -7.48 9.14
C ALA B 395 -16.68 -7.16 10.22
N HIS B 396 -16.23 -7.28 11.46
CA HIS B 396 -17.11 -6.98 12.57
C HIS B 396 -17.39 -5.48 12.61
N ALA B 397 -18.54 -5.12 13.18
CA ALA B 397 -18.90 -3.71 13.25
C ALA B 397 -17.92 -2.89 14.07
N TYR B 398 -17.34 -3.51 15.08
CA TYR B 398 -16.51 -2.78 16.01
C TYR B 398 -15.07 -2.60 15.49
N THR B 399 -14.70 -3.41 14.48
CA THR B 399 -13.37 -3.39 13.88
C THR B 399 -13.34 -2.73 12.52
N ASP B 400 -14.49 -2.25 12.05
CA ASP B 400 -14.49 -1.54 10.78
C ASP B 400 -13.60 -0.28 10.92
N TYR B 401 -12.49 -0.23 10.17
CA TYR B 401 -11.58 0.89 10.27
C TYR B 401 -12.05 2.22 9.64
N ASP B 402 -12.88 2.17 8.60
CA ASP B 402 -13.44 3.41 8.09
C ASP B 402 -14.13 4.20 9.20
N VAL B 403 -14.95 3.51 9.99
CA VAL B 403 -15.69 4.08 11.11
C VAL B 403 -14.74 4.57 12.19
N CYS B 404 -13.72 3.77 12.43
CA CYS B 404 -12.75 4.11 13.43
C CYS B 404 -11.90 5.31 13.09
N ALA B 405 -11.48 5.43 11.83
CA ALA B 405 -10.69 6.57 11.45
C ALA B 405 -11.51 7.85 11.67
N GLN B 406 -12.81 7.78 11.42
CA GLN B 406 -13.63 8.95 11.57
C GLN B 406 -13.81 9.25 13.05
N ILE B 407 -13.88 8.21 13.88
CA ILE B 407 -14.09 8.41 15.31
C ILE B 407 -12.88 9.15 15.86
N LEU B 408 -11.74 8.50 15.80
CA LEU B 408 -10.51 9.09 16.26
C LEU B 408 -10.28 10.48 15.66
N GLY B 409 -10.31 10.60 14.32
CA GLY B 409 -10.13 11.90 13.66
C GLY B 409 -10.94 13.04 14.28
N ARG B 410 -12.25 12.85 14.42
CA ARG B 410 -13.12 13.86 14.98
C ARG B 410 -12.66 14.25 16.38
N GLU B 411 -12.23 13.26 17.16
CA GLU B 411 -11.75 13.54 18.50
C GLU B 411 -10.48 14.37 18.48
N LEU B 412 -9.56 14.05 17.60
CA LEU B 412 -8.27 14.74 17.50
C LEU B 412 -8.42 16.19 17.06
N MET B 413 -9.41 16.46 16.24
CA MET B 413 -9.68 17.85 15.85
C MET B 413 -10.68 18.55 16.79
N GLY B 414 -11.01 17.87 17.90
CA GLY B 414 -11.87 18.41 18.96
C GLY B 414 -13.28 18.65 18.47
N MET B 415 -13.81 17.71 17.71
CA MET B 415 -15.16 17.82 17.17
C MET B 415 -16.12 16.97 17.99
N GLU B 416 -17.39 17.42 18.04
CA GLU B 416 -18.45 16.62 18.61
C GLU B 416 -18.53 15.27 17.90
N PRO B 417 -18.83 14.19 18.66
CA PRO B 417 -18.90 12.87 18.02
C PRO B 417 -20.06 12.79 17.01
N ASP B 418 -19.90 11.96 15.99
CA ASP B 418 -20.98 11.70 15.02
C ASP B 418 -21.96 10.62 15.57
N PRO B 419 -23.22 11.00 15.85
CA PRO B 419 -24.15 9.99 16.42
C PRO B 419 -24.53 8.90 15.41
N THR B 420 -24.00 9.04 14.19
CA THR B 420 -24.21 8.10 13.07
C THR B 420 -23.40 6.81 13.23
N MET B 421 -22.35 6.88 14.03
CA MET B 421 -21.47 5.74 14.32
C MET B 421 -21.10 5.77 15.79
N VAL B 422 -20.48 4.70 16.28
CA VAL B 422 -20.23 4.59 17.70
C VAL B 422 -19.18 3.52 17.94
N ILE C 23 -18.23 7.27 -31.16
CA ILE C 23 -17.56 5.92 -30.96
C ILE C 23 -17.09 5.72 -29.48
N ARG C 24 -17.50 6.64 -28.57
CA ARG C 24 -17.07 6.78 -27.13
C ARG C 24 -16.67 5.63 -26.17
N LEU C 25 -15.44 5.65 -25.69
CA LEU C 25 -14.83 4.52 -24.98
C LEU C 25 -15.51 4.14 -23.66
N VAL C 26 -15.25 2.92 -23.21
CA VAL C 26 -15.87 2.42 -21.97
C VAL C 26 -14.73 1.99 -21.07
N TYR C 27 -14.80 2.38 -19.79
CA TYR C 27 -13.71 2.21 -18.86
C TYR C 27 -13.87 1.06 -17.88
N THR C 28 -15.14 0.72 -17.64
CA THR C 28 -15.57 -0.19 -16.59
C THR C 28 -15.92 -1.57 -17.12
N HIS C 29 -15.76 -1.78 -18.43
CA HIS C 29 -16.07 -3.07 -19.03
C HIS C 29 -15.76 -3.16 -20.51
N ALA C 30 -15.90 -4.39 -21.04
CA ALA C 30 -15.66 -4.69 -22.44
C ALA C 30 -16.59 -3.87 -23.32
N GLN C 31 -16.05 -3.28 -24.37
CA GLN C 31 -16.92 -2.59 -25.34
C GLN C 31 -17.44 -3.59 -26.38
N THR C 32 -18.72 -3.53 -26.71
CA THR C 32 -19.26 -4.47 -27.70
C THR C 32 -18.77 -4.14 -29.12
N PRO C 33 -17.97 -5.06 -29.73
CA PRO C 33 -17.50 -4.85 -31.10
C PRO C 33 -18.70 -4.77 -32.03
N ASP C 34 -18.94 -3.57 -32.55
CA ASP C 34 -20.16 -3.25 -33.33
C ASP C 34 -20.40 -4.14 -34.58
N VAL C 35 -19.41 -4.99 -34.90
CA VAL C 35 -19.44 -5.86 -36.07
C VAL C 35 -20.86 -6.45 -36.05
N SER C 36 -21.69 -5.97 -36.99
CA SER C 36 -23.10 -6.34 -37.06
C SER C 36 -23.16 -7.82 -37.49
N GLY C 37 -24.37 -8.39 -37.32
CA GLY C 37 -24.54 -9.84 -36.99
C GLY C 37 -24.10 -9.86 -35.46
N VAL C 38 -24.17 -11.09 -34.93
CA VAL C 38 -23.99 -11.24 -33.47
C VAL C 38 -22.54 -11.54 -33.07
N SER C 39 -21.85 -10.58 -32.46
CA SER C 39 -20.50 -10.86 -31.97
C SER C 39 -20.56 -12.01 -30.97
N MET C 40 -19.42 -12.68 -30.75
CA MET C 40 -19.40 -13.74 -29.77
C MET C 40 -19.74 -13.19 -28.40
N LEU C 41 -19.37 -11.94 -28.16
CA LEU C 41 -19.54 -11.31 -26.85
C LEU C 41 -21.01 -11.07 -26.53
N GLU C 42 -21.79 -10.69 -27.53
CA GLU C 42 -23.23 -10.53 -27.34
C GLU C 42 -23.83 -11.88 -27.02
N LYS C 43 -23.44 -12.88 -27.81
CA LYS C 43 -23.89 -14.26 -27.60
C LYS C 43 -23.62 -14.72 -26.18
N ILE C 44 -22.47 -14.34 -25.65
CA ILE C 44 -22.16 -14.61 -24.26
C ILE C 44 -23.17 -13.87 -23.40
N GLN C 45 -23.32 -12.57 -23.66
CA GLN C 45 -24.12 -11.72 -22.79
C GLN C 45 -25.54 -12.23 -22.63
N GLN C 46 -26.06 -12.88 -23.67
CA GLN C 46 -27.42 -13.38 -23.60
C GLN C 46 -27.54 -14.59 -22.68
N ILE C 47 -26.48 -15.39 -22.57
CA ILE C 47 -26.54 -16.63 -21.79
C ILE C 47 -26.00 -16.43 -20.39
N LEU C 48 -25.55 -15.22 -20.11
CA LEU C 48 -24.93 -14.91 -18.82
C LEU C 48 -25.86 -15.10 -17.63
N PRO C 49 -27.15 -14.71 -17.75
CA PRO C 49 -28.09 -14.97 -16.65
C PRO C 49 -28.15 -16.45 -16.23
N GLN C 50 -28.22 -17.36 -17.20
CA GLN C 50 -28.25 -18.79 -16.89
C GLN C 50 -26.98 -19.23 -16.17
N ILE C 51 -25.83 -18.85 -16.73
CA ILE C 51 -24.53 -19.16 -16.11
C ILE C 51 -24.51 -18.71 -14.65
N ALA C 52 -24.90 -17.45 -14.44
CA ALA C 52 -25.01 -16.85 -13.11
C ALA C 52 -25.91 -17.62 -12.14
N LYS C 53 -27.03 -18.15 -12.63
CA LYS C 53 -27.97 -18.85 -11.74
C LYS C 53 -27.45 -20.22 -11.33
N ASN C 54 -26.63 -20.82 -12.18
CA ASN C 54 -26.03 -22.12 -11.88
C ASN C 54 -24.78 -22.01 -11.01
N ALA C 55 -24.25 -20.80 -10.90
CA ALA C 55 -23.03 -20.55 -10.13
C ALA C 55 -23.03 -21.22 -8.76
N GLU C 56 -24.14 -21.11 -8.03
CA GLU C 56 -24.21 -21.63 -6.67
C GLU C 56 -24.14 -23.16 -6.62
N SER C 57 -24.90 -23.82 -7.50
CA SER C 57 -24.89 -25.27 -7.59
C SER C 57 -23.65 -25.79 -8.33
N ALA C 58 -22.98 -24.91 -9.08
CA ALA C 58 -21.70 -25.27 -9.69
C ALA C 58 -20.61 -25.36 -8.61
N GLU C 59 -20.71 -24.48 -7.61
CA GLU C 59 -19.73 -24.45 -6.54
C GLU C 59 -19.78 -25.75 -5.75
N GLN C 60 -21.00 -26.23 -5.47
CA GLN C 60 -21.15 -27.50 -4.76
C GLN C 60 -20.89 -28.72 -5.64
N LEU C 61 -20.81 -28.52 -6.95
CA LEU C 61 -20.60 -29.64 -7.84
C LEU C 61 -19.11 -29.88 -8.05
N ARG C 62 -18.32 -28.84 -7.79
CA ARG C 62 -16.85 -28.92 -7.92
C ARG C 62 -16.35 -29.20 -9.34
N ARG C 63 -17.19 -28.85 -10.32
CA ARG C 63 -16.86 -28.88 -11.74
C ARG C 63 -17.87 -28.02 -12.51
N VAL C 64 -17.68 -27.88 -13.82
CA VAL C 64 -18.63 -27.11 -14.61
C VAL C 64 -19.94 -27.91 -14.85
N PRO C 65 -21.11 -27.31 -14.53
CA PRO C 65 -22.35 -28.09 -14.72
C PRO C 65 -22.55 -28.37 -16.19
N ASP C 66 -23.15 -29.52 -16.51
CA ASP C 66 -23.34 -29.93 -17.90
C ASP C 66 -24.06 -28.87 -18.74
N GLU C 67 -24.98 -28.16 -18.11
CA GLU C 67 -25.71 -27.10 -18.77
C GLU C 67 -24.78 -26.04 -19.35
N ASN C 68 -23.90 -25.51 -18.50
CA ASN C 68 -22.93 -24.47 -18.86
C ASN C 68 -22.06 -24.84 -20.05
N ILE C 69 -21.56 -26.08 -20.05
CA ILE C 69 -20.76 -26.57 -21.14
C ILE C 69 -21.58 -26.56 -22.43
N LYS C 70 -22.78 -27.12 -22.32
CA LYS C 70 -23.72 -27.25 -23.44
C LYS C 70 -24.11 -25.88 -24.02
N LEU C 71 -24.36 -24.90 -23.16
CA LEU C 71 -24.70 -23.56 -23.61
C LEU C 71 -23.54 -22.91 -24.35
N LEU C 72 -22.37 -22.94 -23.73
CA LEU C 72 -21.16 -22.33 -24.28
C LEU C 72 -20.67 -22.96 -25.59
N LYS C 73 -20.76 -24.29 -25.65
CA LYS C 73 -20.42 -25.01 -26.88
C LYS C 73 -21.42 -24.70 -27.99
N GLU C 74 -22.68 -24.53 -27.61
CA GLU C 74 -23.74 -24.23 -28.55
C GLU C 74 -23.48 -22.92 -29.30
N ILE C 75 -22.97 -21.90 -28.60
CA ILE C 75 -22.65 -20.63 -29.24
C ILE C 75 -21.32 -20.70 -29.97
N GLY C 76 -20.63 -21.83 -29.80
CA GLY C 76 -19.43 -22.13 -30.55
C GLY C 76 -18.15 -21.61 -29.92
N LEU C 77 -18.21 -21.20 -28.67
CA LEU C 77 -17.06 -20.55 -28.09
C LEU C 77 -15.81 -21.43 -28.07
N HIS C 78 -16.00 -22.72 -27.81
CA HIS C 78 -14.88 -23.67 -27.74
C HIS C 78 -14.07 -23.77 -29.04
N ARG C 79 -14.57 -23.20 -30.13
CA ARG C 79 -13.90 -23.23 -31.41
C ARG C 79 -13.24 -21.87 -31.70
N ALA C 80 -13.12 -21.08 -30.64
CA ALA C 80 -12.46 -19.78 -30.68
C ALA C 80 -11.08 -19.85 -31.31
N PHE C 81 -10.28 -20.87 -30.97
CA PHE C 81 -8.92 -20.93 -31.51
C PHE C 81 -8.65 -22.11 -32.41
N GLN C 82 -9.69 -22.89 -32.68
CA GLN C 82 -9.61 -24.00 -33.63
C GLN C 82 -9.32 -23.44 -35.04
N PRO C 83 -8.42 -24.10 -35.80
CA PRO C 83 -8.17 -23.64 -37.16
C PRO C 83 -9.44 -23.62 -38.00
N LYS C 84 -9.50 -22.72 -38.98
CA LYS C 84 -10.70 -22.55 -39.79
C LYS C 84 -11.00 -23.80 -40.62
N VAL C 85 -9.96 -24.45 -41.11
CA VAL C 85 -10.10 -25.66 -41.93
C VAL C 85 -10.94 -26.75 -41.25
N TYR C 86 -10.95 -26.78 -39.92
CA TYR C 86 -11.77 -27.73 -39.16
C TYR C 86 -13.12 -27.17 -38.72
N GLY C 87 -13.34 -25.89 -38.96
CA GLY C 87 -14.62 -25.28 -38.67
C GLY C 87 -14.53 -24.29 -37.54
N GLY C 88 -13.30 -23.84 -37.27
CA GLY C 88 -13.05 -22.91 -36.16
C GLY C 88 -13.26 -21.45 -36.54
N LEU C 89 -13.24 -20.60 -35.52
CA LEU C 89 -13.52 -19.17 -35.71
C LEU C 89 -12.25 -18.36 -35.87
N GLU C 90 -11.19 -18.77 -35.17
CA GLU C 90 -9.91 -18.03 -35.13
C GLU C 90 -10.05 -16.58 -34.64
N MET C 91 -10.69 -16.43 -33.50
CA MET C 91 -10.90 -15.14 -32.89
C MET C 91 -9.58 -14.52 -32.54
N SER C 92 -9.53 -13.20 -32.58
CA SER C 92 -8.39 -12.45 -32.09
C SER C 92 -8.30 -12.60 -30.57
N LEU C 93 -7.10 -12.47 -30.00
CA LEU C 93 -6.95 -12.57 -28.55
C LEU C 93 -7.84 -11.60 -27.79
N PRO C 94 -7.84 -10.28 -28.16
CA PRO C 94 -8.71 -9.37 -27.44
C PRO C 94 -10.17 -9.83 -27.42
N ASP C 95 -10.70 -10.18 -28.56
CA ASP C 95 -12.09 -10.60 -28.64
C ASP C 95 -12.36 -11.81 -27.74
N PHE C 96 -11.42 -12.73 -27.67
CA PHE C 96 -11.64 -13.91 -26.87
C PHE C 96 -11.54 -13.56 -25.40
N ALA C 97 -10.43 -12.95 -25.05
CA ALA C 97 -10.17 -12.55 -23.68
C ALA C 97 -11.40 -11.88 -23.09
N ASN C 98 -11.98 -10.94 -23.82
CA ASN C 98 -13.14 -10.22 -23.32
C ASN C 98 -14.37 -11.09 -23.09
N CYS C 99 -14.42 -12.24 -23.74
CA CYS C 99 -15.52 -13.18 -23.54
C CYS C 99 -15.33 -13.87 -22.21
N ILE C 100 -14.09 -14.22 -21.95
CA ILE C 100 -13.74 -14.82 -20.69
C ILE C 100 -13.96 -13.87 -19.53
N VAL C 101 -13.55 -12.62 -19.70
CA VAL C 101 -13.78 -11.59 -18.69
C VAL C 101 -15.28 -11.48 -18.38
N THR C 102 -16.06 -11.30 -19.42
CA THR C 102 -17.51 -11.23 -19.25
C THR C 102 -18.04 -12.48 -18.58
N LEU C 103 -17.61 -13.65 -19.06
CA LEU C 103 -18.04 -14.92 -18.50
C LEU C 103 -17.70 -15.08 -17.03
N ALA C 104 -16.50 -14.65 -16.66
CA ALA C 104 -15.97 -14.79 -15.31
C ALA C 104 -16.79 -14.02 -14.28
N GLY C 105 -17.41 -12.95 -14.73
CA GLY C 105 -18.33 -12.19 -13.90
C GLY C 105 -19.50 -13.03 -13.40
N ALA C 106 -19.88 -14.08 -14.13
CA ALA C 106 -21.00 -14.89 -13.69
C ALA C 106 -20.60 -16.16 -12.97
N CYS C 107 -19.58 -16.85 -13.45
CA CYS C 107 -19.01 -17.98 -12.72
C CYS C 107 -17.54 -18.14 -13.07
N ALA C 108 -16.68 -17.68 -12.16
CA ALA C 108 -15.22 -17.62 -12.35
C ALA C 108 -14.68 -18.96 -12.80
N GLY C 109 -15.00 -19.98 -12.00
CA GLY C 109 -14.66 -21.38 -12.24
C GLY C 109 -15.08 -21.90 -13.60
N THR C 110 -16.30 -21.62 -14.02
CA THR C 110 -16.67 -21.88 -15.41
C THR C 110 -15.73 -21.12 -16.40
N ALA C 111 -15.74 -19.80 -16.36
CA ALA C 111 -14.90 -18.98 -17.19
C ALA C 111 -13.47 -19.51 -17.27
N TRP C 112 -12.88 -19.78 -16.11
CA TRP C 112 -11.51 -20.25 -16.01
C TRP C 112 -11.32 -21.57 -16.75
N ALA C 113 -12.13 -22.57 -16.38
CA ALA C 113 -12.03 -23.91 -16.95
C ALA C 113 -12.23 -23.84 -18.45
N PHE C 114 -13.27 -23.13 -18.87
CA PHE C 114 -13.64 -23.11 -20.27
C PHE C 114 -12.62 -22.35 -21.08
N SER C 115 -12.04 -21.34 -20.47
CA SER C 115 -11.00 -20.58 -21.12
C SER C 115 -9.90 -21.54 -21.49
N LEU C 116 -9.54 -22.41 -20.56
CA LEU C 116 -8.45 -23.35 -20.81
C LEU C 116 -8.80 -24.33 -21.92
N LEU C 117 -9.99 -24.93 -21.85
CA LEU C 117 -10.42 -25.84 -22.89
C LEU C 117 -10.31 -25.19 -24.24
N CYS C 118 -10.57 -23.88 -24.30
CA CYS C 118 -10.49 -23.09 -25.54
C CYS C 118 -9.09 -22.84 -26.03
N THR C 119 -8.23 -22.34 -25.14
CA THR C 119 -6.90 -21.91 -25.52
C THR C 119 -6.03 -23.09 -25.91
N HIS C 120 -6.41 -24.29 -25.46
CA HIS C 120 -5.66 -25.52 -25.77
C HIS C 120 -5.69 -25.88 -27.25
N SER C 121 -6.80 -25.60 -27.93
CA SER C 121 -6.85 -25.76 -29.38
C SER C 121 -5.80 -24.93 -30.14
N HIS C 122 -5.46 -23.76 -29.61
CA HIS C 122 -4.46 -22.91 -30.23
C HIS C 122 -3.10 -23.63 -30.25
N GLN C 123 -2.90 -24.49 -29.27
CA GLN C 123 -1.67 -25.21 -29.11
C GLN C 123 -1.69 -26.47 -29.99
N ILE C 124 -2.78 -27.21 -29.89
CA ILE C 124 -2.99 -28.37 -30.73
C ILE C 124 -2.72 -27.99 -32.19
N ALA C 125 -3.11 -26.78 -32.55
CA ALA C 125 -2.94 -26.26 -33.90
C ALA C 125 -1.49 -26.10 -34.32
N MET C 126 -0.57 -26.46 -33.45
CA MET C 126 0.83 -26.31 -33.76
C MET C 126 1.46 -27.68 -33.86
N PHE C 127 0.66 -28.69 -33.57
CA PHE C 127 1.10 -30.07 -33.66
C PHE C 127 1.00 -30.53 -35.10
N SER C 128 1.36 -31.79 -35.37
CA SER C 128 1.36 -32.34 -36.74
C SER C 128 -0.02 -32.24 -37.38
N LYS C 129 -0.06 -32.16 -38.70
CA LYS C 129 -1.35 -32.18 -39.38
C LYS C 129 -2.09 -33.47 -39.05
N GLN C 130 -1.34 -34.53 -38.86
CA GLN C 130 -1.92 -35.84 -38.59
C GLN C 130 -2.68 -35.88 -37.27
N LEU C 131 -2.15 -35.19 -36.25
CA LEU C 131 -2.76 -35.16 -34.92
C LEU C 131 -4.04 -34.37 -34.90
N GLN C 132 -4.01 -33.16 -35.44
CA GLN C 132 -5.22 -32.37 -35.60
C GLN C 132 -6.30 -33.13 -36.38
N ASP C 133 -5.88 -33.80 -37.45
CA ASP C 133 -6.77 -34.61 -38.27
C ASP C 133 -7.41 -35.72 -37.44
N GLU C 134 -6.61 -36.32 -36.58
CA GLU C 134 -7.06 -37.41 -35.74
C GLU C 134 -8.13 -36.93 -34.75
N ILE C 135 -7.86 -35.79 -34.10
CA ILE C 135 -8.75 -35.21 -33.10
C ILE C 135 -10.06 -34.71 -33.72
N TRP C 136 -9.94 -33.86 -34.75
CA TRP C 136 -11.08 -33.06 -35.20
C TRP C 136 -11.88 -33.54 -36.42
N LEU C 137 -11.21 -34.11 -37.42
CA LEU C 137 -11.94 -34.68 -38.54
C LEU C 137 -12.91 -35.73 -38.00
N LYS C 138 -12.47 -36.43 -36.96
CA LYS C 138 -13.28 -37.41 -36.22
C LYS C 138 -14.43 -36.76 -35.45
N ASP C 139 -14.12 -35.79 -34.60
CA ASP C 139 -15.10 -35.00 -33.85
C ASP C 139 -14.66 -33.51 -33.78
N PRO C 140 -15.39 -32.62 -34.47
CA PRO C 140 -15.03 -31.22 -34.61
C PRO C 140 -15.26 -30.40 -33.34
N ASP C 141 -16.01 -30.95 -32.39
CA ASP C 141 -16.27 -30.32 -31.08
C ASP C 141 -15.35 -30.75 -29.94
N ALA C 142 -14.46 -31.70 -30.22
CA ALA C 142 -13.51 -32.22 -29.22
C ALA C 142 -12.60 -31.12 -28.69
N THR C 143 -12.33 -31.20 -27.38
CA THR C 143 -11.42 -30.27 -26.71
C THR C 143 -10.47 -31.02 -25.76
N ALA C 144 -9.43 -30.33 -25.31
CA ALA C 144 -8.44 -30.92 -24.42
C ALA C 144 -8.30 -30.12 -23.15
N SER C 145 -8.13 -30.81 -22.04
CA SER C 145 -7.69 -30.17 -20.82
C SER C 145 -6.15 -30.33 -20.74
N SER C 146 -5.52 -29.84 -19.68
CA SER C 146 -4.07 -30.00 -19.59
C SER C 146 -3.59 -30.28 -18.19
N SER C 147 -2.29 -30.60 -18.12
CA SER C 147 -1.48 -30.60 -16.91
C SER C 147 -0.05 -30.54 -17.41
N ILE C 148 0.47 -29.31 -17.43
CA ILE C 148 1.73 -28.98 -18.07
C ILE C 148 2.97 -29.10 -17.18
N ALA C 149 2.78 -29.07 -15.86
CA ALA C 149 3.90 -29.27 -14.92
C ALA C 149 4.52 -30.69 -15.06
N PRO C 150 5.81 -30.76 -15.46
CA PRO C 150 6.48 -31.99 -15.87
C PRO C 150 6.75 -33.01 -14.76
N PHE C 151 5.72 -33.54 -14.12
CA PHE C 151 5.99 -34.53 -13.07
C PHE C 151 6.33 -35.90 -13.59
N GLY C 152 5.96 -36.17 -14.84
CA GLY C 152 6.03 -37.55 -15.36
C GLY C 152 7.41 -38.19 -15.45
N LYS C 153 7.51 -39.46 -15.08
CA LYS C 153 8.71 -40.23 -15.37
C LYS C 153 8.57 -40.75 -16.80
N VAL C 154 9.64 -40.62 -17.59
CA VAL C 154 9.56 -40.87 -19.03
C VAL C 154 10.63 -41.84 -19.52
N GLU C 155 10.20 -42.98 -20.06
CA GLU C 155 11.08 -43.97 -20.65
C GLU C 155 11.05 -43.80 -22.17
N GLU C 156 12.23 -43.69 -22.79
CA GLU C 156 12.33 -43.62 -24.25
C GLU C 156 12.25 -45.02 -24.82
N VAL C 157 11.09 -45.37 -25.35
CA VAL C 157 10.96 -46.57 -26.15
C VAL C 157 11.14 -46.14 -27.59
N GLU C 158 11.22 -47.08 -28.53
CA GLU C 158 11.39 -46.67 -29.92
C GLU C 158 10.04 -46.39 -30.58
N GLY C 159 9.96 -45.25 -31.26
CA GLY C 159 8.71 -44.76 -31.82
C GLY C 159 8.02 -43.72 -30.95
N GLY C 160 8.54 -43.50 -29.74
CA GLY C 160 7.95 -42.55 -28.80
C GLY C 160 8.37 -42.78 -27.37
N ILE C 161 7.47 -42.50 -26.43
CA ILE C 161 7.75 -42.66 -25.00
C ILE C 161 6.65 -43.42 -24.24
N ILE C 162 7.02 -43.95 -23.08
CA ILE C 162 6.04 -44.36 -22.10
C ILE C 162 6.11 -43.41 -20.92
N LEU C 163 4.97 -42.85 -20.53
CA LEU C 163 4.90 -41.87 -19.49
C LEU C 163 4.08 -42.40 -18.33
N ASN C 164 4.55 -42.14 -17.10
CA ASN C 164 3.83 -42.48 -15.88
C ASN C 164 3.82 -41.28 -14.98
N GLY C 165 2.75 -41.06 -14.24
CA GLY C 165 2.75 -39.99 -13.25
C GLY C 165 1.38 -39.56 -12.81
N ASP C 166 1.35 -38.81 -11.72
CA ASP C 166 0.13 -38.18 -11.26
C ASP C 166 0.15 -36.73 -11.71
N TYR C 167 -0.81 -36.36 -12.54
CA TYR C 167 -0.78 -35.04 -13.14
C TYR C 167 -1.87 -34.14 -12.57
N GLY C 168 -1.49 -33.31 -11.61
CA GLY C 168 -2.47 -32.50 -10.93
C GLY C 168 -3.09 -31.39 -11.76
N TRP C 169 -4.21 -30.88 -11.26
CA TRP C 169 -4.74 -29.58 -11.63
C TRP C 169 -5.08 -29.58 -13.09
N SER C 170 -6.17 -30.25 -13.45
CA SER C 170 -6.58 -30.24 -14.85
C SER C 170 -7.95 -29.64 -14.98
N SER C 171 -8.00 -28.32 -15.05
CA SER C 171 -9.28 -27.62 -15.18
C SER C 171 -10.07 -28.16 -16.36
N GLY C 172 -11.36 -28.45 -16.13
CA GLY C 172 -12.28 -28.89 -17.17
C GLY C 172 -12.08 -30.31 -17.64
N CYS C 173 -11.17 -31.02 -16.99
CA CYS C 173 -10.76 -32.34 -17.45
C CYS C 173 -11.93 -33.31 -17.59
N ASP C 174 -13.02 -33.07 -16.84
CA ASP C 174 -14.25 -33.87 -16.96
C ASP C 174 -14.94 -33.71 -18.31
N HIS C 175 -14.75 -32.55 -18.94
CA HIS C 175 -15.42 -32.23 -20.18
C HIS C 175 -14.54 -32.34 -21.42
N ALA C 176 -13.33 -32.86 -21.24
CA ALA C 176 -12.39 -32.99 -22.33
C ALA C 176 -12.32 -34.40 -22.90
N GLU C 177 -11.98 -34.48 -24.18
CA GLU C 177 -11.77 -35.74 -24.85
C GLU C 177 -10.30 -36.09 -24.93
N TYR C 178 -9.43 -35.11 -24.72
CA TYR C 178 -7.98 -35.33 -24.71
C TYR C 178 -7.34 -34.56 -23.57
N ALA C 179 -6.12 -34.92 -23.22
CA ALA C 179 -5.34 -34.08 -22.35
C ALA C 179 -4.00 -33.77 -22.96
N ILE C 180 -3.53 -32.55 -22.75
CA ILE C 180 -2.16 -32.16 -23.08
C ILE C 180 -1.35 -32.26 -21.82
N VAL C 181 -0.22 -32.93 -21.91
CA VAL C 181 0.53 -33.34 -20.75
C VAL C 181 2.02 -33.00 -20.93
N GLY C 182 2.64 -32.40 -19.94
CA GLY C 182 4.00 -31.91 -20.09
C GLY C 182 5.00 -32.84 -19.44
N PHE C 183 6.21 -32.88 -19.99
CA PHE C 183 7.26 -33.74 -19.46
C PHE C 183 8.60 -33.39 -20.05
N ASN C 184 9.68 -33.88 -19.44
CA ASN C 184 11.02 -33.57 -19.88
C ASN C 184 11.69 -34.76 -20.52
N ARG C 185 12.28 -34.56 -21.70
CA ARG C 185 13.13 -35.57 -22.34
C ARG C 185 14.56 -35.01 -22.35
N PHE C 186 15.54 -35.64 -22.98
CA PHE C 186 16.95 -35.18 -22.84
C PHE C 186 17.88 -35.30 -24.07
N ASP C 187 18.89 -34.41 -24.17
CA ASP C 187 19.88 -34.40 -25.28
C ASP C 187 20.76 -35.63 -25.39
N ALA C 188 21.57 -35.62 -26.48
CA ALA C 188 22.91 -36.33 -26.45
C ALA C 188 23.60 -36.25 -25.08
N ASP C 189 23.95 -35.04 -24.64
CA ASP C 189 24.43 -34.83 -23.26
C ASP C 189 23.28 -34.48 -22.28
N GLY C 190 22.14 -35.13 -22.50
CA GLY C 190 21.04 -35.12 -21.55
C GLY C 190 20.75 -33.79 -20.92
N ASN C 191 20.27 -32.83 -21.71
CA ASN C 191 19.66 -31.64 -21.12
C ASN C 191 18.15 -31.67 -21.25
N LYS C 192 17.46 -31.08 -20.29
CA LYS C 192 16.01 -31.11 -20.32
C LYS C 192 15.57 -30.65 -21.70
N ILE C 193 14.73 -31.45 -22.35
CA ILE C 193 13.93 -30.98 -23.48
C ILE C 193 12.48 -31.01 -23.04
N TYR C 194 11.90 -29.84 -22.78
CA TYR C 194 10.55 -29.78 -22.27
C TYR C 194 9.61 -30.02 -23.41
N SER C 195 8.78 -31.06 -23.30
CA SER C 195 7.83 -31.44 -24.35
C SER C 195 6.40 -31.65 -23.84
N PHE C 196 5.47 -31.62 -24.79
CA PHE C 196 4.05 -31.86 -24.52
C PHE C 196 3.57 -33.06 -25.31
N GLY C 197 2.68 -33.84 -24.72
CA GLY C 197 2.05 -34.93 -25.44
C GLY C 197 0.54 -34.89 -25.34
N VAL C 198 -0.14 -35.08 -26.46
CA VAL C 198 -1.59 -35.12 -26.44
C VAL C 198 -2.04 -36.58 -26.37
N ILE C 199 -2.93 -36.86 -25.41
CA ILE C 199 -3.35 -38.23 -25.15
C ILE C 199 -4.87 -38.35 -25.00
N PRO C 200 -5.47 -39.41 -25.57
CA PRO C 200 -6.89 -39.61 -25.53
C PRO C 200 -7.43 -39.94 -24.14
N ARG C 201 -8.65 -39.49 -23.87
CA ARG C 201 -9.34 -39.69 -22.61
C ARG C 201 -9.29 -41.14 -22.11
N SER C 202 -9.22 -42.11 -23.02
CA SER C 202 -9.17 -43.52 -22.60
C SER C 202 -7.85 -43.89 -21.91
N ASP C 203 -6.79 -43.13 -22.19
CA ASP C 203 -5.45 -43.45 -21.69
C ASP C 203 -5.16 -42.97 -20.24
N TYR C 204 -6.14 -42.33 -19.59
CA TYR C 204 -5.94 -41.89 -18.23
C TYR C 204 -7.19 -41.86 -17.39
N GLU C 205 -7.01 -42.01 -16.08
CA GLU C 205 -8.10 -41.92 -15.13
C GLU C 205 -8.16 -40.52 -14.53
N ILE C 206 -9.37 -39.97 -14.41
CA ILE C 206 -9.56 -38.75 -13.66
C ILE C 206 -9.77 -39.12 -12.18
N VAL C 207 -8.84 -38.67 -11.34
CA VAL C 207 -8.97 -38.84 -9.89
C VAL C 207 -9.55 -37.55 -9.31
N ASP C 208 -10.62 -37.72 -8.53
CA ASP C 208 -11.36 -36.60 -7.97
C ASP C 208 -10.87 -36.24 -6.55
N ASN C 209 -9.80 -35.46 -6.52
CA ASN C 209 -9.16 -35.01 -5.31
C ASN C 209 -9.31 -33.50 -5.23
N TRP C 210 -10.23 -32.95 -6.01
CA TRP C 210 -10.35 -31.49 -6.12
C TRP C 210 -11.29 -30.96 -5.03
N TYR C 211 -10.71 -30.69 -3.87
CA TYR C 211 -11.41 -30.04 -2.77
C TYR C 211 -10.64 -28.78 -2.44
N ALA C 212 -11.14 -27.66 -2.95
CA ALA C 212 -10.45 -26.36 -2.92
C ALA C 212 -11.32 -25.35 -2.16
N GLN C 213 -10.79 -24.16 -1.92
CA GLN C 213 -11.58 -23.13 -1.29
C GLN C 213 -11.82 -21.97 -2.21
N ALA C 214 -11.38 -22.06 -3.47
CA ALA C 214 -11.65 -21.03 -4.45
C ALA C 214 -11.75 -21.63 -5.85
N ILE C 215 -12.54 -20.98 -6.73
CA ILE C 215 -12.73 -21.46 -8.10
C ILE C 215 -13.15 -22.95 -8.09
N LYS C 216 -14.03 -23.28 -7.14
CA LYS C 216 -14.40 -24.67 -6.90
C LYS C 216 -14.96 -25.28 -8.18
N SER C 217 -15.67 -24.47 -8.96
CA SER C 217 -16.44 -24.97 -10.11
C SER C 217 -15.60 -25.31 -11.35
N SER C 218 -14.29 -25.12 -11.27
CA SER C 218 -13.40 -25.37 -12.40
C SER C 218 -13.08 -26.85 -12.67
N GLY C 219 -13.44 -27.72 -11.71
CA GLY C 219 -13.21 -29.17 -11.79
C GLY C 219 -11.77 -29.56 -12.06
N SER C 220 -10.83 -28.93 -11.34
CA SER C 220 -9.41 -29.09 -11.60
C SER C 220 -8.87 -30.38 -10.99
N LYS C 221 -9.52 -31.49 -11.35
CA LYS C 221 -9.13 -32.82 -10.88
C LYS C 221 -7.78 -33.24 -11.47
N MET C 222 -7.25 -34.34 -10.97
CA MET C 222 -5.92 -34.77 -11.33
C MET C 222 -5.98 -35.98 -12.26
N LEU C 223 -5.13 -35.96 -13.28
CA LEU C 223 -5.02 -37.07 -14.23
C LEU C 223 -4.01 -38.11 -13.77
N LYS C 224 -4.39 -39.38 -13.78
CA LYS C 224 -3.44 -40.42 -13.46
C LYS C 224 -3.04 -41.18 -14.70
N LEU C 225 -1.74 -41.36 -14.89
CA LEU C 225 -1.21 -42.01 -16.09
C LEU C 225 -0.42 -43.27 -15.76
N VAL C 226 -0.91 -44.42 -16.22
CA VAL C 226 -0.21 -45.68 -15.99
C VAL C 226 0.26 -46.33 -17.29
N ASN C 227 1.58 -46.28 -17.50
CA ASN C 227 2.23 -46.84 -18.68
C ASN C 227 1.60 -46.40 -19.99
N VAL C 228 1.30 -45.11 -20.07
CA VAL C 228 0.72 -44.53 -21.25
C VAL C 228 1.81 -44.43 -22.31
N PHE C 229 1.58 -45.07 -23.44
CA PHE C 229 2.46 -44.90 -24.61
C PHE C 229 2.07 -43.67 -25.42
N ILE C 230 3.06 -42.86 -25.76
CA ILE C 230 2.82 -41.72 -26.62
C ILE C 230 3.70 -41.77 -27.87
N PRO C 231 3.08 -41.88 -29.06
CA PRO C 231 3.84 -41.85 -30.30
C PRO C 231 4.42 -40.46 -30.61
N GLU C 232 5.58 -40.48 -31.27
CA GLU C 232 6.36 -39.30 -31.61
C GLU C 232 5.59 -38.18 -32.27
N TYR C 233 4.48 -38.49 -32.92
CA TYR C 233 3.75 -37.49 -33.70
C TYR C 233 2.73 -36.76 -32.85
N ARG C 234 2.53 -37.22 -31.63
CA ARG C 234 1.70 -36.48 -30.68
C ARG C 234 2.56 -35.82 -29.62
N ILE C 235 3.83 -35.58 -29.95
CA ILE C 235 4.79 -34.95 -29.04
C ILE C 235 5.49 -33.78 -29.72
N SER C 236 5.28 -32.58 -29.16
CA SER C 236 6.00 -31.38 -29.58
C SER C 236 6.87 -30.78 -28.50
N LYS C 237 8.02 -30.24 -28.91
CA LYS C 237 8.87 -29.44 -28.03
C LYS C 237 8.22 -28.08 -27.70
N ALA C 238 8.26 -27.66 -26.43
CA ALA C 238 7.73 -26.37 -26.04
C ALA C 238 8.47 -25.27 -26.77
N LYS C 239 9.81 -25.35 -26.79
CA LYS C 239 10.66 -24.32 -27.42
C LYS C 239 10.29 -24.13 -28.88
N ASP C 240 9.99 -25.23 -29.57
CA ASP C 240 9.53 -25.21 -30.95
C ASP C 240 8.20 -24.49 -31.12
N MET C 241 7.34 -24.56 -30.12
CA MET C 241 6.03 -23.91 -30.20
C MET C 241 6.12 -22.47 -29.73
N MET C 242 7.25 -22.12 -29.16
CA MET C 242 7.50 -20.76 -28.76
C MET C 242 8.09 -20.01 -29.93
N GLU C 243 8.72 -20.72 -30.85
CA GLU C 243 9.51 -20.05 -31.89
C GLU C 243 9.07 -20.37 -33.32
N GLY C 244 7.85 -20.90 -33.46
CA GLY C 244 7.36 -21.37 -34.75
C GLY C 244 8.29 -22.34 -35.49
N LYS C 245 8.55 -23.49 -34.86
CA LYS C 245 9.39 -24.53 -35.44
C LYS C 245 8.77 -25.90 -35.24
N SER C 246 7.60 -25.92 -34.61
CA SER C 246 6.88 -27.14 -34.34
C SER C 246 6.32 -27.71 -35.63
N ALA C 247 5.91 -28.97 -35.57
CA ALA C 247 5.43 -29.72 -36.73
C ALA C 247 4.26 -29.08 -37.46
N GLY C 248 3.49 -28.23 -36.79
CA GLY C 248 2.37 -27.59 -37.44
C GLY C 248 2.64 -26.19 -38.01
N PHE C 249 3.89 -25.74 -37.92
CA PHE C 249 4.24 -24.46 -38.45
C PHE C 249 3.98 -24.45 -39.93
N GLY C 250 3.33 -23.40 -40.41
CA GLY C 250 3.15 -23.17 -41.84
C GLY C 250 1.84 -23.69 -42.39
N LEU C 251 1.13 -24.46 -41.57
CA LEU C 251 -0.13 -25.12 -41.96
C LEU C 251 -1.25 -24.18 -42.36
N TYR C 252 -1.28 -22.98 -41.76
CA TYR C 252 -2.39 -22.06 -42.00
C TYR C 252 -1.87 -20.70 -42.40
N PRO C 253 -1.38 -20.57 -43.63
CA PRO C 253 -0.54 -19.44 -44.05
C PRO C 253 -1.26 -18.09 -44.01
N ASP C 254 -2.58 -18.18 -43.86
CA ASP C 254 -3.46 -17.03 -43.91
C ASP C 254 -3.98 -16.62 -42.54
N SER C 255 -3.61 -17.39 -41.52
CA SER C 255 -4.20 -17.22 -40.21
C SER C 255 -3.54 -16.08 -39.51
N LYS C 256 -4.31 -15.36 -38.71
CA LYS C 256 -3.81 -14.20 -37.98
C LYS C 256 -3.37 -14.58 -36.58
N ILE C 257 -3.44 -15.85 -36.20
CA ILE C 257 -3.26 -16.18 -34.80
C ILE C 257 -2.33 -17.36 -34.52
N PHE C 258 -1.89 -18.05 -35.55
CA PHE C 258 -1.05 -19.23 -35.31
C PHE C 258 0.45 -18.93 -35.43
N TYR C 259 0.80 -17.79 -36.02
CA TYR C 259 2.21 -17.48 -36.18
C TYR C 259 2.65 -16.67 -34.97
N THR C 260 2.78 -17.34 -33.83
CA THR C 260 2.91 -16.65 -32.52
C THR C 260 3.24 -17.67 -31.40
N PRO C 261 4.05 -17.28 -30.41
CA PRO C 261 4.41 -18.25 -29.40
C PRO C 261 3.18 -18.78 -28.68
N TYR C 262 3.16 -20.08 -28.36
CA TYR C 262 1.99 -20.75 -27.77
C TYR C 262 1.59 -20.24 -26.38
N ARG C 263 2.57 -19.85 -25.56
CA ARG C 263 2.33 -19.64 -24.12
C ARG C 263 1.48 -18.43 -23.78
N PRO C 264 1.75 -17.25 -24.41
CA PRO C 264 0.94 -16.06 -24.15
C PRO C 264 -0.53 -16.29 -24.37
N TYR C 265 -0.88 -17.17 -25.32
CA TYR C 265 -2.28 -17.48 -25.59
C TYR C 265 -2.86 -18.36 -24.50
N PHE C 266 -2.18 -19.46 -24.24
CA PHE C 266 -2.66 -20.42 -23.25
C PHE C 266 -2.86 -19.80 -21.86
N ALA C 267 -1.98 -18.89 -21.46
CA ALA C 267 -2.05 -18.29 -20.15
C ALA C 267 -2.79 -16.97 -20.18
N SER C 268 -3.41 -16.65 -21.31
CA SER C 268 -4.15 -15.41 -21.44
C SER C 268 -5.41 -15.39 -20.57
N GLY C 269 -5.92 -16.56 -20.18
CA GLY C 269 -7.19 -16.65 -19.46
C GLY C 269 -7.18 -16.21 -18.00
N PHE C 270 -6.04 -16.33 -17.34
CA PHE C 270 -5.97 -16.14 -15.90
C PHE C 270 -6.27 -14.69 -15.54
N SER C 271 -5.48 -13.76 -16.06
CA SER C 271 -5.75 -12.32 -15.89
C SER C 271 -7.16 -11.94 -16.32
N ALA C 272 -7.61 -12.54 -17.42
CA ALA C 272 -8.94 -12.29 -17.97
C ALA C 272 -9.95 -12.61 -16.90
N VAL C 273 -9.94 -13.84 -16.39
CA VAL C 273 -10.83 -14.26 -15.31
C VAL C 273 -10.77 -13.28 -14.11
N SER C 274 -9.54 -12.96 -13.74
CA SER C 274 -9.25 -12.11 -12.60
C SER C 274 -9.86 -10.74 -12.78
N LEU C 275 -9.76 -10.17 -13.99
CA LEU C 275 -10.45 -8.92 -14.33
C LEU C 275 -11.97 -9.07 -14.26
N GLY C 276 -12.48 -10.15 -14.82
CA GLY C 276 -13.89 -10.37 -14.86
C GLY C 276 -14.41 -10.31 -13.46
N ILE C 277 -13.68 -10.89 -12.51
CA ILE C 277 -14.20 -11.01 -11.14
C ILE C 277 -14.24 -9.63 -10.52
N ALA C 278 -13.19 -8.85 -10.77
CA ALA C 278 -13.05 -7.52 -10.19
C ALA C 278 -14.16 -6.60 -10.66
N GLU C 279 -14.39 -6.54 -11.97
CA GLU C 279 -15.45 -5.67 -12.47
C GLU C 279 -16.82 -6.02 -11.87
N ARG C 280 -17.02 -7.32 -11.65
CA ARG C 280 -18.25 -7.84 -11.07
C ARG C 280 -18.35 -7.50 -9.59
N MET C 281 -17.20 -7.50 -8.89
CA MET C 281 -17.16 -7.15 -7.47
C MET C 281 -17.69 -5.74 -7.27
N ILE C 282 -17.20 -4.83 -8.10
CA ILE C 282 -17.60 -3.44 -8.07
C ILE C 282 -19.10 -3.35 -8.25
N GLU C 283 -19.62 -3.97 -9.30
CA GLU C 283 -21.07 -3.99 -9.51
C GLU C 283 -21.82 -4.56 -8.33
N ALA C 284 -21.36 -5.71 -7.83
CA ALA C 284 -22.03 -6.42 -6.75
C ALA C 284 -22.00 -5.63 -5.44
N PHE C 285 -20.83 -5.06 -5.15
CA PHE C 285 -20.64 -4.17 -4.00
C PHE C 285 -21.56 -2.98 -4.12
N LYS C 286 -21.53 -2.31 -5.26
CA LYS C 286 -22.45 -1.20 -5.46
C LYS C 286 -23.93 -1.53 -5.16
N GLU C 287 -24.38 -2.69 -5.63
CA GLU C 287 -25.78 -3.11 -5.42
C GLU C 287 -26.10 -3.26 -3.95
N LYS C 288 -25.22 -3.97 -3.25
CA LYS C 288 -25.40 -4.25 -1.84
C LYS C 288 -25.18 -2.99 -1.01
N GLN C 289 -24.43 -2.04 -1.54
CA GLN C 289 -24.10 -0.85 -0.76
C GLN C 289 -25.24 0.10 -0.58
N ARG C 290 -26.01 0.32 -1.64
CA ARG C 290 -27.13 1.29 -1.64
C ARG C 290 -27.91 1.45 -0.31
N ASN C 291 -28.38 0.31 0.19
CA ASN C 291 -29.43 0.26 1.20
C ASN C 291 -28.87 -0.10 2.60
N ARG C 292 -27.56 -0.45 2.64
CA ARG C 292 -26.80 -0.81 3.87
C ARG C 292 -27.06 0.16 5.03
N VAL C 293 -27.83 -0.27 6.05
CA VAL C 293 -27.89 0.46 7.34
C VAL C 293 -26.68 0.13 8.25
N ARG C 294 -26.51 0.95 9.30
CA ARG C 294 -25.73 0.53 10.45
C ARG C 294 -26.66 -0.41 11.22
N ALA C 295 -26.08 -1.50 11.73
CA ALA C 295 -26.78 -2.41 12.64
C ALA C 295 -26.83 -1.84 14.10
N TYR C 296 -25.93 -0.88 14.32
CA TYR C 296 -25.55 -0.29 15.61
C TYR C 296 -26.33 1.01 15.94
N THR C 297 -26.34 1.95 14.99
CA THR C 297 -26.97 3.27 15.18
C THR C 297 -28.38 3.42 14.55
N GLY C 298 -28.46 3.34 13.22
CA GLY C 298 -29.74 3.38 12.47
C GLY C 298 -29.92 4.45 11.39
N ALA C 299 -28.95 4.53 10.45
CA ALA C 299 -28.91 5.60 9.41
C ALA C 299 -28.24 5.21 8.05
N ASN C 300 -28.95 5.58 6.95
CA ASN C 300 -28.70 5.16 5.55
C ASN C 300 -27.17 5.42 5.45
N VAL C 301 -26.42 4.34 5.25
CA VAL C 301 -24.97 4.35 5.49
C VAL C 301 -24.30 3.97 4.13
N GLY C 302 -25.16 3.70 3.13
CA GLY C 302 -24.75 3.24 1.79
C GLY C 302 -23.96 4.27 0.98
N LEU C 303 -24.30 5.54 1.24
CA LEU C 303 -23.70 6.69 0.55
C LEU C 303 -22.66 7.47 1.37
N ALA C 304 -22.09 6.84 2.42
CA ALA C 304 -21.08 7.53 3.22
C ALA C 304 -19.79 7.66 2.45
N THR C 305 -19.08 8.74 2.71
CA THR C 305 -17.93 9.16 1.92
C THR C 305 -16.84 8.10 1.79
N PRO C 306 -16.53 7.40 2.90
CA PRO C 306 -15.54 6.33 2.79
C PRO C 306 -15.92 5.28 1.73
N ALA C 307 -17.10 4.67 1.86
CA ALA C 307 -17.63 3.74 0.86
C ALA C 307 -17.49 4.25 -0.58
N LEU C 308 -17.95 5.47 -0.83
CA LEU C 308 -17.84 6.11 -2.13
C LEU C 308 -16.43 6.14 -2.61
N MET C 309 -15.51 6.51 -1.74
CA MET C 309 -14.15 6.65 -2.18
C MET C 309 -13.58 5.31 -2.54
N ARG C 310 -13.96 4.25 -1.81
CA ARG C 310 -13.45 2.94 -2.14
C ARG C 310 -14.02 2.49 -3.46
N ILE C 311 -15.33 2.63 -3.67
CA ILE C 311 -15.93 2.34 -4.97
C ILE C 311 -15.18 3.12 -6.08
N ALA C 312 -14.94 4.40 -5.87
CA ALA C 312 -14.20 5.17 -6.85
C ALA C 312 -12.82 4.59 -7.10
N GLU C 313 -12.02 4.36 -6.06
CA GLU C 313 -10.63 3.98 -6.26
C GLU C 313 -10.49 2.56 -6.80
N SER C 314 -11.40 1.67 -6.42
CA SER C 314 -11.33 0.34 -6.96
C SER C 314 -11.67 0.43 -8.44
N THR C 315 -12.67 1.26 -8.77
CA THR C 315 -13.08 1.49 -10.16
C THR C 315 -11.88 1.95 -10.99
N HIS C 316 -11.16 2.90 -10.44
CA HIS C 316 -10.01 3.45 -11.13
C HIS C 316 -8.95 2.36 -11.30
N GLN C 317 -8.64 1.67 -10.21
CA GLN C 317 -7.66 0.57 -10.28
C GLN C 317 -8.00 -0.50 -11.29
N VAL C 318 -9.23 -1.01 -11.34
CA VAL C 318 -9.50 -2.07 -12.33
C VAL C 318 -9.59 -1.54 -13.76
N ALA C 319 -10.03 -0.31 -13.94
CA ALA C 319 -9.98 0.36 -15.24
C ALA C 319 -8.54 0.51 -15.70
N ALA C 320 -7.65 0.84 -14.78
CA ALA C 320 -6.26 0.94 -15.15
C ALA C 320 -5.74 -0.44 -15.50
N ALA C 321 -6.14 -1.46 -14.74
CA ALA C 321 -5.78 -2.85 -15.10
C ALA C 321 -6.30 -3.22 -16.48
N ARG C 322 -7.59 -2.95 -16.74
CA ARG C 322 -8.20 -3.19 -18.03
C ARG C 322 -7.44 -2.48 -19.16
N ALA C 323 -7.01 -1.24 -18.94
CA ALA C 323 -6.26 -0.54 -19.96
C ALA C 323 -4.99 -1.29 -20.28
N LEU C 324 -4.26 -1.75 -19.27
CA LEU C 324 -3.02 -2.48 -19.50
C LEU C 324 -3.22 -3.82 -20.22
N LEU C 325 -4.20 -4.59 -19.78
CA LEU C 325 -4.57 -5.81 -20.51
C LEU C 325 -5.02 -5.50 -21.94
N GLU C 326 -5.84 -4.47 -22.14
CA GLU C 326 -6.30 -4.13 -23.49
C GLU C 326 -5.12 -3.75 -24.39
N LYS C 327 -4.16 -3.01 -23.86
CA LYS C 327 -3.02 -2.60 -24.65
C LYS C 327 -2.14 -3.80 -24.89
N THR C 328 -1.94 -4.62 -23.86
CA THR C 328 -1.18 -5.86 -24.05
C THR C 328 -1.81 -6.77 -25.11
N TRP C 329 -3.13 -6.97 -25.04
CA TRP C 329 -3.81 -7.82 -25.99
C TRP C 329 -3.61 -7.28 -27.40
N GLU C 330 -3.76 -5.98 -27.58
CA GLU C 330 -3.58 -5.37 -28.90
C GLU C 330 -2.22 -5.74 -29.43
N ASP C 331 -1.19 -5.66 -28.58
CA ASP C 331 0.17 -6.01 -28.96
C ASP C 331 0.24 -7.45 -29.47
N HIS C 332 -0.42 -8.37 -28.77
CA HIS C 332 -0.47 -9.75 -29.24
C HIS C 332 -1.10 -9.77 -30.59
N ARG C 333 -2.20 -9.02 -30.76
CA ARG C 333 -3.01 -9.04 -31.99
C ARG C 333 -2.23 -8.56 -33.23
N ILE C 334 -1.67 -7.37 -33.11
CA ILE C 334 -0.76 -6.79 -34.07
C ILE C 334 0.37 -7.75 -34.45
N HIS C 335 0.98 -8.40 -33.44
CA HIS C 335 2.07 -9.37 -33.72
C HIS C 335 1.58 -10.54 -34.57
N GLY C 336 0.49 -11.16 -34.11
CA GLY C 336 -0.19 -12.21 -34.87
C GLY C 336 -0.51 -11.84 -36.33
N LEU C 337 -1.23 -10.72 -36.53
CA LEU C 337 -1.47 -10.16 -37.86
C LEU C 337 -0.25 -10.26 -38.74
N ASN C 338 0.86 -9.69 -38.27
CA ASN C 338 2.10 -9.58 -39.05
C ASN C 338 2.98 -10.82 -39.08
N HIS C 339 2.47 -11.90 -38.52
CA HIS C 339 3.20 -13.17 -38.50
C HIS C 339 4.58 -12.95 -37.91
N GLN C 340 4.64 -12.14 -36.87
CA GLN C 340 5.91 -11.72 -36.30
C GLN C 340 6.06 -12.19 -34.86
N TYR C 341 7.17 -12.86 -34.62
CA TYR C 341 7.46 -13.40 -33.32
C TYR C 341 8.11 -12.30 -32.54
N PRO C 342 7.74 -12.14 -31.25
CA PRO C 342 8.14 -10.96 -30.51
C PRO C 342 9.58 -11.10 -30.09
N ASN C 343 10.24 -9.97 -29.82
CA ASN C 343 11.60 -10.01 -29.28
C ASN C 343 11.60 -10.19 -27.75
N LYS C 344 12.79 -10.27 -27.17
CA LYS C 344 12.99 -10.50 -25.75
C LYS C 344 12.12 -9.58 -24.90
N GLU C 345 12.24 -8.28 -25.17
CA GLU C 345 11.61 -7.26 -24.39
C GLU C 345 10.11 -7.41 -24.45
N THR C 346 9.54 -7.42 -25.64
CA THR C 346 8.09 -7.49 -25.67
C THR C 346 7.60 -8.80 -25.05
N LEU C 347 8.37 -9.86 -25.23
CA LEU C 347 8.06 -11.15 -24.63
C LEU C 347 8.04 -11.10 -23.11
N ALA C 348 9.00 -10.39 -22.51
CA ALA C 348 9.05 -10.20 -21.07
C ALA C 348 7.79 -9.46 -20.60
N PHE C 349 7.40 -8.42 -21.34
CA PHE C 349 6.18 -7.68 -21.04
C PHE C 349 4.89 -8.50 -21.12
N TRP C 350 4.81 -9.40 -22.13
CA TRP C 350 3.63 -10.25 -22.35
C TRP C 350 3.61 -11.31 -21.29
N ARG C 351 4.80 -11.64 -20.78
CA ARG C 351 4.85 -12.65 -19.74
C ARG C 351 4.35 -12.07 -18.43
N THR C 352 4.56 -10.78 -18.23
CA THR C 352 4.43 -10.18 -16.90
C THR C 352 3.32 -9.15 -16.71
N ASN C 353 2.99 -8.36 -17.72
CA ASN C 353 1.91 -7.40 -17.52
C ASN C 353 0.65 -8.02 -16.91
N GLN C 354 0.31 -9.21 -17.35
CA GLN C 354 -0.86 -9.89 -16.88
C GLN C 354 -0.76 -10.16 -15.39
N ALA C 355 0.47 -10.32 -14.92
CA ALA C 355 0.65 -10.63 -13.51
C ALA C 355 0.37 -9.38 -12.70
N TYR C 356 0.81 -8.23 -13.23
CA TYR C 356 0.51 -6.95 -12.59
C TYR C 356 -0.98 -6.66 -12.60
N ALA C 357 -1.63 -6.92 -13.74
CA ALA C 357 -3.06 -6.73 -13.86
C ALA C 357 -3.77 -7.49 -12.79
N VAL C 358 -3.39 -8.75 -12.63
CA VAL C 358 -4.00 -9.65 -11.65
C VAL C 358 -3.83 -9.11 -10.22
N LYS C 359 -2.64 -8.59 -9.93
CA LYS C 359 -2.34 -7.98 -8.64
C LYS C 359 -3.21 -6.76 -8.36
N MET C 360 -3.31 -5.85 -9.31
CA MET C 360 -4.18 -4.70 -9.15
C MET C 360 -5.61 -5.12 -8.95
N CYS C 361 -6.04 -6.12 -9.68
CA CYS C 361 -7.42 -6.54 -9.60
C CYS C 361 -7.76 -7.04 -8.20
N ILE C 362 -6.77 -7.67 -7.55
CA ILE C 362 -6.99 -8.27 -6.24
C ILE C 362 -6.96 -7.18 -5.18
N GLU C 363 -6.06 -6.21 -5.37
CA GLU C 363 -6.11 -5.01 -4.52
C GLU C 363 -7.48 -4.38 -4.57
N ALA C 364 -8.04 -4.25 -5.77
CA ALA C 364 -9.34 -3.63 -5.96
C ALA C 364 -10.48 -4.38 -5.28
N VAL C 365 -10.46 -5.71 -5.39
CA VAL C 365 -11.40 -6.58 -4.73
C VAL C 365 -11.27 -6.47 -3.20
N ASP C 366 -10.03 -6.44 -2.72
CA ASP C 366 -9.77 -6.39 -1.28
C ASP C 366 -10.23 -5.06 -0.72
N ARG C 367 -9.99 -3.97 -1.45
CA ARG C 367 -10.41 -2.65 -0.96
C ARG C 367 -11.93 -2.64 -0.74
N LEU C 368 -12.66 -3.36 -1.55
CA LEU C 368 -14.08 -3.40 -1.37
C LEU C 368 -14.48 -4.40 -0.29
N MET C 369 -13.97 -5.63 -0.38
CA MET C 369 -14.35 -6.64 0.60
C MET C 369 -14.11 -6.14 2.01
N ALA C 370 -13.24 -5.15 2.17
CA ALA C 370 -12.87 -4.71 3.51
C ALA C 370 -13.86 -3.72 4.06
N ALA C 371 -14.78 -3.25 3.21
CA ALA C 371 -15.82 -2.35 3.67
C ALA C 371 -17.17 -3.06 3.66
N ALA C 372 -17.10 -4.36 3.41
CA ALA C 372 -18.28 -5.14 3.06
C ALA C 372 -19.02 -5.59 4.29
N GLY C 373 -18.37 -5.57 5.44
CA GLY C 373 -19.02 -6.00 6.68
C GLY C 373 -19.28 -7.50 6.80
N ALA C 374 -19.69 -7.91 7.99
CA ALA C 374 -19.76 -9.32 8.32
C ALA C 374 -20.69 -10.11 7.42
N THR C 375 -21.75 -9.46 6.95
CA THR C 375 -22.79 -10.16 6.20
C THR C 375 -22.28 -10.67 4.85
N SER C 376 -21.21 -10.04 4.37
CA SER C 376 -20.61 -10.39 3.10
C SER C 376 -19.81 -11.67 3.13
N PHE C 377 -19.58 -12.21 4.32
CA PHE C 377 -18.81 -13.45 4.46
C PHE C 377 -19.70 -14.67 4.66
N MET C 378 -21.02 -14.45 4.65
CA MET C 378 -21.98 -15.53 4.70
C MET C 378 -21.94 -16.33 3.41
N ASP C 379 -22.30 -17.61 3.49
CA ASP C 379 -22.39 -18.46 2.29
C ASP C 379 -23.37 -17.94 1.25
N ASN C 380 -24.49 -17.40 1.72
CA ASN C 380 -25.53 -16.81 0.87
C ASN C 380 -25.22 -15.42 0.25
N SER C 381 -23.97 -14.96 0.38
CA SER C 381 -23.55 -13.69 -0.21
C SER C 381 -22.58 -13.93 -1.35
N GLU C 382 -22.73 -13.17 -2.41
CA GLU C 382 -21.93 -13.33 -3.61
C GLU C 382 -20.52 -12.83 -3.41
N LEU C 383 -20.35 -11.84 -2.53
CA LEU C 383 -19.06 -11.14 -2.41
C LEU C 383 -17.98 -12.12 -1.98
N GLN C 384 -18.31 -12.85 -0.93
CA GLN C 384 -17.48 -13.90 -0.38
C GLN C 384 -16.92 -14.86 -1.44
N ARG C 385 -17.76 -15.28 -2.38
CA ARG C 385 -17.27 -16.08 -3.48
C ARG C 385 -16.37 -15.33 -4.42
N LEU C 386 -16.64 -14.05 -4.62
CA LEU C 386 -15.87 -13.29 -5.59
C LEU C 386 -14.50 -13.02 -5.02
N PHE C 387 -14.50 -12.72 -3.73
CA PHE C 387 -13.31 -12.43 -2.98
C PHE C 387 -12.40 -13.65 -3.01
N ARG C 388 -12.96 -14.84 -2.72
CA ARG C 388 -12.17 -16.06 -2.75
C ARG C 388 -11.61 -16.30 -4.13
N ASP C 389 -12.49 -16.43 -5.12
CA ASP C 389 -12.06 -16.66 -6.49
C ASP C 389 -11.03 -15.66 -6.95
N ALA C 390 -11.18 -14.41 -6.54
CA ALA C 390 -10.26 -13.37 -6.97
C ALA C 390 -8.82 -13.67 -6.50
N HIS C 391 -8.72 -14.04 -5.23
CA HIS C 391 -7.44 -14.41 -4.66
C HIS C 391 -6.86 -15.64 -5.32
N MET C 392 -7.72 -16.59 -5.71
CA MET C 392 -7.23 -17.82 -6.28
C MET C 392 -6.49 -17.53 -7.59
N THR C 393 -6.92 -16.49 -8.31
CA THR C 393 -6.34 -16.19 -9.62
C THR C 393 -4.92 -15.73 -9.50
N GLY C 394 -4.55 -15.25 -8.31
CA GLY C 394 -3.22 -14.80 -8.08
C GLY C 394 -2.34 -15.88 -7.52
N ALA C 395 -2.86 -17.11 -7.41
CA ALA C 395 -2.08 -18.18 -6.80
C ALA C 395 -1.58 -19.19 -7.81
N HIS C 396 -1.95 -19.01 -9.07
CA HIS C 396 -1.41 -19.81 -10.16
C HIS C 396 0.08 -19.53 -10.35
N ALA C 397 0.79 -20.50 -10.92
CA ALA C 397 2.21 -20.38 -11.08
C ALA C 397 2.59 -19.32 -12.08
N TYR C 398 1.69 -19.02 -12.99
CA TYR C 398 2.00 -18.08 -14.07
C TYR C 398 1.66 -16.64 -13.67
N THR C 399 0.88 -16.49 -12.62
CA THR C 399 0.46 -15.19 -12.16
C THR C 399 1.19 -14.74 -10.90
N ASP C 400 2.07 -15.56 -10.36
CA ASP C 400 2.84 -15.17 -9.18
C ASP C 400 3.69 -13.94 -9.53
N TYR C 401 3.39 -12.81 -8.88
CA TYR C 401 4.10 -11.59 -9.19
C TYR C 401 5.58 -11.52 -8.73
N ASP C 402 5.92 -12.17 -7.63
CA ASP C 402 7.31 -12.17 -7.21
C ASP C 402 8.18 -12.68 -8.34
N VAL C 403 7.78 -13.76 -8.99
CA VAL C 403 8.55 -14.38 -10.06
C VAL C 403 8.54 -13.44 -11.24
N CYS C 404 7.40 -12.81 -11.47
CA CYS C 404 7.27 -11.90 -12.60
C CYS C 404 8.10 -10.67 -12.50
N ALA C 405 8.17 -10.08 -11.32
CA ALA C 405 8.99 -8.93 -11.15
C ALA C 405 10.44 -9.30 -11.43
N GLN C 406 10.86 -10.50 -11.07
CA GLN C 406 12.25 -10.88 -11.29
C GLN C 406 12.49 -11.15 -12.76
N ILE C 407 11.44 -11.61 -13.46
CA ILE C 407 11.59 -11.91 -14.87
C ILE C 407 11.79 -10.59 -15.60
N LEU C 408 10.81 -9.71 -15.45
CA LEU C 408 10.84 -8.45 -16.14
C LEU C 408 12.10 -7.70 -15.77
N GLY C 409 12.37 -7.56 -14.48
CA GLY C 409 13.55 -6.86 -13.97
C GLY C 409 14.86 -7.23 -14.61
N ARG C 410 15.18 -8.52 -14.62
CA ARG C 410 16.37 -9.04 -15.26
C ARG C 410 16.44 -8.65 -16.72
N GLU C 411 15.29 -8.68 -17.40
CA GLU C 411 15.25 -8.30 -18.82
C GLU C 411 15.60 -6.85 -19.01
N LEU C 412 15.00 -5.98 -18.19
CA LEU C 412 15.16 -4.55 -18.31
C LEU C 412 16.57 -4.14 -18.07
N MET C 413 17.27 -4.85 -17.20
CA MET C 413 18.67 -4.57 -16.91
C MET C 413 19.61 -5.32 -17.84
N GLY C 414 19.05 -6.07 -18.77
CA GLY C 414 19.80 -6.77 -19.80
C GLY C 414 20.57 -7.95 -19.25
N MET C 415 19.96 -8.67 -18.33
CA MET C 415 20.61 -9.83 -17.75
C MET C 415 20.13 -11.14 -18.41
N GLU C 416 20.97 -12.17 -18.36
CA GLU C 416 20.55 -13.50 -18.81
C GLU C 416 19.39 -13.96 -17.96
N PRO C 417 18.43 -14.68 -18.54
CA PRO C 417 17.28 -15.14 -17.74
C PRO C 417 17.68 -16.14 -16.64
N ASP C 418 16.91 -16.17 -15.56
CA ASP C 418 17.13 -17.14 -14.47
C ASP C 418 16.44 -18.46 -14.79
N PRO C 419 17.22 -19.53 -14.99
CA PRO C 419 16.57 -20.79 -15.39
C PRO C 419 15.81 -21.43 -14.22
N THR C 420 15.84 -20.75 -13.07
CA THR C 420 15.15 -21.12 -11.84
C THR C 420 13.65 -20.86 -11.89
N MET C 421 13.26 -19.96 -12.79
CA MET C 421 11.85 -19.60 -13.01
C MET C 421 11.64 -19.40 -14.50
N VAL C 422 10.37 -19.30 -14.90
CA VAL C 422 10.09 -19.25 -16.32
C VAL C 422 8.69 -18.67 -16.50
N ILE D 23 3.09 -3.29 -36.11
CA ILE D 23 3.73 -1.99 -35.80
C ILE D 23 4.00 -2.06 -34.27
N ARG D 24 5.13 -3.01 -33.46
CA ARG D 24 5.22 -3.60 -32.03
C ARG D 24 4.71 -2.48 -31.05
N LEU D 25 4.10 -2.80 -30.09
CA LEU D 25 3.61 -1.51 -29.09
C LEU D 25 4.79 -1.25 -28.17
N VAL D 26 4.59 -0.03 -27.59
CA VAL D 26 5.68 0.35 -26.68
C VAL D 26 5.08 0.65 -25.32
N TYR D 27 5.63 0.07 -24.27
CA TYR D 27 4.97 0.10 -22.96
C TYR D 27 5.53 1.18 -22.02
N THR D 28 6.80 1.50 -22.27
CA THR D 28 7.66 2.30 -21.39
C THR D 28 7.82 3.74 -21.83
N HIS D 29 7.24 4.09 -22.98
CA HIS D 29 7.25 5.44 -23.48
C HIS D 29 6.38 5.69 -24.70
N ALA D 30 6.27 6.96 -25.07
CA ALA D 30 5.47 7.40 -26.18
C ALA D 30 6.00 6.74 -27.43
N GLN D 31 5.07 6.24 -28.26
CA GLN D 31 5.47 5.70 -29.55
C GLN D 31 5.52 6.85 -30.58
N THR D 32 6.54 6.83 -31.46
CA THR D 32 6.69 7.91 -32.46
C THR D 32 5.68 7.75 -33.63
N PRO D 33 4.75 8.72 -33.73
CA PRO D 33 3.76 8.63 -34.82
C PRO D 33 4.45 8.72 -36.18
N ASP D 34 4.43 7.65 -36.97
CA ASP D 34 4.85 7.88 -38.35
C ASP D 34 3.86 8.85 -39.10
N VAL D 35 4.23 10.13 -39.16
CA VAL D 35 3.45 11.12 -39.93
C VAL D 35 3.94 11.21 -41.41
N SER D 36 3.26 12.08 -42.16
CA SER D 36 3.84 12.83 -43.30
C SER D 36 4.64 14.02 -42.70
N GLY D 37 5.78 14.35 -43.31
CA GLY D 37 6.79 15.23 -42.70
C GLY D 37 7.28 14.73 -41.33
N VAL D 38 7.85 15.66 -40.55
CA VAL D 38 8.49 15.36 -39.25
C VAL D 38 7.55 15.61 -38.04
N SER D 39 7.33 14.60 -37.20
CA SER D 39 6.34 14.75 -36.13
C SER D 39 6.82 15.78 -35.11
N MET D 40 5.89 16.40 -34.39
CA MET D 40 6.26 17.32 -33.34
C MET D 40 7.13 16.62 -32.29
N LEU D 41 6.87 15.34 -32.06
CA LEU D 41 7.55 14.59 -31.02
C LEU D 41 9.00 14.34 -31.35
N GLU D 42 9.29 14.10 -32.62
CA GLU D 42 10.70 13.91 -33.05
C GLU D 42 11.45 15.21 -32.87
N LYS D 43 10.79 16.30 -33.28
CA LYS D 43 11.32 17.65 -33.12
C LYS D 43 11.64 17.92 -31.66
N ILE D 44 10.74 17.55 -30.75
CA ILE D 44 11.04 17.65 -29.36
C ILE D 44 12.26 16.78 -29.08
N GLN D 45 12.26 15.54 -29.55
CA GLN D 45 13.32 14.61 -29.20
C GLN D 45 14.71 15.08 -29.61
N GLN D 46 14.81 15.89 -30.66
CA GLN D 46 16.12 16.38 -31.06
C GLN D 46 16.62 17.45 -30.11
N ILE D 47 15.71 18.26 -29.56
CA ILE D 47 16.13 19.38 -28.72
C ILE D 47 16.19 18.99 -27.23
N LEU D 48 15.86 17.73 -26.93
CA LEU D 48 15.80 17.27 -25.57
C LEU D 48 17.14 17.34 -24.83
N PRO D 49 18.26 16.99 -25.49
CA PRO D 49 19.56 17.17 -24.85
C PRO D 49 19.80 18.58 -24.30
N GLN D 50 19.55 19.60 -25.13
CA GLN D 50 19.73 21.00 -24.69
C GLN D 50 18.89 21.34 -23.49
N ILE D 51 17.60 20.99 -23.54
CA ILE D 51 16.70 21.22 -22.44
C ILE D 51 17.29 20.62 -21.17
N ALA D 52 17.63 19.34 -21.25
CA ALA D 52 18.22 18.58 -20.16
C ALA D 52 19.49 19.21 -19.58
N LYS D 53 20.32 19.83 -20.40
CA LYS D 53 21.57 20.45 -19.91
C LYS D 53 21.35 21.77 -19.21
N ASN D 54 20.21 22.41 -19.50
CA ASN D 54 19.84 23.65 -18.86
C ASN D 54 19.06 23.43 -17.58
N ALA D 55 18.61 22.20 -17.38
CA ALA D 55 17.78 21.84 -16.23
C ALA D 55 18.34 22.32 -14.91
N GLU D 56 19.64 22.16 -14.73
CA GLU D 56 20.29 22.55 -13.47
C GLU D 56 20.31 24.07 -13.23
N SER D 57 20.68 24.82 -14.27
CA SER D 57 20.61 26.27 -14.19
C SER D 57 19.20 26.83 -14.25
N ALA D 58 18.24 26.07 -14.78
CA ALA D 58 16.84 26.48 -14.74
C ALA D 58 16.28 26.39 -13.34
N GLU D 59 16.76 25.43 -12.57
CA GLU D 59 16.29 25.25 -11.21
C GLU D 59 16.70 26.45 -10.37
N GLN D 60 17.91 26.96 -10.59
CA GLN D 60 18.40 28.11 -9.84
C GLN D 60 17.87 29.41 -10.36
N LEU D 61 17.25 29.37 -11.54
CA LEU D 61 16.72 30.59 -12.15
C LEU D 61 15.31 30.84 -11.72
N ARG D 62 14.64 29.78 -11.28
CA ARG D 62 13.25 29.84 -10.80
C ARG D 62 12.22 30.24 -11.88
N ARG D 63 12.62 30.07 -13.14
CA ARG D 63 11.75 30.24 -14.30
C ARG D 63 12.35 29.50 -15.52
N VAL D 64 11.63 29.46 -16.63
CA VAL D 64 12.15 28.76 -17.80
C VAL D 64 13.23 29.62 -18.44
N PRO D 65 14.41 29.05 -18.68
CA PRO D 65 15.49 29.87 -19.25
C PRO D 65 15.13 30.34 -20.65
N ASP D 66 15.62 31.51 -21.04
CA ASP D 66 15.23 32.08 -22.34
C ASP D 66 15.49 31.15 -23.51
N GLU D 67 16.61 30.44 -23.45
CA GLU D 67 16.96 29.46 -24.45
C GLU D 67 15.83 28.43 -24.67
N ASN D 68 15.38 27.77 -23.61
CA ASN D 68 14.30 26.77 -23.70
C ASN D 68 13.04 27.30 -24.38
N ILE D 69 12.63 28.52 -24.05
CA ILE D 69 11.44 29.11 -24.65
C ILE D 69 11.70 29.28 -26.13
N LYS D 70 12.86 29.81 -26.46
CA LYS D 70 13.23 30.08 -27.84
C LYS D 70 13.30 28.80 -28.67
N LEU D 71 13.79 27.71 -28.09
CA LEU D 71 13.93 26.42 -28.80
C LEU D 71 12.58 25.83 -29.09
N LEU D 72 11.75 25.77 -28.05
CA LEU D 72 10.40 25.23 -28.14
C LEU D 72 9.48 26.01 -29.05
N LYS D 73 9.55 27.34 -29.01
CA LYS D 73 8.78 28.19 -29.92
C LYS D 73 9.24 28.03 -31.37
N GLU D 74 10.55 27.85 -31.54
CA GLU D 74 11.13 27.67 -32.85
C GLU D 74 10.57 26.43 -33.55
N ILE D 75 10.30 25.36 -32.81
CA ILE D 75 9.71 24.16 -33.40
C ILE D 75 8.19 24.29 -33.53
N GLY D 76 7.68 25.38 -32.98
CA GLY D 76 6.30 25.74 -33.17
C GLY D 76 5.37 25.14 -32.16
N LEU D 77 5.91 24.50 -31.14
CA LEU D 77 5.07 23.81 -30.18
C LEU D 77 3.97 24.69 -29.57
N HIS D 78 4.27 25.96 -29.29
CA HIS D 78 3.31 26.84 -28.64
C HIS D 78 2.02 27.09 -29.44
N ARG D 79 2.04 26.71 -30.71
CA ARG D 79 0.89 26.87 -31.61
C ARG D 79 0.18 25.52 -31.76
N ALA D 80 0.48 24.61 -30.83
CA ALA D 80 -0.21 23.32 -30.71
C ALA D 80 -1.74 23.46 -30.69
N PHE D 81 -2.29 24.39 -29.92
CA PHE D 81 -3.74 24.50 -29.90
C PHE D 81 -4.31 25.77 -30.49
N GLN D 82 -3.45 26.57 -31.13
CA GLN D 82 -3.86 27.78 -31.81
C GLN D 82 -4.72 27.40 -33.01
N PRO D 83 -5.83 28.13 -33.25
CA PRO D 83 -6.62 27.85 -34.43
C PRO D 83 -5.79 27.94 -35.71
N LYS D 84 -6.17 27.18 -36.73
CA LYS D 84 -5.41 27.11 -37.96
C LYS D 84 -5.40 28.44 -38.66
N VAL D 85 -6.53 29.16 -38.57
CA VAL D 85 -6.70 30.43 -39.28
C VAL D 85 -5.63 31.46 -38.88
N TYR D 86 -5.09 31.34 -37.68
CA TYR D 86 -4.00 32.21 -37.23
C TYR D 86 -2.59 31.60 -37.42
N GLY D 87 -2.54 30.36 -37.87
CA GLY D 87 -1.28 29.75 -38.23
C GLY D 87 -0.93 28.65 -37.27
N GLY D 88 -1.94 28.13 -36.57
CA GLY D 88 -1.72 27.07 -35.58
C GLY D 88 -1.71 25.68 -36.17
N LEU D 89 -1.33 24.70 -35.35
CA LEU D 89 -1.24 23.32 -35.79
C LEU D 89 -2.52 22.54 -35.53
N GLU D 90 -3.18 22.83 -34.41
CA GLU D 90 -4.36 22.10 -33.92
C GLU D 90 -4.07 20.63 -33.70
N MET D 91 -3.05 20.33 -32.89
CA MET D 91 -2.65 18.97 -32.63
C MET D 91 -3.74 18.30 -31.86
N SER D 92 -3.83 16.99 -32.00
CA SER D 92 -4.74 16.20 -31.19
C SER D 92 -4.21 16.14 -29.77
N LEU D 93 -5.09 15.96 -28.81
CA LEU D 93 -4.64 15.86 -27.42
C LEU D 93 -3.53 14.83 -27.24
N PRO D 94 -3.74 13.57 -27.69
CA PRO D 94 -2.69 12.57 -27.45
C PRO D 94 -1.33 13.01 -27.99
N ASP D 95 -1.30 13.58 -29.19
CA ASP D 95 -0.02 13.97 -29.77
C ASP D 95 0.62 15.08 -28.91
N PHE D 96 -0.19 15.98 -28.39
CA PHE D 96 0.38 17.04 -27.60
C PHE D 96 0.83 16.49 -26.25
N ALA D 97 -0.09 15.87 -25.52
CA ALA D 97 0.22 15.26 -24.23
C ALA D 97 1.57 14.57 -24.31
N ASN D 98 1.78 13.77 -25.32
CA ASN D 98 3.01 13.01 -25.46
C ASN D 98 4.29 13.83 -25.66
N CYS D 99 4.16 15.07 -26.16
CA CYS D 99 5.30 15.94 -26.27
C CYS D 99 5.63 16.49 -24.92
N ILE D 100 4.61 16.76 -24.13
CA ILE D 100 4.82 17.25 -22.79
C ILE D 100 5.50 16.15 -21.98
N VAL D 101 4.97 14.94 -22.04
CA VAL D 101 5.53 13.81 -21.29
C VAL D 101 7.01 13.66 -21.62
N THR D 102 7.33 13.61 -22.90
CA THR D 102 8.69 13.54 -23.31
C THR D 102 9.48 14.72 -22.77
N LEU D 103 8.95 15.92 -22.92
CA LEU D 103 9.64 17.15 -22.48
C LEU D 103 9.92 17.10 -20.99
N ALA D 104 8.94 16.66 -20.22
CA ALA D 104 8.99 16.63 -18.76
C ALA D 104 10.15 15.80 -18.29
N GLY D 105 10.53 14.82 -19.10
CA GLY D 105 11.64 13.95 -18.81
C GLY D 105 12.95 14.70 -18.64
N ALA D 106 13.06 15.85 -19.30
CA ALA D 106 14.30 16.59 -19.31
C ALA D 106 14.29 17.78 -18.34
N CYS D 107 13.15 18.50 -18.26
CA CYS D 107 12.95 19.54 -17.26
C CYS D 107 11.46 19.65 -16.98
N ALA D 108 11.03 19.16 -15.82
CA ALA D 108 9.62 19.09 -15.43
C ALA D 108 9.02 20.44 -15.45
N GLY D 109 9.72 21.39 -14.83
CA GLY D 109 9.26 22.75 -14.71
C GLY D 109 9.08 23.40 -16.06
N THR D 110 10.04 23.21 -16.97
CA THR D 110 9.85 23.69 -18.35
C THR D 110 8.59 23.08 -19.01
N ALA D 111 8.55 21.76 -19.09
CA ALA D 111 7.40 21.03 -19.59
C ALA D 111 6.08 21.53 -18.99
N TRP D 112 6.00 21.67 -17.67
CA TRP D 112 4.80 22.11 -16.99
C TRP D 112 4.43 23.51 -17.35
N ALA D 113 5.39 24.41 -17.29
CA ALA D 113 5.10 25.77 -17.60
C ALA D 113 4.63 25.86 -19.03
N PHE D 114 5.39 25.22 -19.92
CA PHE D 114 5.16 25.41 -21.34
C PHE D 114 3.88 24.77 -21.77
N SER D 115 3.53 23.67 -21.10
CA SER D 115 2.29 23.02 -21.38
C SER D 115 1.18 24.01 -21.14
N LEU D 116 1.28 24.77 -20.05
CA LEU D 116 0.21 25.70 -19.74
C LEU D 116 0.11 26.81 -20.77
N LEU D 117 1.24 27.39 -21.12
CA LEU D 117 1.27 28.40 -22.17
C LEU D 117 0.61 27.89 -23.43
N CYS D 118 0.76 26.61 -23.70
CA CYS D 118 0.17 25.98 -24.86
C CYS D 118 -1.33 25.77 -24.75
N THR D 119 -1.76 25.16 -23.64
CA THR D 119 -3.15 24.77 -23.50
C THR D 119 -4.03 25.96 -23.32
N HIS D 120 -3.43 27.12 -23.01
CA HIS D 120 -4.21 28.35 -22.89
C HIS D 120 -4.78 28.85 -24.20
N SER D 121 -4.08 28.62 -25.31
CA SER D 121 -4.60 29.03 -26.61
C SER D 121 -5.91 28.28 -26.92
N HIS D 122 -6.06 27.08 -26.39
CA HIS D 122 -7.23 26.26 -26.69
C HIS D 122 -8.45 26.90 -26.07
N GLN D 123 -8.22 27.64 -25.00
CA GLN D 123 -9.25 28.34 -24.30
C GLN D 123 -9.56 29.70 -24.98
N ILE D 124 -8.51 30.48 -25.22
CA ILE D 124 -8.59 31.71 -25.99
C ILE D 124 -9.42 31.52 -27.24
N ALA D 125 -9.24 30.37 -27.89
CA ALA D 125 -9.98 30.00 -29.09
C ALA D 125 -11.50 29.90 -28.90
N MET D 126 -11.96 30.04 -27.67
CA MET D 126 -13.40 29.97 -27.38
C MET D 126 -13.96 31.36 -27.08
N PHE D 127 -13.07 32.33 -27.02
CA PHE D 127 -13.47 33.70 -26.80
C PHE D 127 -13.94 34.31 -28.10
N SER D 128 -14.35 35.58 -28.06
CA SER D 128 -14.86 36.30 -29.22
C SER D 128 -13.86 36.33 -30.36
N LYS D 129 -14.36 36.39 -31.60
CA LYS D 129 -13.46 36.51 -32.74
C LYS D 129 -12.60 37.75 -32.57
N GLN D 130 -13.17 38.80 -32.00
CA GLN D 130 -12.47 40.08 -31.84
C GLN D 130 -11.26 39.96 -30.94
N LEU D 131 -11.38 39.16 -29.89
CA LEU D 131 -10.30 38.99 -28.93
C LEU D 131 -9.15 38.24 -29.53
N GLN D 132 -9.46 37.14 -30.19
CA GLN D 132 -8.45 36.35 -30.86
C GLN D 132 -7.72 37.19 -31.91
N ASP D 133 -8.48 37.97 -32.67
CA ASP D 133 -7.93 38.85 -33.69
C ASP D 133 -6.95 39.82 -33.06
N GLU D 134 -7.35 40.35 -31.91
CA GLU D 134 -6.58 41.32 -31.16
C GLU D 134 -5.22 40.74 -30.75
N ILE D 135 -5.25 39.55 -30.15
CA ILE D 135 -4.03 38.85 -29.67
C ILE D 135 -3.09 38.39 -30.80
N TRP D 136 -3.65 37.68 -31.78
CA TRP D 136 -2.83 36.99 -32.75
C TRP D 136 -2.60 37.62 -34.14
N LEU D 137 -3.58 38.32 -34.71
CA LEU D 137 -3.34 39.01 -35.97
C LEU D 137 -2.18 39.99 -35.76
N LYS D 138 -2.15 40.57 -34.57
CA LYS D 138 -1.08 41.48 -34.14
C LYS D 138 0.25 40.73 -33.95
N ASP D 139 0.27 39.72 -33.09
CA ASP D 139 1.43 38.85 -32.92
C ASP D 139 1.02 37.38 -32.85
N PRO D 140 1.40 36.59 -33.87
CA PRO D 140 0.97 35.20 -34.00
C PRO D 140 1.66 34.26 -33.03
N ASP D 141 2.75 34.72 -32.41
CA ASP D 141 3.46 33.91 -31.42
C ASP D 141 3.08 34.21 -29.97
N ALA D 142 2.15 35.15 -29.78
CA ALA D 142 1.73 35.53 -28.44
C ALA D 142 1.07 34.37 -27.71
N THR D 143 1.36 34.26 -26.42
CA THR D 143 0.74 33.25 -25.55
C THR D 143 0.28 33.85 -24.23
N ALA D 144 -0.47 33.08 -23.45
CA ALA D 144 -1.00 33.56 -22.18
C ALA D 144 -0.65 32.63 -21.04
N SER D 145 -0.32 33.21 -19.89
CA SER D 145 -0.29 32.45 -18.65
C SER D 145 -1.64 32.59 -17.95
N SER D 146 -1.81 32.01 -16.77
CA SER D 146 -3.09 32.09 -16.09
C SER D 146 -3.00 32.19 -14.60
N SER D 147 -4.16 32.36 -13.98
CA SER D 147 -4.38 32.24 -12.56
C SER D 147 -5.88 32.22 -12.43
N ILE D 148 -6.42 31.03 -12.40
CA ILE D 148 -7.84 30.77 -12.50
C ILE D 148 -8.63 30.76 -11.17
N ALA D 149 -7.94 30.64 -10.05
CA ALA D 149 -8.59 30.67 -8.74
C ALA D 149 -9.13 32.07 -8.49
N PRO D 150 -10.47 32.21 -8.32
CA PRO D 150 -11.23 33.48 -8.28
C PRO D 150 -11.02 34.35 -7.05
N PHE D 151 -9.79 34.82 -6.81
CA PHE D 151 -9.59 35.66 -5.62
C PHE D 151 -10.07 37.07 -5.82
N GLY D 152 -10.18 37.49 -7.07
CA GLY D 152 -10.41 38.91 -7.36
C GLY D 152 -11.68 39.52 -6.78
N LYS D 153 -11.57 40.76 -6.30
CA LYS D 153 -12.74 41.54 -6.00
C LYS D 153 -13.18 42.23 -7.30
N VAL D 154 -14.47 42.15 -7.61
CA VAL D 154 -15.00 42.60 -8.91
C VAL D 154 -16.14 43.60 -8.77
N GLU D 155 -15.92 44.79 -9.36
CA GLU D 155 -16.94 45.83 -9.43
C GLU D 155 -17.53 45.87 -10.83
N GLU D 156 -18.87 45.79 -10.91
CA GLU D 156 -19.57 45.88 -12.20
C GLU D 156 -19.65 47.35 -12.60
N VAL D 157 -18.79 47.77 -13.52
CA VAL D 157 -18.94 49.06 -14.18
C VAL D 157 -19.69 48.78 -15.46
N GLU D 158 -20.11 49.82 -16.17
CA GLU D 158 -20.82 49.58 -17.43
C GLU D 158 -19.85 49.37 -18.60
N GLY D 159 -20.09 48.32 -19.36
CA GLY D 159 -19.20 47.92 -20.44
C GLY D 159 -18.26 46.80 -20.05
N GLY D 160 -18.29 46.40 -18.79
CA GLY D 160 -17.38 45.36 -18.28
C GLY D 160 -17.17 45.43 -16.77
N ILE D 161 -15.98 45.02 -16.32
CA ILE D 161 -15.65 45.04 -14.88
C ILE D 161 -14.30 45.69 -14.55
N ILE D 162 -14.19 46.18 -13.31
CA ILE D 162 -12.89 46.47 -12.71
C ILE D 162 -12.52 45.36 -11.71
N LEU D 163 -11.33 44.79 -11.90
CA LEU D 163 -10.85 43.69 -11.08
C LEU D 163 -9.60 44.08 -10.32
N ASN D 164 -9.58 43.72 -9.03
CA ASN D 164 -8.42 43.90 -8.15
C ASN D 164 -8.12 42.61 -7.41
N GLY D 165 -6.84 42.29 -7.25
CA GLY D 165 -6.47 41.13 -6.46
C GLY D 165 -5.06 40.65 -6.69
N ASP D 166 -4.57 39.82 -5.78
CA ASP D 166 -3.29 39.16 -5.97
C ASP D 166 -3.57 37.77 -6.51
N TYR D 167 -3.02 37.49 -7.67
CA TYR D 167 -3.35 36.28 -8.37
C TYR D 167 -2.15 35.34 -8.38
N GLY D 168 -2.18 34.36 -7.50
CA GLY D 168 -1.05 33.48 -7.36
C GLY D 168 -0.79 32.50 -8.51
N TRP D 169 0.44 31.95 -8.51
CA TRP D 169 0.74 30.74 -9.19
C TRP D 169 0.49 30.89 -10.65
N SER D 170 1.29 31.69 -11.33
CA SER D 170 1.10 31.81 -12.77
C SER D 170 2.30 31.22 -13.49
N SER D 171 2.26 29.92 -13.75
CA SER D 171 3.38 29.27 -14.48
C SER D 171 3.62 29.94 -15.83
N GLY D 172 4.89 30.28 -16.08
CA GLY D 172 5.34 30.81 -17.35
C GLY D 172 5.01 32.27 -17.54
N CYS D 173 4.49 32.89 -16.49
CA CYS D 173 3.98 34.24 -16.60
C CYS D 173 5.02 35.24 -17.08
N ASP D 174 6.30 34.96 -16.83
CA ASP D 174 7.39 35.77 -17.38
C ASP D 174 7.50 35.77 -18.91
N HIS D 175 7.02 34.70 -19.53
CA HIS D 175 7.16 34.55 -20.97
C HIS D 175 5.86 34.80 -21.71
N ALA D 176 4.85 35.27 -21.01
CA ALA D 176 3.55 35.49 -21.61
C ALA D 176 3.29 36.96 -21.96
N GLU D 177 2.43 37.18 -22.94
CA GLU D 177 2.02 38.49 -23.34
C GLU D 177 0.64 38.81 -22.78
N TYR D 178 -0.08 37.80 -22.34
CA TYR D 178 -1.41 38.00 -21.73
C TYR D 178 -1.59 37.10 -20.52
N ALA D 179 -2.58 37.39 -19.68
CA ALA D 179 -2.94 36.45 -18.65
C ALA D 179 -4.43 36.23 -18.64
N ILE D 180 -4.81 34.96 -18.49
CA ILE D 180 -6.19 34.59 -18.28
C ILE D 180 -6.43 34.55 -16.80
N VAL D 181 -7.50 35.18 -16.34
CA VAL D 181 -7.66 35.40 -14.94
C VAL D 181 -9.09 35.06 -14.53
N GLY D 182 -9.27 34.34 -13.43
CA GLY D 182 -10.59 33.84 -13.07
C GLY D 182 -11.20 34.65 -11.96
N PHE D 183 -12.53 34.75 -11.95
CA PHE D 183 -13.26 35.58 -10.98
C PHE D 183 -14.75 35.25 -11.00
N ASN D 184 -15.47 35.71 -9.98
CA ASN D 184 -16.89 35.44 -9.88
C ASN D 184 -17.70 36.70 -10.10
N ARG D 185 -18.73 36.60 -10.90
CA ARG D 185 -19.71 37.65 -11.06
C ARG D 185 -21.02 37.11 -10.47
N PHE D 186 -22.06 37.92 -10.40
CA PHE D 186 -23.28 37.53 -9.69
C PHE D 186 -24.55 37.80 -10.52
N ASP D 187 -25.64 37.07 -10.24
CA ASP D 187 -26.90 37.25 -10.99
C ASP D 187 -27.63 38.48 -10.54
N ALA D 188 -28.94 38.55 -11.14
CA ALA D 188 -29.95 39.23 -10.20
C ALA D 188 -29.91 38.64 -8.76
N ASP D 189 -30.08 37.26 -8.72
CA ASP D 189 -30.28 36.57 -7.43
C ASP D 189 -29.06 36.44 -6.50
N GLY D 190 -27.88 36.97 -7.07
CA GLY D 190 -26.64 36.97 -6.29
C GLY D 190 -25.85 35.67 -6.27
N ASN D 191 -26.15 34.77 -7.21
CA ASN D 191 -25.41 33.50 -7.37
C ASN D 191 -24.13 33.65 -8.20
N LYS D 192 -23.11 32.86 -7.88
CA LYS D 192 -21.82 32.95 -8.56
C LYS D 192 -21.95 32.68 -10.07
N ILE D 193 -21.37 33.55 -10.89
CA ILE D 193 -21.10 33.23 -12.28
C ILE D 193 -19.60 33.24 -12.51
N TYR D 194 -19.01 32.07 -12.57
CA TYR D 194 -17.56 31.97 -12.65
C TYR D 194 -17.16 32.35 -14.06
N SER D 195 -16.31 33.38 -14.17
CA SER D 195 -15.86 33.89 -15.47
C SER D 195 -14.34 34.03 -15.58
N PHE D 196 -13.86 34.11 -16.82
CA PHE D 196 -12.44 34.34 -17.11
C PHE D 196 -12.28 35.62 -17.88
N GLY D 197 -11.21 36.37 -17.62
CA GLY D 197 -10.89 37.53 -18.41
C GLY D 197 -9.47 37.47 -18.93
N VAL D 198 -9.28 37.82 -20.19
CA VAL D 198 -7.94 37.88 -20.76
C VAL D 198 -7.43 39.28 -20.71
N ILE D 199 -6.26 39.50 -20.14
CA ILE D 199 -5.71 40.84 -19.94
C ILE D 199 -4.28 40.97 -20.42
N PRO D 200 -3.92 42.12 -20.99
CA PRO D 200 -2.57 42.32 -21.51
C PRO D 200 -1.52 42.45 -20.43
N ARG D 201 -0.31 42.06 -20.78
CA ARG D 201 0.83 42.12 -19.89
C ARG D 201 1.03 43.48 -19.25
N SER D 202 0.63 44.54 -19.94
CA SER D 202 0.80 45.90 -19.39
C SER D 202 -0.12 46.19 -18.20
N ASP D 203 -1.23 45.46 -18.10
CA ASP D 203 -2.22 45.69 -17.06
C ASP D 203 -1.91 45.04 -15.69
N TYR D 204 -0.77 44.36 -15.57
CA TYR D 204 -0.44 43.73 -14.30
C TYR D 204 1.04 43.62 -14.06
N GLU D 205 1.40 43.55 -12.79
CA GLU D 205 2.78 43.39 -12.36
C GLU D 205 3.02 41.95 -11.96
N ILE D 206 4.15 41.41 -12.40
CA ILE D 206 4.58 40.12 -11.94
C ILE D 206 5.39 40.33 -10.67
N VAL D 207 4.87 39.80 -9.57
CA VAL D 207 5.55 39.80 -8.28
C VAL D 207 6.27 38.48 -8.10
N ASP D 208 7.57 38.57 -7.83
CA ASP D 208 8.44 37.42 -7.73
C ASP D 208 8.55 36.90 -6.31
N ASN D 209 7.53 36.14 -5.92
CA ASN D 209 7.44 35.49 -4.62
C ASN D 209 7.54 33.97 -4.82
N TRP D 210 8.07 33.55 -5.97
CA TRP D 210 8.14 32.13 -6.28
C TRP D 210 9.40 31.50 -5.70
N TYR D 211 9.30 31.06 -4.44
CA TYR D 211 10.34 30.27 -3.81
C TYR D 211 9.70 28.96 -3.35
N ALA D 212 9.95 27.92 -4.13
CA ALA D 212 9.33 26.63 -3.95
C ALA D 212 10.38 25.55 -3.77
N GLN D 213 9.94 24.33 -3.48
CA GLN D 213 10.85 23.20 -3.29
C GLN D 213 10.64 22.14 -4.36
N ALA D 214 9.77 22.42 -5.32
CA ALA D 214 9.63 21.54 -6.45
C ALA D 214 9.23 22.31 -7.70
N ILE D 215 9.59 21.79 -8.88
CA ILE D 215 9.17 22.41 -10.14
C ILE D 215 9.53 23.88 -10.05
N LYS D 216 10.73 24.14 -9.53
CA LYS D 216 11.27 25.48 -9.36
C LYS D 216 11.28 26.23 -10.68
N SER D 217 11.64 25.54 -11.75
CA SER D 217 11.87 26.18 -13.03
C SER D 217 10.62 26.61 -13.78
N SER D 218 9.44 26.46 -13.19
CA SER D 218 8.19 26.79 -13.87
C SER D 218 7.87 28.26 -13.82
N GLY D 219 8.60 29.02 -13.00
CA GLY D 219 8.37 30.46 -12.82
C GLY D 219 6.94 30.87 -12.44
N SER D 220 6.34 30.11 -11.53
CA SER D 220 4.95 30.34 -11.14
C SER D 220 4.77 31.53 -10.19
N LYS D 221 5.25 32.70 -10.64
CA LYS D 221 5.14 33.95 -9.91
C LYS D 221 3.70 34.39 -9.85
N MET D 222 3.41 35.42 -9.08
CA MET D 222 2.04 35.84 -8.82
C MET D 222 1.79 37.13 -9.55
N LEU D 223 0.61 37.25 -10.14
CA LEU D 223 0.19 38.46 -10.85
C LEU D 223 -0.53 39.41 -9.92
N LYS D 224 -0.16 40.70 -9.95
CA LYS D 224 -0.85 41.71 -9.16
C LYS D 224 -1.66 42.63 -10.06
N LEU D 225 -2.92 42.81 -9.69
CA LEU D 225 -3.87 43.55 -10.50
C LEU D 225 -4.41 44.72 -9.71
N VAL D 226 -4.14 45.94 -10.18
CA VAL D 226 -4.67 47.15 -9.54
C VAL D 226 -5.59 47.93 -10.47
N ASN D 227 -6.88 47.92 -10.12
CA ASN D 227 -7.94 48.61 -10.87
C ASN D 227 -7.89 48.34 -12.37
N VAL D 228 -7.67 47.07 -12.69
CA VAL D 228 -7.66 46.60 -14.07
C VAL D 228 -9.08 46.60 -14.65
N PHE D 229 -9.28 47.37 -15.72
CA PHE D 229 -10.56 47.35 -16.41
C PHE D 229 -10.57 46.24 -17.45
N ILE D 230 -11.64 45.45 -17.45
CA ILE D 230 -11.80 44.42 -18.47
C ILE D 230 -13.13 44.60 -19.21
N PRO D 231 -13.06 44.86 -20.52
CA PRO D 231 -14.24 44.96 -21.36
C PRO D 231 -14.96 43.63 -21.55
N GLU D 232 -16.28 43.70 -21.71
CA GLU D 232 -17.16 42.55 -21.79
C GLU D 232 -16.75 41.48 -22.82
N TYR D 233 -16.00 41.89 -23.84
CA TYR D 233 -15.67 41.01 -24.95
C TYR D 233 -14.44 40.16 -24.66
N ARG D 234 -13.72 40.51 -23.59
CA ARG D 234 -12.61 39.70 -23.13
C ARG D 234 -13.02 38.90 -21.90
N ILE D 235 -14.32 38.69 -21.72
CA ILE D 235 -14.85 37.93 -20.59
C ILE D 235 -15.80 36.85 -21.05
N SER D 236 -15.44 35.60 -20.75
CA SER D 236 -16.30 34.44 -20.98
C SER D 236 -16.68 33.71 -19.69
N LYS D 237 -17.90 33.17 -19.67
CA LYS D 237 -18.36 32.29 -18.61
C LYS D 237 -17.69 30.91 -18.72
N ALA D 238 -17.24 30.38 -17.60
CA ALA D 238 -16.64 29.05 -17.59
C ALA D 238 -17.67 28.03 -18.08
N LYS D 239 -18.87 28.07 -17.52
CA LYS D 239 -19.90 27.11 -17.89
C LYS D 239 -20.13 27.10 -19.40
N ASP D 240 -20.07 28.29 -20.02
CA ASP D 240 -20.24 28.43 -21.45
C ASP D 240 -19.14 27.74 -22.25
N MET D 241 -17.93 27.72 -21.68
CA MET D 241 -16.82 27.10 -22.37
C MET D 241 -16.78 25.60 -22.11
N MET D 242 -17.58 25.18 -21.13
CA MET D 242 -17.69 23.77 -20.84
C MET D 242 -18.72 23.12 -21.73
N GLU D 243 -19.63 23.91 -22.29
CA GLU D 243 -20.80 23.35 -22.97
C GLU D 243 -20.94 23.82 -24.41
N GLY D 244 -19.87 24.40 -24.94
CA GLY D 244 -19.90 25.07 -26.25
C GLY D 244 -21.03 26.09 -26.43
N LYS D 245 -20.99 27.14 -25.63
CA LYS D 245 -21.96 28.26 -25.70
C LYS D 245 -21.26 29.58 -25.62
N SER D 246 -19.93 29.57 -25.50
CA SER D 246 -19.12 30.78 -25.42
C SER D 246 -19.08 31.52 -26.75
N ALA D 247 -18.63 32.76 -26.72
CA ALA D 247 -18.66 33.64 -27.88
C ALA D 247 -17.92 33.11 -29.08
N GLY D 248 -17.02 32.17 -28.89
CA GLY D 248 -16.26 31.64 -30.01
C GLY D 248 -16.76 30.32 -30.57
N PHE D 249 -17.86 29.81 -30.05
CA PHE D 249 -18.44 28.57 -30.54
C PHE D 249 -18.82 28.74 -32.00
N GLY D 250 -18.48 27.72 -32.80
CA GLY D 250 -18.82 27.67 -34.21
C GLY D 250 -17.83 28.32 -35.15
N LEU D 251 -16.85 29.04 -34.61
CA LEU D 251 -15.87 29.78 -35.40
C LEU D 251 -15.04 28.92 -36.34
N TYR D 252 -14.77 27.68 -35.94
CA TYR D 252 -13.90 26.77 -36.70
C TYR D 252 -14.59 25.44 -37.01
N PRO D 253 -15.52 25.46 -37.96
CA PRO D 253 -16.49 24.37 -38.11
C PRO D 253 -15.85 23.04 -38.51
N ASP D 254 -14.57 23.11 -38.89
CA ASP D 254 -13.82 21.97 -39.43
C ASP D 254 -12.82 21.44 -38.44
N SER D 255 -12.74 22.08 -37.29
CA SER D 255 -11.70 21.76 -36.31
C SER D 255 -12.04 20.53 -35.52
N LYS D 256 -11.02 19.73 -35.22
CA LYS D 256 -11.25 18.48 -34.51
C LYS D 256 -11.07 18.66 -33.01
N ILE D 257 -10.81 19.88 -32.55
CA ILE D 257 -10.38 20.11 -31.15
C ILE D 257 -11.10 21.21 -30.40
N PHE D 258 -11.89 22.01 -31.08
CA PHE D 258 -12.54 23.13 -30.38
C PHE D 258 -13.97 22.85 -29.93
N TYR D 259 -14.62 21.84 -30.50
CA TYR D 259 -15.97 21.49 -30.10
C TYR D 259 -15.90 20.55 -28.90
N THR D 260 -15.47 21.06 -27.74
CA THR D 260 -15.11 20.22 -26.62
C THR D 260 -14.89 21.08 -25.36
N PRO D 261 -15.28 20.59 -24.16
CA PRO D 261 -15.19 21.44 -22.98
C PRO D 261 -13.75 21.92 -22.74
N TYR D 262 -13.57 23.17 -22.29
CA TYR D 262 -12.21 23.74 -22.17
C TYR D 262 -11.33 23.08 -21.13
N ARG D 263 -11.93 22.54 -20.08
CA ARG D 263 -11.19 22.18 -18.87
C ARG D 263 -10.29 21.01 -19.04
N PRO D 264 -10.81 19.88 -19.59
CA PRO D 264 -10.00 18.69 -19.84
C PRO D 264 -8.72 18.98 -20.58
N TYR D 265 -8.75 19.95 -21.50
CA TYR D 265 -7.55 20.31 -22.24
C TYR D 265 -6.58 21.12 -21.38
N PHE D 266 -7.06 22.21 -20.84
CA PHE D 266 -6.23 23.02 -19.98
C PHE D 266 -5.52 22.20 -18.88
N ALA D 267 -6.22 21.25 -18.26
CA ALA D 267 -5.62 20.45 -17.17
C ALA D 267 -4.97 19.15 -17.66
N SER D 268 -4.87 18.99 -18.98
CA SER D 268 -4.28 17.77 -19.50
C SER D 268 -2.76 17.67 -19.23
N GLY D 269 -2.11 18.77 -18.84
CA GLY D 269 -0.67 18.83 -18.74
C GLY D 269 -0.09 18.25 -17.48
N PHE D 270 -0.87 18.27 -16.40
CA PHE D 270 -0.35 17.92 -15.10
C PHE D 270 0.05 16.47 -15.06
N SER D 271 -0.92 15.57 -15.30
CA SER D 271 -0.67 14.13 -15.47
C SER D 271 0.38 13.83 -16.54
N ALA D 272 0.39 14.57 -17.62
CA ALA D 272 1.40 14.37 -18.63
C ALA D 272 2.75 14.58 -17.98
N VAL D 273 2.98 15.70 -17.32
CA VAL D 273 4.29 16.01 -16.75
C VAL D 273 4.64 14.92 -15.77
N SER D 274 3.68 14.58 -14.92
CA SER D 274 3.87 13.61 -13.88
C SER D 274 4.30 12.29 -14.51
N LEU D 275 3.69 11.94 -15.64
CA LEU D 275 4.08 10.71 -16.36
C LEU D 275 5.48 10.83 -16.88
N GLY D 276 5.85 12.00 -17.36
CA GLY D 276 7.16 12.20 -17.95
C GLY D 276 8.24 12.01 -16.92
N ILE D 277 7.97 12.46 -15.71
CA ILE D 277 8.92 12.39 -14.64
C ILE D 277 9.11 10.95 -14.23
N ALA D 278 8.02 10.20 -14.14
CA ALA D 278 8.12 8.78 -13.75
C ALA D 278 8.92 7.92 -14.73
N GLU D 279 8.68 8.07 -16.02
CA GLU D 279 9.39 7.24 -16.98
C GLU D 279 10.85 7.59 -16.89
N ARG D 280 11.14 8.85 -16.57
CA ARG D 280 12.51 9.33 -16.49
C ARG D 280 13.23 8.82 -15.25
N MET D 281 12.52 8.80 -14.13
CA MET D 281 13.04 8.22 -12.89
C MET D 281 13.54 6.78 -13.11
N ILE D 282 12.66 5.94 -13.66
CA ILE D 282 13.03 4.59 -14.04
C ILE D 282 14.33 4.60 -14.81
N GLU D 283 14.42 5.38 -15.87
CA GLU D 283 15.66 5.36 -16.68
C GLU D 283 16.87 5.80 -15.88
N ALA D 284 16.66 6.83 -15.08
CA ALA D 284 17.71 7.44 -14.30
C ALA D 284 18.15 6.51 -13.19
N PHE D 285 17.18 5.90 -12.50
CA PHE D 285 17.48 4.89 -11.49
C PHE D 285 18.23 3.70 -12.10
N LYS D 286 17.73 3.14 -13.20
CA LYS D 286 18.49 2.09 -13.90
C LYS D 286 19.93 2.45 -14.17
N GLU D 287 20.21 3.65 -14.67
CA GLU D 287 21.61 4.05 -15.00
C GLU D 287 22.49 4.07 -13.77
N LYS D 288 22.04 4.73 -12.71
CA LYS D 288 22.78 4.81 -11.47
C LYS D 288 22.80 3.46 -10.74
N GLN D 289 21.80 2.62 -10.95
CA GLN D 289 21.80 1.32 -10.27
C GLN D 289 22.88 0.36 -10.66
N ARG D 290 23.20 0.29 -11.97
CA ARG D 290 24.11 -0.71 -12.54
C ARG D 290 25.32 -1.00 -11.64
N ASN D 291 25.97 0.08 -11.24
CA ASN D 291 27.36 0.01 -10.79
C ASN D 291 27.44 0.17 -9.26
N ARG D 292 26.32 0.58 -8.66
CA ARG D 292 26.15 0.73 -7.19
C ARG D 292 26.81 -0.32 -6.28
N VAL D 293 27.49 0.19 -5.24
CA VAL D 293 28.11 -0.61 -4.18
C VAL D 293 27.47 -0.30 -2.81
N ARG D 294 27.54 -1.25 -1.87
CA ARG D 294 27.30 -0.95 -0.45
C ARG D 294 28.56 -0.29 0.07
N ALA D 295 28.32 0.81 0.79
CA ALA D 295 29.36 1.61 1.44
C ALA D 295 30.03 0.74 2.50
N TYR D 296 29.21 -0.16 3.04
CA TYR D 296 29.49 -0.92 4.23
C TYR D 296 30.25 -2.22 3.96
N THR D 297 29.79 -2.99 2.97
CA THR D 297 30.32 -4.35 2.71
C THR D 297 31.33 -4.43 1.55
N GLY D 298 31.31 -3.42 0.68
CA GLY D 298 32.21 -3.34 -0.47
C GLY D 298 31.66 -3.99 -1.73
N ALA D 299 30.43 -4.50 -1.64
CA ALA D 299 29.86 -5.44 -2.62
C ALA D 299 29.17 -4.74 -3.75
N ASN D 300 29.46 -5.22 -4.97
CA ASN D 300 28.77 -4.74 -6.19
C ASN D 300 27.28 -5.20 -6.31
N VAL D 301 26.36 -4.27 -6.09
CA VAL D 301 25.00 -4.59 -5.61
C VAL D 301 23.85 -4.11 -6.54
N GLY D 302 24.25 -3.71 -7.75
CA GLY D 302 23.33 -3.10 -8.73
C GLY D 302 22.27 -4.03 -9.27
N LEU D 303 22.60 -5.31 -9.30
CA LEU D 303 21.72 -6.34 -9.83
C LEU D 303 21.07 -7.21 -8.74
N ALA D 304 20.97 -6.71 -7.52
CA ALA D 304 20.37 -7.52 -6.46
C ALA D 304 18.83 -7.60 -6.63
N THR D 305 18.28 -8.75 -6.28
CA THR D 305 16.91 -9.09 -6.55
C THR D 305 15.93 -8.04 -6.09
N PRO D 306 16.14 -7.46 -4.90
CA PRO D 306 15.18 -6.41 -4.50
C PRO D 306 15.17 -5.20 -5.44
N ALA D 307 16.32 -4.61 -5.73
CA ALA D 307 16.40 -3.58 -6.77
C ALA D 307 15.68 -3.95 -8.07
N LEU D 308 15.99 -5.12 -8.65
CA LEU D 308 15.34 -5.59 -9.87
C LEU D 308 13.85 -5.59 -9.73
N MET D 309 13.35 -6.10 -8.61
CA MET D 309 11.91 -6.19 -8.43
C MET D 309 11.26 -4.86 -8.33
N ARG D 310 11.95 -3.87 -7.76
CA ARG D 310 11.42 -2.52 -7.73
C ARG D 310 11.43 -1.88 -9.10
N ILE D 311 12.51 -2.02 -9.86
CA ILE D 311 12.56 -1.51 -11.22
C ILE D 311 11.44 -2.16 -12.00
N ALA D 312 11.25 -3.46 -11.87
CA ALA D 312 10.13 -4.14 -12.55
C ALA D 312 8.78 -3.54 -12.22
N GLU D 313 8.46 -3.45 -10.93
CA GLU D 313 7.10 -3.09 -10.48
C GLU D 313 6.82 -1.63 -10.72
N SER D 314 7.83 -0.77 -10.56
CA SER D 314 7.67 0.62 -10.98
C SER D 314 7.48 0.72 -12.48
N THR D 315 8.20 -0.07 -13.28
CA THR D 315 7.95 -0.11 -14.72
C THR D 315 6.50 -0.52 -15.02
N HIS D 316 6.01 -1.57 -14.38
CA HIS D 316 4.65 -2.04 -14.61
C HIS D 316 3.72 -0.92 -14.22
N GLN D 317 3.89 -0.35 -13.03
CA GLN D 317 2.96 0.67 -12.55
C GLN D 317 2.90 1.86 -13.45
N VAL D 318 4.02 2.36 -13.96
CA VAL D 318 3.85 3.55 -14.79
C VAL D 318 3.30 3.21 -16.17
N ALA D 319 3.58 1.98 -16.65
CA ALA D 319 3.08 1.48 -17.91
C ALA D 319 1.58 1.33 -17.82
N ALA D 320 1.12 0.97 -16.64
CA ALA D 320 -0.30 0.88 -16.38
C ALA D 320 -0.92 2.26 -16.32
N ALA D 321 -0.21 3.23 -15.74
CA ALA D 321 -0.67 4.64 -15.78
C ALA D 321 -0.69 5.16 -17.21
N ARG D 322 0.38 4.92 -17.97
CA ARG D 322 0.43 5.31 -19.37
C ARG D 322 -0.74 4.76 -20.15
N ALA D 323 -1.14 3.53 -19.89
CA ALA D 323 -2.23 2.92 -20.63
C ALA D 323 -3.55 3.61 -20.35
N LEU D 324 -3.78 3.94 -19.08
CA LEU D 324 -4.98 4.67 -18.68
C LEU D 324 -5.01 6.08 -19.20
N LEU D 325 -3.88 6.78 -19.19
CA LEU D 325 -3.82 8.07 -19.86
C LEU D 325 -3.98 7.95 -21.38
N GLU D 326 -3.35 6.97 -22.00
CA GLU D 326 -3.44 6.91 -23.45
C GLU D 326 -4.88 6.62 -23.85
N LYS D 327 -5.56 5.82 -23.05
CA LYS D 327 -6.94 5.46 -23.36
C LYS D 327 -7.83 6.67 -23.14
N THR D 328 -7.59 7.39 -22.05
CA THR D 328 -8.36 8.61 -21.74
C THR D 328 -8.15 9.66 -22.84
N TRP D 329 -6.90 9.86 -23.28
CA TRP D 329 -6.62 10.79 -24.37
C TRP D 329 -7.36 10.38 -25.61
N GLU D 330 -7.36 9.11 -25.94
CA GLU D 330 -8.08 8.66 -27.13
C GLU D 330 -9.53 9.07 -27.08
N ASP D 331 -10.13 8.93 -25.91
CA ASP D 331 -11.52 9.26 -25.68
C ASP D 331 -11.75 10.74 -25.95
N HIS D 332 -10.79 11.58 -25.58
CA HIS D 332 -10.90 13.03 -25.81
C HIS D 332 -10.85 13.27 -27.27
N ARG D 333 -9.94 12.57 -27.94
CA ARG D 333 -9.72 12.75 -29.37
C ARG D 333 -10.96 12.39 -30.17
N ILE D 334 -11.45 11.18 -29.95
CA ILE D 334 -12.70 10.67 -30.53
C ILE D 334 -13.86 11.62 -30.34
N HIS D 335 -14.06 12.12 -29.12
CA HIS D 335 -15.11 13.11 -28.85
C HIS D 335 -14.93 14.37 -29.68
N GLY D 336 -13.75 14.98 -29.62
CA GLY D 336 -13.41 16.13 -30.45
C GLY D 336 -13.67 15.91 -31.94
N LEU D 337 -13.17 14.82 -32.49
CA LEU D 337 -13.45 14.46 -33.88
C LEU D 337 -14.92 14.61 -34.24
N ASN D 338 -15.78 13.98 -33.43
CA ASN D 338 -17.22 13.94 -33.65
C ASN D 338 -17.99 15.18 -33.20
N HIS D 339 -17.26 16.22 -32.77
CA HIS D 339 -17.90 17.43 -32.30
C HIS D 339 -18.91 17.13 -31.21
N GLN D 340 -18.56 16.17 -30.36
CA GLN D 340 -19.48 15.67 -29.36
C GLN D 340 -19.03 16.00 -27.94
N TYR D 341 -19.94 16.63 -27.21
CA TYR D 341 -19.70 16.97 -25.83
C TYR D 341 -20.03 15.78 -24.98
N PRO D 342 -19.17 15.45 -24.00
CA PRO D 342 -19.31 14.22 -23.27
C PRO D 342 -20.49 14.29 -22.32
N ASN D 343 -20.99 13.12 -21.93
CA ASN D 343 -22.00 13.04 -20.89
C ASN D 343 -21.40 12.99 -19.49
N LYS D 344 -22.26 13.03 -18.48
CA LYS D 344 -21.86 13.10 -17.07
C LYS D 344 -20.77 12.10 -16.70
N GLU D 345 -21.00 10.84 -17.06
CA GLU D 345 -20.10 9.76 -16.72
C GLU D 345 -18.71 9.86 -17.38
N THR D 346 -18.69 10.01 -18.69
CA THR D 346 -17.39 10.21 -19.33
C THR D 346 -16.68 11.45 -18.74
N LEU D 347 -17.43 12.52 -18.52
CA LEU D 347 -16.87 13.74 -17.98
C LEU D 347 -16.22 13.50 -16.62
N ALA D 348 -16.91 12.75 -15.76
CA ALA D 348 -16.37 12.34 -14.46
C ALA D 348 -15.06 11.61 -14.63
N PHE D 349 -15.02 10.66 -15.59
CA PHE D 349 -13.81 9.92 -15.86
C PHE D 349 -12.67 10.79 -16.37
N TRP D 350 -12.98 11.75 -17.23
CA TRP D 350 -11.97 12.64 -17.76
C TRP D 350 -11.45 13.56 -16.66
N ARG D 351 -12.32 13.90 -15.73
CA ARG D 351 -11.88 14.74 -14.63
C ARG D 351 -10.93 13.99 -13.71
N THR D 352 -11.12 12.68 -13.60
CA THR D 352 -10.46 11.97 -12.51
C THR D 352 -9.42 10.96 -12.90
N ASN D 353 -9.50 10.34 -14.07
CA ASN D 353 -8.49 9.34 -14.44
C ASN D 353 -7.06 9.86 -14.33
N GLN D 354 -6.87 11.11 -14.75
CA GLN D 354 -5.58 11.75 -14.66
C GLN D 354 -5.08 11.84 -13.22
N ALA D 355 -5.99 12.00 -12.27
CA ALA D 355 -5.61 12.07 -10.88
C ALA D 355 -5.08 10.72 -10.44
N TYR D 356 -5.77 9.64 -10.84
CA TYR D 356 -5.29 8.32 -10.52
C TYR D 356 -3.96 8.06 -11.18
N ALA D 357 -3.79 8.41 -12.46
CA ALA D 357 -2.50 8.23 -13.12
C ALA D 357 -1.36 8.88 -12.29
N VAL D 358 -1.53 10.17 -12.00
CA VAL D 358 -0.61 10.96 -11.16
C VAL D 358 -0.32 10.26 -9.83
N LYS D 359 -1.33 9.70 -9.20
CA LYS D 359 -1.11 8.92 -8.00
C LYS D 359 -0.19 7.70 -8.21
N MET D 360 -0.44 6.91 -9.27
CA MET D 360 0.39 5.75 -9.58
C MET D 360 1.83 6.18 -9.90
N CYS D 361 1.96 7.26 -10.65
CA CYS D 361 3.27 7.70 -11.03
C CYS D 361 4.11 8.00 -9.82
N ILE D 362 3.47 8.52 -8.78
CA ILE D 362 4.18 8.99 -7.61
C ILE D 362 4.53 7.79 -6.77
N GLU D 363 3.64 6.82 -6.73
CA GLU D 363 3.97 5.53 -6.11
C GLU D 363 5.19 4.98 -6.77
N ALA D 364 5.23 5.08 -8.09
CA ALA D 364 6.29 4.47 -8.86
C ALA D 364 7.63 5.14 -8.61
N VAL D 365 7.63 6.44 -8.53
CA VAL D 365 8.80 7.20 -8.21
C VAL D 365 9.26 6.90 -6.77
N ASP D 366 8.31 6.89 -5.82
CA ASP D 366 8.66 6.58 -4.43
C ASP D 366 9.29 5.20 -4.28
N ARG D 367 8.71 4.19 -4.96
CA ARG D 367 9.28 2.85 -4.81
C ARG D 367 10.78 2.87 -5.20
N LEU D 368 11.13 3.73 -6.14
CA LEU D 368 12.47 3.75 -6.61
C LEU D 368 13.35 4.65 -5.74
N MET D 369 12.86 5.84 -5.39
CA MET D 369 13.64 6.68 -4.51
C MET D 369 13.91 6.00 -3.17
N ALA D 370 13.10 5.04 -2.78
CA ALA D 370 13.34 4.43 -1.50
C ALA D 370 14.45 3.39 -1.52
N ALA D 371 14.89 3.01 -2.71
CA ALA D 371 16.02 2.10 -2.83
C ALA D 371 17.23 2.86 -3.33
N ALA D 372 17.14 4.18 -3.34
CA ALA D 372 18.08 5.01 -4.03
C ALA D 372 19.31 5.32 -3.20
N GLY D 373 19.16 5.17 -1.89
CA GLY D 373 20.24 5.47 -0.96
C GLY D 373 20.56 6.95 -0.79
N ALA D 374 21.42 7.23 0.19
CA ALA D 374 21.71 8.55 0.62
C ALA D 374 22.27 9.43 -0.48
N THR D 375 23.05 8.86 -1.39
CA THR D 375 23.73 9.66 -2.43
C THR D 375 22.75 10.31 -3.37
N SER D 376 21.59 9.69 -3.52
CA SER D 376 20.52 10.21 -4.36
C SER D 376 19.84 11.46 -3.85
N PHE D 377 20.16 11.89 -2.63
CA PHE D 377 19.49 13.07 -2.04
C PHE D 377 20.38 14.28 -2.08
N MET D 378 21.58 14.08 -2.62
CA MET D 378 22.51 15.18 -2.89
C MET D 378 21.99 16.12 -3.97
N ASP D 379 22.41 17.38 -3.93
CA ASP D 379 22.07 18.37 -4.96
C ASP D 379 22.55 17.94 -6.33
N ASN D 380 23.73 17.36 -6.38
CA ASN D 380 24.30 16.92 -7.63
C ASN D 380 23.69 15.62 -8.23
N SER D 381 22.60 15.12 -7.69
CA SER D 381 21.97 13.91 -8.23
C SER D 381 20.65 14.28 -8.83
N GLU D 382 20.35 13.67 -9.97
CA GLU D 382 19.09 13.94 -10.66
C GLU D 382 17.84 13.38 -9.97
N LEU D 383 17.99 12.30 -9.20
CA LEU D 383 16.87 11.59 -8.66
C LEU D 383 16.10 12.47 -7.72
N GLN D 384 16.86 13.14 -6.87
CA GLN D 384 16.35 14.07 -5.88
C GLN D 384 15.41 15.14 -6.50
N ARG D 385 15.77 15.66 -7.66
CA ARG D 385 14.91 16.61 -8.35
C ARG D 385 13.66 15.95 -8.89
N LEU D 386 13.80 14.73 -9.38
CA LEU D 386 12.71 14.06 -10.04
C LEU D 386 11.73 13.67 -8.99
N PHE D 387 12.24 13.21 -7.86
CA PHE D 387 11.41 12.84 -6.75
C PHE D 387 10.63 14.06 -6.32
N ARG D 388 11.30 15.20 -6.11
CA ARG D 388 10.60 16.38 -5.61
C ARG D 388 9.53 16.80 -6.59
N ASP D 389 9.92 16.99 -7.85
CA ASP D 389 9.01 17.42 -8.89
C ASP D 389 7.81 16.49 -8.99
N ALA D 390 8.04 15.20 -8.91
CA ALA D 390 7.02 14.21 -9.08
C ALA D 390 5.96 14.44 -8.05
N HIS D 391 6.37 14.71 -6.80
CA HIS D 391 5.44 14.94 -5.71
C HIS D 391 4.69 16.25 -5.89
N MET D 392 5.34 17.23 -6.53
CA MET D 392 4.68 18.52 -6.71
C MET D 392 3.47 18.40 -7.64
N THR D 393 3.55 17.48 -8.59
CA THR D 393 2.47 17.27 -9.56
C THR D 393 1.21 16.69 -8.96
N GLY D 394 1.34 16.11 -7.78
CA GLY D 394 0.16 15.64 -7.09
C GLY D 394 -0.32 16.60 -6.04
N ALA D 395 0.24 17.82 -6.01
CA ALA D 395 -0.19 18.84 -5.00
C ALA D 395 -1.08 19.91 -5.65
N HIS D 396 -1.26 19.84 -6.95
CA HIS D 396 -2.12 20.77 -7.62
C HIS D 396 -3.56 20.51 -7.24
N ALA D 397 -4.41 21.52 -7.37
CA ALA D 397 -5.80 21.41 -6.95
C ALA D 397 -6.61 20.49 -7.86
N TYR D 398 -6.19 20.35 -9.08
CA TYR D 398 -6.90 19.54 -10.03
C TYR D 398 -6.45 18.06 -9.95
N THR D 399 -5.29 17.79 -9.32
CA THR D 399 -4.79 16.42 -9.22
C THR D 399 -4.99 15.81 -7.82
N ASP D 400 -5.55 16.57 -6.90
CA ASP D 400 -5.81 16.03 -5.57
C ASP D 400 -6.76 14.85 -5.70
N TYR D 401 -6.27 13.66 -5.36
CA TYR D 401 -7.08 12.46 -5.48
C TYR D 401 -8.21 12.28 -4.49
N ASP D 402 -8.07 12.81 -3.28
CA ASP D 402 -9.17 12.73 -2.34
C ASP D 402 -10.42 13.38 -2.93
N VAL D 403 -10.24 14.55 -3.56
CA VAL D 403 -11.33 15.29 -4.19
C VAL D 403 -11.86 14.47 -5.38
N CYS D 404 -10.93 13.91 -6.15
CA CYS D 404 -11.32 13.14 -7.31
C CYS D 404 -12.07 11.87 -7.02
N ALA D 405 -11.67 11.18 -5.97
CA ALA D 405 -12.37 9.97 -5.62
C ALA D 405 -13.77 10.33 -5.25
N GLN D 406 -13.99 11.47 -4.60
CA GLN D 406 -15.32 11.83 -4.21
C GLN D 406 -16.15 12.22 -5.41
N ILE D 407 -15.49 12.80 -6.43
CA ILE D 407 -16.22 13.30 -7.59
C ILE D 407 -16.72 12.08 -8.32
N LEU D 408 -15.79 11.20 -8.69
CA LEU D 408 -16.14 10.01 -9.44
C LEU D 408 -17.08 9.10 -8.70
N GLY D 409 -16.81 8.84 -7.42
CA GLY D 409 -17.71 8.11 -6.53
C GLY D 409 -19.16 8.59 -6.57
N ARG D 410 -19.39 9.89 -6.33
CA ARG D 410 -20.73 10.45 -6.38
C ARG D 410 -21.42 10.19 -7.72
N GLU D 411 -20.65 10.30 -8.80
CA GLU D 411 -21.19 10.10 -10.14
C GLU D 411 -21.61 8.67 -10.34
N LEU D 412 -20.74 7.74 -9.97
CA LEU D 412 -21.05 6.33 -10.12
C LEU D 412 -22.27 5.90 -9.37
N MET D 413 -22.55 6.52 -8.23
CA MET D 413 -23.72 6.15 -7.44
C MET D 413 -24.96 6.96 -7.87
N GLY D 414 -24.78 7.80 -8.88
CA GLY D 414 -25.85 8.64 -9.40
C GLY D 414 -26.27 9.72 -8.43
N MET D 415 -25.31 10.35 -7.76
CA MET D 415 -25.64 11.41 -6.83
C MET D 415 -25.43 12.77 -7.47
N GLU D 416 -26.16 13.78 -7.00
CA GLU D 416 -25.89 15.17 -7.37
C GLU D 416 -24.45 15.55 -7.01
N PRO D 417 -23.80 16.39 -7.84
CA PRO D 417 -22.39 16.76 -7.53
C PRO D 417 -22.30 17.63 -6.25
N ASP D 418 -21.15 17.56 -5.60
CA ASP D 418 -20.90 18.35 -4.39
C ASP D 418 -20.36 19.71 -4.82
N PRO D 419 -21.14 20.78 -4.60
CA PRO D 419 -20.66 22.09 -5.07
C PRO D 419 -19.41 22.56 -4.27
N THR D 420 -19.02 21.76 -3.28
CA THR D 420 -17.88 22.01 -2.38
C THR D 420 -16.54 21.79 -3.04
N MET D 421 -16.56 21.04 -4.14
CA MET D 421 -15.37 20.72 -4.90
C MET D 421 -15.78 20.72 -6.35
N VAL D 422 -14.80 20.67 -7.25
CA VAL D 422 -15.11 20.79 -8.67
C VAL D 422 -13.93 20.35 -9.49
N1 FMN E . 27.63 8.03 8.14
C2 FMN E . 28.59 8.22 9.14
O2 FMN E . 29.51 7.41 9.31
N3 FMN E . 28.53 9.33 9.97
C4 FMN E . 27.54 10.27 9.80
O4 FMN E . 27.67 11.33 10.38
C4A FMN E . 26.57 10.09 8.80
N5 FMN E . 25.55 11.02 8.61
C5A FMN E . 24.59 10.85 7.63
C6 FMN E . 23.59 11.79 7.49
C7 FMN E . 22.60 11.64 6.52
C7M FMN E . 21.34 12.41 6.77
C8 FMN E . 22.60 10.49 5.66
C8M FMN E . 21.23 9.85 5.39
C9 FMN E . 23.66 9.57 5.82
C9A FMN E . 24.64 9.72 6.81
N10 FMN E . 25.65 8.78 6.96
C10 FMN E . 26.61 8.96 7.97
C1' FMN E . 26.07 7.97 5.76
C2' FMN E . 25.70 6.50 5.94
O2' FMN E . 26.37 5.89 7.04
C3' FMN E . 26.07 5.69 4.71
O3' FMN E . 27.45 5.80 4.41
C4' FMN E . 25.24 6.18 3.54
O4' FMN E . 23.88 6.04 3.91
C5' FMN E . 25.42 5.29 2.36
O5' FMN E . 24.15 5.23 1.73
P FMN E . 24.37 5.19 0.15
O1P FMN E . 23.39 6.18 -0.49
O2P FMN E . 25.80 5.68 -0.10
O3P FMN E . 24.20 3.76 -0.35
N1 FMN F . -22.39 -9.49 17.71
C2 FMN F . -22.87 -9.79 18.96
O2 FMN F . -23.61 -8.98 19.51
N3 FMN F . -22.53 -11.01 19.57
C4 FMN F . -21.71 -11.91 18.92
O4 FMN F . -21.56 -13.04 19.40
C4A FMN F . -21.22 -11.61 17.65
N5 FMN F . -20.40 -12.49 16.97
C5A FMN F . -19.91 -12.18 15.71
C6 FMN F . -19.09 -13.09 15.04
C7 FMN F . -18.58 -12.78 13.77
C7M FMN F . -17.35 -13.56 13.35
C8 FMN F . -18.90 -11.54 13.15
C8M FMN F . -17.80 -10.83 12.39
C9 FMN F . -19.77 -10.65 13.82
C9A FMN F . -20.25 -10.97 15.11
N10 FMN F . -21.08 -10.07 15.78
C10 FMN F . -21.56 -10.39 17.05
C1' FMN F . -21.93 -9.15 14.94
C2' FMN F . -21.51 -7.69 15.12
O2' FMN F . -21.52 -7.26 16.49
C3' FMN F . -22.39 -6.78 14.27
O3' FMN F . -23.79 -6.88 14.56
C4' FMN F . -22.07 -7.09 12.81
O4' FMN F . -20.66 -7.12 12.59
C5' FMN F . -22.71 -6.03 11.94
O5' FMN F . -21.92 -5.94 10.76
P FMN F . -22.69 -5.76 9.33
O1P FMN F . -21.92 -6.61 8.31
O2P FMN F . -24.15 -6.23 9.55
O3P FMN F . -22.74 -4.27 8.93
N1 FMN G . -2.27 -26.15 -14.56
C2 FMN G . -2.48 -26.83 -15.73
O2 FMN G . -1.51 -27.26 -16.32
N3 FMN G . -3.75 -27.02 -16.21
C4 FMN G . -4.86 -26.52 -15.52
O4 FMN G . -5.99 -26.88 -15.86
C4A FMN G . -4.65 -25.81 -14.31
N5 FMN G . -5.72 -25.29 -13.58
C5A FMN G . -5.48 -24.60 -12.40
C6 FMN G . -6.55 -24.10 -11.68
C7 FMN G . -6.33 -23.39 -10.49
C7M FMN G . -7.47 -22.50 -10.06
C8 FMN G . -5.02 -23.16 -10.02
C8M FMN G . -4.68 -21.79 -9.46
C9 FMN G . -3.95 -23.72 -10.74
C9A FMN G . -4.17 -24.41 -11.94
N10 FMN G . -3.10 -24.93 -12.64
C10 FMN G . -3.34 -25.62 -13.83
C1' FMN G . -1.87 -25.36 -11.87
C2' FMN G . -0.66 -24.45 -12.26
O2' FMN G . -0.29 -24.53 -13.64
C3' FMN G . 0.55 -24.78 -11.43
O3' FMN G . 0.95 -26.12 -11.66
C4' FMN G . 0.26 -24.52 -9.95
O4' FMN G . -0.31 -23.24 -9.81
C5' FMN G . 1.58 -24.58 -9.21
O5' FMN G . 1.51 -23.60 -8.19
P FMN G . 2.05 -24.10 -6.78
O1P FMN G . 0.99 -23.67 -5.75
O2P FMN G . 2.11 -25.63 -6.78
O3P FMN G . 3.48 -23.56 -6.56
N1 FMN H . -2.87 27.61 -11.26
C2 FMN H . -3.13 28.41 -12.34
O2 FMN H . -4.26 28.86 -12.45
N3 FMN H . -2.15 28.69 -13.28
C4 FMN H . -0.90 28.14 -13.15
O4 FMN H . -0.02 28.56 -13.91
C4A FMN H . -0.60 27.29 -12.04
N5 FMN H . 0.65 26.71 -11.87
C5A FMN H . 0.89 25.90 -10.78
C6 FMN H . 2.13 25.32 -10.61
C7 FMN H . 2.39 24.46 -9.53
C7M FMN H . 3.59 23.56 -9.72
C8 FMN H . 1.36 24.16 -8.58
C8M FMN H . 1.20 22.74 -8.06
C9 FMN H . 0.12 24.79 -8.74
C9A FMN H . -0.12 25.62 -9.84
N10 FMN H . -1.37 26.20 -9.98
C10 FMN H . -1.61 27.02 -11.09
C1' FMN H . -2.17 26.46 -8.72
C2' FMN H . -3.46 25.64 -8.71
O2' FMN H . -4.30 25.96 -9.80
C3' FMN H . -4.28 25.84 -7.44
O3' FMN H . -4.73 27.19 -7.32
C4' FMN H . -3.46 25.40 -6.24
O4' FMN H . -3.05 24.10 -6.50
C5' FMN H . -4.33 25.37 -5.02
O5' FMN H . -3.84 24.34 -4.20
P FMN H . -3.83 24.64 -2.61
O1P FMN H . -2.51 24.15 -2.04
O2P FMN H . -3.89 26.15 -2.39
O3P FMN H . -5.05 24.02 -1.93
#